data_8EEE
#
_entry.id   8EEE
#
_cell.length_a   85.320
_cell.length_b   130.420
_cell.length_c   109.710
_cell.angle_alpha   90.000
_cell.angle_beta   104.170
_cell.angle_gamma   90.000
#
_symmetry.space_group_name_H-M   'P 1 21 1'
#
loop_
_entity.id
_entity.type
_entity.pdbx_description
1 polymer 'Envelope protein E'
2 polymer 'rhMZ104-D antibody light chain'
3 polymer 'rhMZ104-D antibody heavy chain'
4 non-polymer 'SULFATE ION'
#
loop_
_entity_poly.entity_id
_entity_poly.type
_entity_poly.pdbx_seq_one_letter_code
_entity_poly.pdbx_strand_id
1 'polypeptide(L)'
;IRCIGVSNRDFVEGMSGGTWVDVVLEHGGCVTVMAQDKPTVDIELVTTTVSNMAEVRSYCYEASISDMASDSRCPTQGEA
YLDKQSDTQYVCKRTLVDRGWGNGCGLFGKGSLVTCAKFACSKKMTGKSIQPENLEYRIMLSVHGSQHSGMIVNDTGHET
DENRAKVEITPNSPRAEATLGGFGSLGLDCEPRTGLDFSDLYYLTMNNKHWLVHKEWFHDIPLPWHAGADTGTPHWNNKE
ALVEFKDAHAKRQTVVVLGSQEGAVHTALAGALEAEMDGAKGRLSSGHLKCRLKMDKLRLKGVSYSLCTAAFTFTKIPAE
TLHGTVTVEVQYAGTDGPCKVPAQMAVDMQTLTPVGRLITANPVITESTENSKMMLELDPPFGDSYIVIGVGEKKITHHW
HRSGS
;
Z,E
2 'polypeptide(L)'
;QPVLTQPPSLSASPGASARLPCTLSSDLSVGSKNMYWYQQKPGSAPRLFLYYYSDSDKQLGPGVPNRVSGSKETSSNTAF
LLISGLQPEDEADYYCQVYDSSANWVFGGGTRLTVLGQPKAAPSVTLFPPSSEELQANKATLVCLISDFYPGAVEVAWKA
DGSAVNAGVETTKPSKQSNNKYAASSYLSLTSDQWKSHKSYSCQVTHEGSTVEKTVAPAE
;
L,B
3 'polypeptide(L)'
;EVQLVESGGGLAKPGGSLRLSCAASGFTFSDYYMDWVRQAPGKGLEWVSRISNGGGSTWYADSVKGRFTISRENAKNTLY
LQMNSLRAEDTAVYYCARERYCSGGVCYAGTKYFDYWGQGVLVTVSSASTKGPSVFPLAPSSRSTSESTAALGCLVKDYF
PEPVTVSWNSGSLTSGVHTFPAVLQSSGLYSLSSVVTVPSSSLGTQTYVCNVNHKPSNTKVDKRVEIK
;
H,A
#
loop_
_chem_comp.id
_chem_comp.type
_chem_comp.name
_chem_comp.formula
SO4 non-polymer 'SULFATE ION' 'O4 S -2'
#
# COMPACT_ATOMS: atom_id res chain seq x y z
N ILE A 1 -47.00 -12.45 19.71
CA ILE A 1 -47.34 -13.80 19.35
C ILE A 1 -46.35 -14.27 18.27
N ARG A 2 -45.10 -13.86 18.41
CA ARG A 2 -44.01 -14.42 17.61
C ARG A 2 -43.88 -15.89 17.97
N CYS A 3 -42.85 -16.55 17.44
CA CYS A 3 -42.52 -17.93 17.78
C CYS A 3 -43.47 -18.97 17.24
N ILE A 4 -44.38 -18.56 16.35
CA ILE A 4 -45.35 -19.51 15.80
C ILE A 4 -44.73 -20.34 14.67
N GLY A 5 -44.12 -19.67 13.71
CA GLY A 5 -43.45 -20.34 12.62
C GLY A 5 -41.99 -20.69 12.83
N VAL A 6 -41.46 -20.37 14.01
CA VAL A 6 -40.06 -20.65 14.31
C VAL A 6 -39.84 -22.15 14.36
N SER A 7 -38.81 -22.63 13.65
CA SER A 7 -38.57 -24.06 13.55
C SER A 7 -38.03 -24.62 14.87
N ASN A 8 -37.13 -23.90 15.53
CA ASN A 8 -36.51 -24.37 16.77
C ASN A 8 -37.22 -23.69 17.94
N ARG A 9 -38.36 -24.25 18.34
CA ARG A 9 -39.15 -23.65 19.41
C ARG A 9 -39.44 -24.73 20.44
N ASP A 10 -39.29 -24.34 21.71
CA ASP A 10 -39.41 -25.25 22.84
C ASP A 10 -40.69 -24.95 23.62
N PHE A 11 -41.43 -26.00 23.98
CA PHE A 11 -42.62 -25.87 24.79
C PHE A 11 -42.28 -26.34 26.21
N VAL A 12 -42.15 -25.37 27.12
CA VAL A 12 -41.81 -25.65 28.52
C VAL A 12 -43.08 -25.67 29.35
N GLU A 13 -43.29 -26.75 30.09
CA GLU A 13 -44.40 -26.85 31.03
C GLU A 13 -43.91 -26.42 32.41
N GLY A 14 -44.62 -25.47 33.02
CA GLY A 14 -44.25 -24.94 34.30
C GLY A 14 -44.73 -25.81 35.45
N MET A 15 -44.65 -25.26 36.66
CA MET A 15 -45.20 -25.90 37.85
C MET A 15 -46.40 -25.11 38.35
N SER A 16 -47.46 -25.85 38.70
CA SER A 16 -48.71 -25.26 39.17
C SER A 16 -48.53 -24.84 40.62
N GLY A 17 -48.56 -23.54 40.87
CA GLY A 17 -48.24 -23.04 42.20
C GLY A 17 -47.10 -22.04 42.12
N GLY A 18 -45.93 -22.44 42.63
CA GLY A 18 -44.79 -21.54 42.60
C GLY A 18 -44.48 -21.08 41.19
N THR A 19 -44.04 -19.82 41.08
CA THR A 19 -43.81 -19.18 39.78
C THR A 19 -42.46 -19.65 39.24
N TRP A 20 -42.44 -20.91 38.80
CA TRP A 20 -41.23 -21.58 38.36
C TRP A 20 -41.29 -21.87 36.86
N VAL A 21 -40.38 -21.26 36.11
CA VAL A 21 -40.12 -21.69 34.75
C VAL A 21 -38.67 -21.40 34.42
N ASP A 22 -37.88 -22.44 34.18
CA ASP A 22 -36.48 -22.32 33.81
C ASP A 22 -36.33 -22.58 32.31
N VAL A 23 -35.91 -21.55 31.56
CA VAL A 23 -35.81 -21.64 30.11
C VAL A 23 -34.36 -21.46 29.67
N VAL A 24 -34.07 -21.99 28.48
CA VAL A 24 -32.78 -21.83 27.82
C VAL A 24 -33.05 -21.09 26.51
N LEU A 25 -32.52 -19.87 26.40
CA LEU A 25 -32.77 -18.99 25.25
C LEU A 25 -31.59 -18.99 24.28
N GLU A 26 -31.87 -19.22 23.01
CA GLU A 26 -30.88 -19.17 21.95
C GLU A 26 -31.22 -18.08 20.93
N HIS A 27 -30.37 -17.96 19.92
CA HIS A 27 -30.66 -17.16 18.74
C HIS A 27 -31.35 -18.00 17.68
N GLY A 28 -32.40 -17.45 17.07
CA GLY A 28 -33.17 -18.20 16.12
C GLY A 28 -34.12 -19.19 16.74
N GLY A 29 -34.03 -19.41 18.05
CA GLY A 29 -34.95 -20.26 18.77
C GLY A 29 -35.65 -19.50 19.86
N CYS A 30 -36.81 -20.01 20.27
CA CYS A 30 -37.65 -19.35 21.27
C CYS A 30 -38.41 -20.39 22.06
N VAL A 31 -39.12 -19.93 23.09
CA VAL A 31 -39.86 -20.82 23.98
C VAL A 31 -41.29 -20.29 24.17
N THR A 32 -42.26 -21.20 24.22
CA THR A 32 -43.61 -20.88 24.64
C THR A 32 -43.75 -21.29 26.12
N VAL A 33 -43.92 -20.30 26.98
CA VAL A 33 -44.07 -20.53 28.41
C VAL A 33 -45.56 -20.61 28.73
N MET A 34 -45.97 -21.71 29.34
CA MET A 34 -47.36 -21.95 29.72
C MET A 34 -47.42 -22.15 31.23
N ALA A 35 -48.14 -21.28 31.91
CA ALA A 35 -48.37 -21.41 33.34
C ALA A 35 -49.81 -21.86 33.59
N GLN A 36 -50.13 -22.10 34.85
CA GLN A 36 -51.40 -22.73 35.20
C GLN A 36 -52.56 -21.74 35.07
N ASP A 37 -52.52 -20.65 35.82
CA ASP A 37 -53.57 -19.65 35.80
C ASP A 37 -53.11 -18.37 35.11
N LYS A 38 -52.16 -18.49 34.19
CA LYS A 38 -51.48 -17.34 33.63
C LYS A 38 -51.38 -17.47 32.12
N PRO A 39 -51.35 -16.35 31.40
CA PRO A 39 -51.33 -16.40 29.94
C PRO A 39 -50.04 -17.01 29.40
N THR A 40 -50.17 -17.69 28.28
CA THR A 40 -49.00 -18.27 27.60
C THR A 40 -48.17 -17.15 26.97
N VAL A 41 -46.85 -17.20 27.16
CA VAL A 41 -45.95 -16.13 26.75
C VAL A 41 -44.82 -16.70 25.93
N ASP A 42 -44.43 -15.98 24.88
CA ASP A 42 -43.27 -16.30 24.07
C ASP A 42 -42.08 -15.45 24.48
N ILE A 43 -40.92 -16.09 24.61
CA ILE A 43 -39.68 -15.42 25.01
C ILE A 43 -38.58 -15.83 24.03
N GLU A 44 -38.02 -14.85 23.33
CA GLU A 44 -36.97 -15.08 22.35
C GLU A 44 -35.83 -14.10 22.56
N LEU A 45 -34.62 -14.55 22.25
CA LEU A 45 -33.44 -13.69 22.31
C LEU A 45 -33.14 -13.23 20.89
N VAL A 46 -33.24 -11.92 20.65
CA VAL A 46 -33.20 -11.36 19.31
C VAL A 46 -31.87 -10.70 19.00
N THR A 47 -31.21 -10.13 20.00
CA THR A 47 -30.02 -9.33 19.76
C THR A 47 -28.97 -9.60 20.83
N THR A 48 -27.74 -9.89 20.38
CA THR A 48 -26.57 -9.95 21.23
C THR A 48 -25.57 -8.90 20.76
N THR A 49 -25.37 -7.86 21.55
CA THR A 49 -24.42 -6.81 21.22
C THR A 49 -23.25 -6.80 22.19
N VAL A 50 -22.08 -6.41 21.67
CA VAL A 50 -20.87 -6.25 22.46
C VAL A 50 -20.26 -4.89 22.13
N SER A 51 -20.04 -4.06 23.14
CA SER A 51 -19.59 -2.70 22.94
C SER A 51 -18.16 -2.51 23.44
N ASN A 52 -17.47 -1.53 22.84
CA ASN A 52 -16.13 -1.09 23.25
C ASN A 52 -15.18 -2.28 23.37
N MET A 53 -14.93 -2.92 22.24
CA MET A 53 -13.99 -4.03 22.16
C MET A 53 -12.57 -3.51 22.00
N ALA A 54 -11.64 -4.12 22.72
CA ALA A 54 -10.25 -3.66 22.74
C ALA A 54 -9.45 -4.37 21.66
N GLU A 55 -8.77 -3.58 20.82
CA GLU A 55 -7.96 -4.13 19.74
C GLU A 55 -6.79 -4.93 20.29
N VAL A 56 -6.45 -6.00 19.56
CA VAL A 56 -5.37 -6.90 19.94
C VAL A 56 -4.25 -6.92 18.91
N ARG A 57 -4.60 -7.13 17.65
CA ARG A 57 -3.61 -7.17 16.58
C ARG A 57 -4.30 -6.80 15.28
N SER A 58 -3.55 -6.14 14.40
CA SER A 58 -4.03 -5.75 13.08
C SER A 58 -3.11 -6.34 12.02
N TYR A 59 -3.68 -7.03 11.04
CA TYR A 59 -2.93 -7.58 9.92
C TYR A 59 -3.14 -6.73 8.68
N CYS A 60 -2.07 -6.58 7.90
CA CYS A 60 -2.11 -5.87 6.63
C CYS A 60 -2.30 -6.89 5.50
N TYR A 61 -3.34 -6.70 4.69
CA TYR A 61 -3.60 -7.60 3.57
C TYR A 61 -3.49 -6.91 2.22
N GLU A 62 -3.06 -5.65 2.18
CA GLU A 62 -2.79 -4.96 0.92
C GLU A 62 -1.77 -3.87 1.19
N ALA A 63 -0.61 -3.97 0.53
CA ALA A 63 0.51 -3.09 0.82
C ALA A 63 0.84 -2.23 -0.39
N SER A 64 1.74 -1.28 -0.17
CA SER A 64 2.19 -0.38 -1.21
C SER A 64 3.67 -0.13 -1.01
N ILE A 65 4.36 0.11 -2.11
CA ILE A 65 5.81 0.31 -2.10
C ILE A 65 6.11 1.72 -2.59
N SER A 66 7.17 2.29 -2.03
CA SER A 66 7.49 3.70 -2.19
C SER A 66 9.00 3.81 -2.37
N ASP A 67 9.53 5.01 -2.16
CA ASP A 67 10.87 5.39 -2.57
C ASP A 67 11.88 4.29 -2.32
N MET A 68 12.48 3.79 -3.41
CA MET A 68 13.31 2.60 -3.38
C MET A 68 14.64 2.90 -4.03
N ALA A 69 15.71 2.40 -3.40
CA ALA A 69 17.06 2.64 -3.85
C ALA A 69 17.85 1.37 -3.63
N SER A 70 19.04 1.34 -4.21
CA SER A 70 19.95 0.23 -4.02
C SER A 70 21.33 0.78 -3.72
N ASP A 71 22.21 -0.11 -3.28
CA ASP A 71 23.59 0.24 -3.06
C ASP A 71 24.44 -0.97 -3.40
N SER A 72 25.51 -0.74 -4.12
CA SER A 72 26.36 -1.81 -4.61
C SER A 72 27.80 -1.50 -4.24
N ARG A 73 28.57 -2.53 -3.95
CA ARG A 73 29.97 -2.35 -3.63
C ARG A 73 30.80 -3.32 -4.46
N CYS A 74 32.02 -2.90 -4.76
CA CYS A 74 32.91 -3.72 -5.57
C CYS A 74 33.43 -4.88 -4.73
N PRO A 75 34.04 -5.88 -5.38
CA PRO A 75 34.64 -6.97 -4.60
C PRO A 75 35.71 -6.46 -3.65
N THR A 76 35.76 -7.07 -2.46
CA THR A 76 36.66 -6.76 -1.34
C THR A 76 36.31 -5.47 -0.62
N GLN A 77 35.31 -4.73 -1.06
CA GLN A 77 34.93 -3.46 -0.43
C GLN A 77 33.85 -3.64 0.63
N GLY A 78 33.71 -4.83 1.18
CA GLY A 78 32.74 -5.04 2.25
C GLY A 78 31.31 -5.13 1.73
N GLU A 79 30.39 -5.15 2.69
CA GLU A 79 28.97 -5.34 2.40
C GLU A 79 28.30 -4.00 2.13
N ALA A 80 27.36 -4.00 1.19
CA ALA A 80 26.70 -2.77 0.77
C ALA A 80 25.90 -2.16 1.93
N TYR A 81 25.61 -0.86 1.80
CA TYR A 81 24.99 -0.12 2.88
C TYR A 81 24.08 0.97 2.34
N LEU A 82 22.87 1.03 2.91
CA LEU A 82 21.94 2.14 2.70
C LEU A 82 21.57 2.73 4.05
N ASP A 83 21.36 4.05 4.08
CA ASP A 83 20.97 4.69 5.33
C ASP A 83 19.62 4.18 5.82
N LYS A 84 18.74 3.78 4.91
CA LYS A 84 17.39 3.38 5.28
C LYS A 84 17.27 1.91 5.67
N GLN A 85 18.36 1.14 5.61
CA GLN A 85 18.32 -0.19 6.18
C GLN A 85 18.20 -0.15 7.70
N SER A 86 18.44 1.02 8.31
CA SER A 86 18.23 1.25 9.72
C SER A 86 16.83 1.77 10.04
N ASP A 87 15.95 1.79 9.04
CA ASP A 87 14.62 2.37 9.18
C ASP A 87 13.59 1.27 9.38
N THR A 88 12.70 1.48 10.35
CA THR A 88 11.67 0.49 10.65
C THR A 88 10.58 0.42 9.60
N GLN A 89 10.48 1.42 8.72
CA GLN A 89 9.50 1.41 7.65
C GLN A 89 10.02 0.82 6.35
N TYR A 90 11.24 0.29 6.34
CA TYR A 90 11.85 -0.20 5.11
C TYR A 90 12.10 -1.70 5.17
N VAL A 91 11.87 -2.37 4.04
CA VAL A 91 12.24 -3.76 3.85
C VAL A 91 13.45 -3.80 2.92
N CYS A 92 14.47 -4.56 3.30
CA CYS A 92 15.71 -4.59 2.55
C CYS A 92 16.18 -6.02 2.33
N LYS A 93 16.85 -6.24 1.21
CA LYS A 93 17.42 -7.54 0.88
C LYS A 93 18.82 -7.35 0.33
N ARG A 94 19.79 -8.05 0.91
CA ARG A 94 21.19 -7.98 0.51
C ARG A 94 21.56 -9.24 -0.27
N THR A 95 22.33 -9.07 -1.34
CA THR A 95 22.69 -10.20 -2.19
C THR A 95 24.06 -9.99 -2.79
N LEU A 96 24.56 -11.06 -3.42
CA LEU A 96 25.87 -11.08 -4.06
C LEU A 96 25.67 -11.18 -5.56
N VAL A 97 26.41 -10.36 -6.32
CA VAL A 97 26.26 -10.32 -7.76
C VAL A 97 27.61 -10.14 -8.43
N ASP A 98 27.71 -10.58 -9.68
CA ASP A 98 28.98 -10.57 -10.40
C ASP A 98 29.32 -9.15 -10.84
N ARG A 99 30.50 -8.68 -10.43
CA ARG A 99 31.00 -7.36 -10.80
C ARG A 99 32.23 -7.49 -11.67
N GLY A 100 32.48 -6.48 -12.49
CA GLY A 100 33.65 -6.48 -13.34
C GLY A 100 33.98 -5.10 -13.88
N TRP A 101 34.86 -5.08 -14.88
CA TRP A 101 35.20 -3.83 -15.55
C TRP A 101 34.04 -3.24 -16.33
N GLY A 102 33.06 -4.06 -16.72
CA GLY A 102 31.99 -3.55 -17.56
C GLY A 102 30.91 -2.81 -16.80
N ASN A 103 30.67 -3.19 -15.55
CA ASN A 103 29.73 -2.47 -14.70
C ASN A 103 30.40 -1.40 -13.86
N GLY A 104 31.72 -1.41 -13.72
CA GLY A 104 32.39 -0.35 -13.01
C GLY A 104 33.27 -0.68 -11.81
N CYS A 105 33.84 -1.88 -11.75
CA CYS A 105 34.77 -2.22 -10.68
C CYS A 105 36.16 -2.50 -11.23
N GLY A 106 37.15 -2.32 -10.38
CA GLY A 106 38.53 -2.58 -10.78
C GLY A 106 38.94 -4.02 -10.70
N LEU A 107 38.17 -4.86 -10.00
CA LEU A 107 38.41 -6.28 -9.91
C LEU A 107 37.24 -7.03 -10.54
N PHE A 108 37.45 -8.32 -10.77
CA PHE A 108 36.40 -9.21 -11.24
C PHE A 108 36.06 -10.18 -10.13
N GLY A 109 34.78 -10.30 -9.82
CA GLY A 109 34.37 -11.22 -8.78
C GLY A 109 32.96 -10.91 -8.28
N LYS A 110 32.74 -11.18 -7.00
CA LYS A 110 31.43 -11.02 -6.38
C LYS A 110 31.44 -9.77 -5.52
N GLY A 111 30.48 -8.88 -5.77
CA GLY A 111 30.31 -7.69 -4.97
C GLY A 111 28.99 -7.69 -4.21
N SER A 112 28.92 -6.92 -3.13
CA SER A 112 27.70 -6.87 -2.32
C SER A 112 26.68 -5.92 -2.92
N LEU A 113 25.40 -6.21 -2.67
CA LEU A 113 24.30 -5.42 -3.19
C LEU A 113 23.14 -5.45 -2.21
N VAL A 114 22.63 -4.28 -1.86
CA VAL A 114 21.47 -4.16 -0.97
C VAL A 114 20.43 -3.28 -1.66
N THR A 115 19.16 -3.57 -1.40
CA THR A 115 18.05 -2.83 -1.98
C THR A 115 16.96 -2.68 -0.93
N CYS A 116 16.45 -1.46 -0.77
CA CYS A 116 15.45 -1.15 0.23
C CYS A 116 14.24 -0.48 -0.42
N ALA A 117 13.07 -0.71 0.15
CA ALA A 117 11.87 -0.04 -0.29
C ALA A 117 11.00 0.31 0.92
N LYS A 118 10.27 1.41 0.81
CA LYS A 118 9.44 1.88 1.92
C LYS A 118 8.09 1.18 1.92
N PHE A 119 7.72 0.62 3.06
CA PHE A 119 6.50 -0.16 3.19
C PHE A 119 5.38 0.72 3.68
N ALA A 120 4.18 0.54 3.10
CA ALA A 120 2.99 1.25 3.51
C ALA A 120 1.80 0.34 3.34
N CYS A 121 0.90 0.36 4.32
CA CYS A 121 -0.28 -0.51 4.30
C CYS A 121 -1.48 0.27 3.75
N SER A 122 -2.09 -0.27 2.70
CA SER A 122 -3.26 0.37 2.10
C SER A 122 -4.53 -0.02 2.84
N LYS A 123 -4.74 -1.32 3.04
CA LYS A 123 -5.94 -1.84 3.70
C LYS A 123 -5.53 -2.86 4.75
N LYS A 124 -6.20 -2.83 5.90
CA LYS A 124 -5.83 -3.69 7.01
C LYS A 124 -7.07 -4.31 7.65
N MET A 125 -6.88 -5.46 8.28
CA MET A 125 -7.87 -6.11 9.12
C MET A 125 -7.47 -5.91 10.57
N THR A 126 -8.46 -5.93 11.47
CA THR A 126 -8.26 -5.66 12.89
C THR A 126 -8.97 -6.69 13.74
N GLY A 127 -8.26 -7.27 14.70
CA GLY A 127 -8.85 -8.19 15.66
C GLY A 127 -9.03 -7.56 17.03
N LYS A 128 -10.13 -7.90 17.69
CA LYS A 128 -10.50 -7.28 18.96
C LYS A 128 -10.93 -8.35 19.96
N SER A 129 -10.74 -8.03 21.24
CA SER A 129 -11.22 -8.84 22.35
C SER A 129 -12.62 -8.35 22.74
N ILE A 130 -13.42 -9.25 23.31
CA ILE A 130 -14.83 -8.98 23.56
C ILE A 130 -15.13 -8.74 25.02
N GLN A 131 -14.49 -9.50 25.94
CA GLN A 131 -14.66 -9.29 27.38
C GLN A 131 -16.12 -9.28 27.82
N PRO A 132 -16.67 -10.45 28.19
CA PRO A 132 -18.12 -10.61 28.38
C PRO A 132 -18.85 -9.54 29.20
N GLU A 133 -18.14 -8.75 29.99
CA GLU A 133 -18.83 -7.76 30.82
C GLU A 133 -19.34 -6.56 30.05
N ASN A 134 -19.00 -6.42 28.77
CA ASN A 134 -19.57 -5.36 27.95
C ASN A 134 -20.61 -5.88 26.97
N LEU A 135 -21.07 -7.12 27.13
CA LEU A 135 -22.17 -7.62 26.32
C LEU A 135 -23.48 -6.95 26.71
N GLU A 136 -24.46 -7.05 25.81
CA GLU A 136 -25.81 -6.59 26.08
C GLU A 136 -26.80 -7.51 25.39
N TYR A 137 -27.78 -7.99 26.14
CA TYR A 137 -28.80 -8.90 25.62
C TYR A 137 -30.13 -8.19 25.52
N ARG A 138 -30.83 -8.42 24.41
CA ARG A 138 -32.11 -7.77 24.14
C ARG A 138 -33.14 -8.87 23.91
N ILE A 139 -34.16 -8.93 24.78
CA ILE A 139 -35.14 -10.01 24.77
C ILE A 139 -36.50 -9.43 24.40
N MET A 140 -37.25 -10.16 23.57
CA MET A 140 -38.57 -9.74 23.13
C MET A 140 -39.62 -10.70 23.69
N LEU A 141 -40.72 -10.14 24.20
CA LEU A 141 -41.84 -10.89 24.73
C LEU A 141 -43.12 -10.54 23.97
N SER A 142 -44.10 -11.44 24.06
CA SER A 142 -45.44 -11.20 23.53
C SER A 142 -46.37 -12.29 24.04
N VAL A 143 -47.65 -11.95 24.16
CA VAL A 143 -48.66 -12.84 24.72
C VAL A 143 -49.61 -13.30 23.62
N HIS A 144 -50.50 -14.23 23.99
CA HIS A 144 -51.43 -14.85 23.05
C HIS A 144 -52.85 -14.33 23.28
N GLY A 145 -53.64 -14.34 22.20
CA GLY A 145 -55.01 -13.85 22.22
C GLY A 145 -55.26 -13.04 20.95
N SER A 146 -54.22 -12.93 20.13
CA SER A 146 -54.14 -12.00 19.01
C SER A 146 -54.75 -12.57 17.73
N GLN A 147 -54.42 -11.95 16.60
CA GLN A 147 -54.94 -12.29 15.29
C GLN A 147 -53.77 -12.45 14.30
N HIS A 148 -54.04 -13.10 13.17
CA HIS A 148 -52.94 -13.56 12.30
C HIS A 148 -52.11 -12.40 11.77
N SER A 149 -52.74 -11.34 11.26
CA SER A 149 -51.98 -10.22 10.72
C SER A 149 -51.14 -9.56 11.81
N GLY A 150 -51.59 -9.59 13.06
CA GLY A 150 -50.89 -8.93 14.13
C GLY A 150 -49.57 -9.57 14.50
N MET A 151 -49.25 -10.72 13.91
CA MET A 151 -47.90 -11.28 14.00
C MET A 151 -46.85 -10.17 13.87
N ILE A 152 -46.82 -9.53 12.70
CA ILE A 152 -46.12 -8.26 12.49
C ILE A 152 -46.42 -7.76 11.08
N ASN A 163 -49.95 -6.18 25.87
CA ASN A 163 -49.29 -5.77 24.63
C ASN A 163 -48.19 -6.73 24.21
N ARG A 164 -46.97 -6.20 24.17
CA ARG A 164 -45.76 -6.95 23.87
C ARG A 164 -44.59 -6.11 24.36
N ALA A 165 -43.64 -6.76 25.02
CA ALA A 165 -42.60 -6.06 25.77
C ALA A 165 -41.21 -6.42 25.25
N LYS A 166 -40.22 -5.69 25.76
CA LYS A 166 -38.81 -5.92 25.47
C LYS A 166 -38.00 -5.54 26.70
N VAL A 167 -36.91 -6.27 26.94
CA VAL A 167 -36.05 -6.03 28.08
C VAL A 167 -34.59 -6.05 27.64
N GLU A 168 -33.73 -5.50 28.50
CA GLU A 168 -32.28 -5.52 28.33
C GLU A 168 -31.65 -6.17 29.54
N ILE A 169 -30.64 -6.99 29.29
CA ILE A 169 -29.98 -7.79 30.32
C ILE A 169 -28.48 -7.70 30.13
N THR A 170 -27.76 -7.49 31.23
CA THR A 170 -26.31 -7.40 31.37
C THR A 170 -25.82 -8.54 32.25
N PRO A 171 -24.63 -9.07 32.01
CA PRO A 171 -24.09 -10.08 32.93
C PRO A 171 -24.12 -9.69 34.40
N ASN A 172 -23.87 -8.42 34.74
CA ASN A 172 -23.98 -7.94 36.12
C ASN A 172 -25.24 -7.11 36.36
N SER A 173 -26.26 -7.31 35.56
CA SER A 173 -27.55 -6.72 35.83
C SER A 173 -28.59 -7.65 35.23
N PRO A 174 -28.60 -8.92 35.64
CA PRO A 174 -29.34 -9.94 34.89
C PRO A 174 -30.83 -9.96 35.17
N ARG A 175 -31.30 -9.21 36.18
CA ARG A 175 -32.71 -9.20 36.53
C ARG A 175 -33.44 -8.11 35.75
N ALA A 176 -34.68 -8.40 35.38
CA ALA A 176 -35.45 -7.46 34.59
C ALA A 176 -36.94 -7.74 34.75
N GLU A 177 -37.73 -6.67 34.64
CA GLU A 177 -39.18 -6.74 34.70
C GLU A 177 -39.77 -5.86 33.61
N ALA A 178 -40.76 -6.39 32.91
CA ALA A 178 -41.44 -5.67 31.82
C ALA A 178 -42.94 -5.60 32.09
N THR A 179 -43.53 -4.44 31.81
CA THR A 179 -44.96 -4.22 32.02
C THR A 179 -45.72 -4.52 30.73
N LEU A 180 -46.67 -5.45 30.80
CA LEU A 180 -47.46 -5.89 29.65
C LEU A 180 -48.92 -5.50 29.88
N GLY A 181 -49.26 -4.27 29.53
CA GLY A 181 -50.63 -3.76 29.62
C GLY A 181 -51.41 -4.20 30.83
N GLY A 182 -52.62 -4.71 30.60
CA GLY A 182 -53.43 -5.27 31.67
C GLY A 182 -53.04 -6.66 32.13
N PHE A 183 -52.02 -7.26 31.52
CA PHE A 183 -51.53 -8.56 31.95
C PHE A 183 -50.60 -8.47 33.15
N GLY A 184 -50.07 -7.30 33.47
CA GLY A 184 -49.23 -7.15 34.64
C GLY A 184 -47.74 -7.01 34.36
N SER A 185 -46.95 -7.90 34.92
CA SER A 185 -45.50 -7.84 34.76
C SER A 185 -44.91 -9.25 34.90
N LEU A 186 -43.71 -9.42 34.36
CA LEU A 186 -42.99 -10.67 34.39
C LEU A 186 -41.52 -10.42 34.64
N GLY A 187 -40.91 -11.24 35.49
CA GLY A 187 -39.51 -11.09 35.81
C GLY A 187 -38.62 -12.13 35.14
N LEU A 188 -37.34 -11.77 35.02
CA LEU A 188 -36.33 -12.62 34.40
C LEU A 188 -35.04 -12.47 35.19
N ASP A 189 -34.46 -13.58 35.64
CA ASP A 189 -33.19 -13.57 36.36
C ASP A 189 -32.27 -14.55 35.64
N CYS A 190 -31.32 -14.02 34.86
CA CYS A 190 -30.65 -14.77 33.82
C CYS A 190 -29.17 -14.97 34.13
N GLU A 191 -28.53 -15.79 33.31
CA GLU A 191 -27.17 -16.28 33.51
C GLU A 191 -26.54 -16.55 32.15
N PRO A 192 -25.56 -15.76 31.72
CA PRO A 192 -24.86 -16.07 30.46
C PRO A 192 -23.82 -17.16 30.66
N ARG A 193 -23.40 -17.77 29.54
CA ARG A 193 -22.37 -18.80 29.64
C ARG A 193 -21.37 -18.87 28.50
N THR A 194 -21.67 -18.37 27.30
CA THR A 194 -20.93 -18.80 26.11
C THR A 194 -20.49 -17.62 25.24
N GLY A 195 -19.85 -16.62 25.84
CA GLY A 195 -19.48 -15.45 25.06
C GLY A 195 -18.22 -15.72 24.26
N LEU A 196 -17.13 -15.95 24.99
CA LEU A 196 -15.87 -16.43 24.43
C LEU A 196 -15.58 -17.87 24.84
N ASP A 197 -16.40 -18.42 25.74
CA ASP A 197 -16.49 -19.76 26.28
C ASP A 197 -15.40 -19.98 27.32
N PHE A 198 -14.24 -19.34 27.09
CA PHE A 198 -13.42 -18.57 28.00
C PHE A 198 -12.20 -18.15 27.20
N SER A 199 -11.76 -16.89 27.28
CA SER A 199 -10.43 -16.46 26.85
C SER A 199 -10.16 -16.56 25.34
N ASP A 200 -11.11 -17.03 24.54
CA ASP A 200 -10.90 -17.26 23.11
C ASP A 200 -11.87 -16.40 22.28
N LEU A 201 -11.93 -16.69 20.99
CA LEU A 201 -12.88 -16.04 20.05
C LEU A 201 -12.68 -14.51 19.96
N TYR A 202 -11.67 -14.14 19.18
CA TYR A 202 -11.52 -12.74 18.78
C TYR A 202 -12.62 -12.32 17.80
N TYR A 203 -12.83 -11.00 17.71
CA TYR A 203 -13.78 -10.38 16.79
C TYR A 203 -13.01 -9.64 15.71
N LEU A 204 -13.07 -10.15 14.47
CA LEU A 204 -12.25 -9.66 13.38
C LEU A 204 -13.05 -8.70 12.50
N THR A 205 -12.39 -7.66 12.00
CA THR A 205 -13.00 -6.74 11.05
C THR A 205 -12.13 -6.65 9.81
N MET A 206 -12.70 -7.06 8.67
CA MET A 206 -12.15 -6.95 7.32
C MET A 206 -12.87 -5.80 6.59
N ASN A 207 -12.75 -5.78 5.26
CA ASN A 207 -13.07 -4.64 4.40
C ASN A 207 -14.28 -3.85 4.90
N ASN A 208 -15.46 -4.46 4.96
CA ASN A 208 -16.52 -3.85 5.76
C ASN A 208 -17.42 -4.88 6.45
N LYS A 209 -16.98 -6.12 6.62
CA LYS A 209 -17.77 -7.15 7.29
C LYS A 209 -16.92 -7.78 8.38
N HIS A 210 -17.58 -8.52 9.28
CA HIS A 210 -16.97 -8.91 10.53
C HIS A 210 -17.27 -10.38 10.84
N TRP A 211 -16.28 -11.07 11.42
CA TRP A 211 -16.45 -12.46 11.84
C TRP A 211 -16.10 -12.61 13.31
N LEU A 212 -16.15 -13.86 13.77
CA LEU A 212 -15.65 -14.29 15.08
C LEU A 212 -14.69 -15.45 14.83
N VAL A 213 -13.40 -15.23 15.08
CA VAL A 213 -12.36 -16.15 14.68
C VAL A 213 -11.85 -16.90 15.90
N HIS A 214 -11.24 -18.06 15.66
CA HIS A 214 -10.57 -18.76 16.74
C HIS A 214 -9.36 -17.95 17.18
N LYS A 215 -9.10 -17.95 18.49
CA LYS A 215 -8.07 -17.06 19.02
C LYS A 215 -6.67 -17.46 18.53
N GLU A 216 -6.38 -18.75 18.53
CA GLU A 216 -5.06 -19.20 18.10
C GLU A 216 -4.88 -19.06 16.59
N TRP A 217 -5.93 -19.35 15.82
CA TRP A 217 -5.85 -19.18 14.37
C TRP A 217 -5.47 -17.75 14.00
N PHE A 218 -5.97 -16.77 14.76
CA PHE A 218 -5.67 -15.38 14.44
C PHE A 218 -4.22 -15.04 14.73
N HIS A 219 -3.64 -15.68 15.76
CA HIS A 219 -2.22 -15.48 16.09
C HIS A 219 -1.28 -16.02 15.02
N ASP A 220 -1.77 -16.75 14.01
CA ASP A 220 -0.91 -17.45 13.08
C ASP A 220 -1.07 -16.97 11.64
N ILE A 221 -1.84 -15.92 11.40
CA ILE A 221 -2.04 -15.43 10.03
C ILE A 221 -0.72 -14.94 9.46
N PRO A 222 -0.27 -15.44 8.30
CA PRO A 222 1.02 -15.02 7.72
C PRO A 222 0.91 -13.73 6.92
N LEU A 223 0.78 -12.61 7.63
CA LEU A 223 0.68 -11.30 7.03
C LEU A 223 1.46 -10.31 7.90
N PRO A 224 1.81 -9.14 7.35
CA PRO A 224 2.36 -8.07 8.19
C PRO A 224 1.36 -7.67 9.27
N TRP A 225 1.89 -7.26 10.42
CA TRP A 225 1.03 -7.03 11.57
C TRP A 225 1.69 -6.05 12.53
N HIS A 226 0.86 -5.29 13.24
CA HIS A 226 1.32 -4.48 14.36
C HIS A 226 0.39 -4.75 15.53
N ALA A 227 0.98 -4.99 16.71
CA ALA A 227 0.27 -5.55 17.85
C ALA A 227 -0.24 -4.49 18.83
N GLY A 228 -0.50 -3.28 18.33
CA GLY A 228 -1.08 -2.23 19.14
C GLY A 228 -2.51 -1.93 18.75
N ALA A 229 -3.02 -0.84 19.30
CA ALA A 229 -4.29 -0.29 18.83
C ALA A 229 -4.04 0.69 17.69
N ASP A 230 -3.30 1.74 17.95
CA ASP A 230 -2.73 2.61 16.93
C ASP A 230 -1.78 3.59 17.59
N THR A 231 -0.71 3.92 16.86
CA THR A 231 0.19 5.00 17.21
C THR A 231 0.38 5.85 15.96
N GLY A 232 0.92 7.05 16.14
CA GLY A 232 1.30 7.86 15.00
C GLY A 232 2.25 7.09 14.10
N THR A 233 1.82 6.80 12.86
CA THR A 233 2.60 6.01 11.91
C THR A 233 2.96 4.65 12.49
N PRO A 234 2.04 3.67 12.43
CA PRO A 234 2.30 2.34 13.02
C PRO A 234 3.57 1.71 12.46
N HIS A 235 3.99 0.63 13.13
CA HIS A 235 5.20 -0.12 12.77
C HIS A 235 4.80 -1.55 12.44
N TRP A 236 4.99 -1.94 11.19
CA TRP A 236 4.56 -3.26 10.73
C TRP A 236 5.65 -4.29 10.97
N ASN A 237 5.29 -5.38 11.62
CA ASN A 237 6.21 -6.49 11.84
C ASN A 237 6.06 -7.52 10.72
N ASN A 238 7.19 -8.13 10.36
CA ASN A 238 7.22 -9.18 9.34
C ASN A 238 6.60 -8.69 8.04
N LYS A 239 6.96 -7.47 7.63
CA LYS A 239 6.49 -6.98 6.33
C LYS A 239 7.13 -7.73 5.17
N GLU A 240 8.17 -8.52 5.43
CA GLU A 240 8.83 -9.32 4.40
C GLU A 240 7.88 -10.35 3.79
N ALA A 241 6.71 -10.56 4.38
CA ALA A 241 5.77 -11.56 3.89
C ALA A 241 4.99 -11.11 2.66
N LEU A 242 4.93 -9.81 2.39
CA LEU A 242 4.21 -9.29 1.23
C LEU A 242 5.10 -8.62 0.21
N VAL A 243 6.41 -8.57 0.43
CA VAL A 243 7.34 -7.94 -0.52
C VAL A 243 8.34 -8.98 -0.96
N GLU A 244 8.51 -9.10 -2.28
CA GLU A 244 9.46 -10.02 -2.87
C GLU A 244 10.51 -9.23 -3.65
N PHE A 245 11.77 -9.63 -3.52
CA PHE A 245 12.86 -9.08 -4.31
C PHE A 245 13.24 -10.12 -5.36
N LYS A 246 13.50 -9.67 -6.58
CA LYS A 246 13.89 -10.62 -7.62
C LYS A 246 14.77 -9.94 -8.65
N ASP A 247 15.49 -10.78 -9.40
CA ASP A 247 16.21 -10.40 -10.61
C ASP A 247 17.17 -9.22 -10.36
N ALA A 248 18.14 -9.45 -9.47
CA ALA A 248 19.18 -8.46 -9.23
C ALA A 248 20.19 -8.45 -10.38
N HIS A 249 20.46 -7.25 -10.93
CA HIS A 249 21.32 -7.20 -12.11
C HIS A 249 22.79 -6.98 -11.77
N ALA A 250 23.13 -5.76 -11.39
CA ALA A 250 24.41 -5.52 -10.74
C ALA A 250 24.26 -4.38 -9.73
N LYS A 251 23.31 -3.50 -10.01
CA LYS A 251 23.14 -2.27 -9.23
C LYS A 251 21.67 -1.94 -9.01
N ARG A 252 20.76 -2.83 -9.39
CA ARG A 252 19.34 -2.58 -9.23
C ARG A 252 18.66 -3.92 -9.00
N GLN A 253 17.87 -3.99 -7.94
CA GLN A 253 17.09 -5.17 -7.62
C GLN A 253 15.63 -4.76 -7.63
N THR A 254 14.82 -5.47 -8.42
CA THR A 254 13.42 -5.10 -8.57
C THR A 254 12.59 -5.60 -7.40
N VAL A 255 11.69 -4.75 -6.92
CA VAL A 255 10.86 -5.01 -5.76
C VAL A 255 9.44 -5.28 -6.22
N VAL A 256 8.82 -6.32 -5.65
CA VAL A 256 7.47 -6.74 -5.99
C VAL A 256 6.64 -6.80 -4.72
N VAL A 257 5.38 -6.38 -4.83
CA VAL A 257 4.41 -6.47 -3.74
C VAL A 257 3.35 -7.48 -4.16
N LEU A 258 2.95 -8.34 -3.22
CA LEU A 258 2.20 -9.55 -3.56
C LEU A 258 0.74 -9.32 -3.93
N GLY A 259 0.19 -8.11 -3.74
CA GLY A 259 -1.20 -7.88 -4.04
C GLY A 259 -2.12 -8.30 -2.91
N SER A 260 -3.40 -7.95 -3.07
CA SER A 260 -4.36 -8.10 -1.99
C SER A 260 -4.53 -9.56 -1.58
N GLN A 261 -4.44 -9.82 -0.27
CA GLN A 261 -4.64 -11.15 0.29
C GLN A 261 -6.05 -11.33 0.83
N GLU A 262 -6.97 -10.43 0.45
CA GLU A 262 -8.31 -10.45 0.99
C GLU A 262 -9.03 -11.75 0.65
N GLY A 263 -8.97 -12.16 -0.62
CA GLY A 263 -9.60 -13.41 -1.01
C GLY A 263 -8.95 -14.62 -0.37
N ALA A 264 -7.68 -14.50 0.03
CA ALA A 264 -7.00 -15.61 0.68
C ALA A 264 -7.59 -15.87 2.06
N VAL A 265 -7.90 -14.80 2.80
CA VAL A 265 -8.41 -15.01 4.14
C VAL A 265 -9.90 -15.37 4.09
N HIS A 266 -10.61 -14.93 3.05
CA HIS A 266 -11.99 -15.40 2.85
C HIS A 266 -12.03 -16.92 2.72
N THR A 267 -11.06 -17.49 2.00
CA THR A 267 -11.00 -18.94 1.87
C THR A 267 -10.67 -19.59 3.21
N ALA A 268 -9.77 -18.99 3.98
CA ALA A 268 -9.48 -19.48 5.32
C ALA A 268 -10.56 -19.11 6.33
N LEU A 269 -11.54 -18.30 5.94
CA LEU A 269 -12.69 -17.96 6.77
C LEU A 269 -13.95 -18.70 6.36
N ALA A 270 -13.84 -19.67 5.47
CA ALA A 270 -14.97 -20.54 5.17
C ALA A 270 -15.23 -21.43 6.38
N GLY A 271 -16.45 -21.40 6.89
CA GLY A 271 -16.78 -22.12 8.10
C GLY A 271 -16.51 -21.40 9.40
N ALA A 272 -16.37 -20.08 9.37
CA ALA A 272 -16.32 -19.27 10.58
C ALA A 272 -17.67 -18.57 10.82
N LEU A 273 -17.85 -18.10 12.04
CA LEU A 273 -19.11 -17.51 12.47
C LEU A 273 -19.11 -16.00 12.17
N GLU A 274 -20.06 -15.57 11.35
CA GLU A 274 -20.11 -14.17 10.95
C GLU A 274 -21.02 -13.37 11.88
N ALA A 275 -20.87 -12.05 11.82
CA ALA A 275 -21.63 -11.14 12.67
C ALA A 275 -21.59 -9.76 12.03
N GLU A 276 -22.76 -9.13 11.90
CA GLU A 276 -22.76 -7.78 11.34
C GLU A 276 -22.32 -6.77 12.39
N MET A 277 -22.20 -5.51 11.97
CA MET A 277 -21.86 -4.42 12.88
C MET A 277 -22.32 -3.11 12.25
N ASP A 278 -23.21 -2.39 12.94
CA ASP A 278 -23.59 -1.04 12.52
C ASP A 278 -24.26 -0.37 13.71
N GLY A 279 -23.63 0.68 14.25
CA GLY A 279 -22.29 1.07 13.87
C GLY A 279 -21.41 1.29 15.09
N ALA A 280 -20.26 0.61 15.13
CA ALA A 280 -19.30 0.55 16.22
C ALA A 280 -19.80 -0.30 17.39
N LYS A 281 -21.01 -0.82 17.32
CA LYS A 281 -21.50 -1.81 18.27
C LYS A 281 -21.62 -3.15 17.55
N GLY A 282 -21.08 -4.20 18.14
CA GLY A 282 -21.07 -5.50 17.49
C GLY A 282 -22.29 -6.38 17.69
N ARG A 283 -23.02 -6.62 16.60
CA ARG A 283 -24.13 -7.56 16.61
C ARG A 283 -23.59 -8.99 16.56
N LEU A 284 -24.28 -9.92 17.24
CA LEU A 284 -23.85 -11.32 17.25
C LEU A 284 -25.01 -12.26 16.96
N SER A 285 -24.68 -13.39 16.34
CA SER A 285 -25.64 -14.46 16.03
C SER A 285 -25.49 -15.67 16.93
N SER A 286 -24.85 -15.52 18.09
CA SER A 286 -24.72 -16.59 19.08
C SER A 286 -25.36 -16.18 20.39
N GLY A 287 -25.96 -17.15 21.08
CA GLY A 287 -26.80 -16.92 22.24
C GLY A 287 -26.40 -17.64 23.50
N HIS A 288 -27.27 -18.57 23.93
CA HIS A 288 -27.06 -19.48 25.06
C HIS A 288 -26.87 -18.70 26.37
N LEU A 289 -27.95 -18.06 26.81
CA LEU A 289 -28.11 -17.58 28.17
C LEU A 289 -29.34 -18.23 28.80
N LYS A 290 -29.16 -18.77 30.00
CA LYS A 290 -30.25 -19.42 30.73
C LYS A 290 -30.95 -18.43 31.64
N CYS A 291 -32.25 -18.64 31.84
CA CYS A 291 -33.09 -17.67 32.54
C CYS A 291 -34.11 -18.37 33.43
N ARG A 292 -34.21 -17.92 34.68
CA ARG A 292 -35.28 -18.30 35.60
C ARG A 292 -36.33 -17.21 35.60
N LEU A 293 -37.51 -17.51 35.07
CA LEU A 293 -38.59 -16.54 34.97
C LEU A 293 -39.59 -16.73 36.11
N LYS A 294 -39.91 -15.65 36.80
CA LYS A 294 -40.92 -15.63 37.85
C LYS A 294 -42.09 -14.78 37.36
N MET A 295 -43.28 -15.39 37.28
CA MET A 295 -44.43 -14.70 36.71
C MET A 295 -45.62 -14.71 37.67
N ASP A 296 -45.36 -14.65 38.97
CA ASP A 296 -46.45 -14.65 39.96
C ASP A 296 -47.30 -13.38 39.87
N LYS A 297 -46.73 -12.27 39.41
CA LYS A 297 -47.48 -11.03 39.26
C LYS A 297 -48.10 -10.89 37.87
N LEU A 298 -48.42 -12.01 37.23
CA LEU A 298 -48.99 -12.05 35.88
C LEU A 298 -50.43 -12.56 35.95
N ARG A 299 -51.38 -11.63 36.15
CA ARG A 299 -52.80 -11.96 36.09
C ARG A 299 -53.23 -12.18 34.63
N LEU A 300 -54.33 -12.93 34.44
CA LEU A 300 -54.57 -13.49 33.11
C LEU A 300 -54.84 -12.46 32.01
N LYS A 301 -56.10 -12.11 31.72
CA LYS A 301 -56.46 -10.79 31.19
C LYS A 301 -57.86 -10.36 31.59
N GLY A 302 -58.81 -11.25 31.32
CA GLY A 302 -60.17 -11.12 31.78
C GLY A 302 -60.78 -12.49 31.90
N VAL A 303 -61.20 -12.86 33.10
CA VAL A 303 -61.99 -14.06 33.29
C VAL A 303 -63.46 -13.72 33.53
N SER A 304 -63.77 -12.46 33.78
CA SER A 304 -65.14 -11.97 33.95
C SER A 304 -65.88 -11.75 32.64
N TYR A 305 -65.34 -12.23 31.52
CA TYR A 305 -66.09 -12.19 30.28
C TYR A 305 -67.13 -13.31 30.23
N SER A 306 -68.09 -13.14 29.35
CA SER A 306 -69.07 -14.18 29.07
C SER A 306 -68.67 -14.93 27.81
N LEU A 307 -69.33 -16.06 27.57
CA LEU A 307 -69.07 -16.82 26.36
C LEU A 307 -69.71 -16.14 25.16
N CYS A 308 -69.03 -16.19 24.02
CA CYS A 308 -69.58 -15.58 22.82
C CYS A 308 -70.80 -16.37 22.35
N THR A 309 -71.91 -15.67 22.17
CA THR A 309 -73.15 -16.33 21.78
C THR A 309 -73.30 -16.47 20.27
N ALA A 310 -72.77 -15.52 19.51
CA ALA A 310 -72.96 -15.56 18.07
C ALA A 310 -72.12 -16.66 17.44
N ALA A 311 -72.16 -16.74 16.12
CA ALA A 311 -71.53 -17.81 15.37
C ALA A 311 -70.17 -17.39 14.85
N PHE A 312 -69.35 -18.39 14.53
CA PHE A 312 -68.01 -18.22 14.01
C PHE A 312 -67.93 -18.76 12.59
N THR A 313 -66.81 -18.47 11.93
CA THR A 313 -66.54 -18.98 10.59
C THR A 313 -65.04 -19.06 10.40
N PHE A 314 -64.58 -20.16 9.80
CA PHE A 314 -63.16 -20.30 9.49
C PHE A 314 -62.79 -19.32 8.37
N THR A 315 -61.81 -18.46 8.64
CA THR A 315 -61.30 -17.55 7.62
C THR A 315 -60.12 -18.14 6.87
N LYS A 316 -59.33 -18.97 7.53
CA LYS A 316 -58.23 -19.68 6.92
C LYS A 316 -58.36 -21.16 7.27
N ILE A 317 -57.86 -22.01 6.38
CA ILE A 317 -57.78 -23.43 6.74
C ILE A 317 -56.88 -23.58 7.95
N PRO A 318 -57.32 -24.24 9.02
CA PRO A 318 -56.43 -24.44 10.16
C PRO A 318 -55.17 -25.18 9.72
N ALA A 319 -54.02 -24.63 10.11
CA ALA A 319 -52.74 -25.08 9.59
C ALA A 319 -51.91 -25.74 10.69
N GLU A 320 -51.23 -26.82 10.31
CA GLU A 320 -50.35 -27.53 11.23
C GLU A 320 -48.98 -26.87 11.24
N THR A 321 -48.45 -26.65 12.44
CA THR A 321 -47.13 -26.05 12.55
C THR A 321 -46.07 -27.15 12.44
N LEU A 322 -44.80 -26.77 12.61
CA LEU A 322 -43.73 -27.74 12.49
C LEU A 322 -43.76 -28.77 13.62
N HIS A 323 -44.42 -28.45 14.73
CA HIS A 323 -44.40 -29.29 15.93
C HIS A 323 -45.74 -29.95 16.21
N GLY A 324 -46.57 -30.13 15.18
CA GLY A 324 -47.84 -30.82 15.32
C GLY A 324 -48.97 -29.98 15.87
N THR A 325 -48.68 -28.83 16.46
CA THR A 325 -49.73 -27.95 16.94
C THR A 325 -50.53 -27.38 15.77
N VAL A 326 -51.81 -27.12 16.03
CA VAL A 326 -52.73 -26.59 15.04
C VAL A 326 -52.98 -25.13 15.36
N THR A 327 -52.96 -24.29 14.33
CA THR A 327 -53.28 -22.88 14.46
C THR A 327 -54.57 -22.60 13.70
N VAL A 328 -55.48 -21.85 14.33
CA VAL A 328 -56.81 -21.60 13.78
C VAL A 328 -57.12 -20.11 13.89
N GLU A 329 -57.69 -19.55 12.83
CA GLU A 329 -58.23 -18.19 12.86
C GLU A 329 -59.69 -18.21 12.44
N VAL A 330 -60.53 -17.56 13.23
CA VAL A 330 -61.97 -17.48 12.98
C VAL A 330 -62.39 -16.02 12.99
N GLN A 331 -63.56 -15.77 12.39
CA GLN A 331 -64.17 -14.45 12.35
C GLN A 331 -65.49 -14.51 13.10
N TYR A 332 -65.77 -13.46 13.88
CA TYR A 332 -66.92 -13.44 14.77
C TYR A 332 -67.86 -12.32 14.37
N ALA A 333 -69.08 -12.68 13.98
CA ALA A 333 -70.09 -11.73 13.53
C ALA A 333 -71.04 -11.44 14.69
N GLY A 334 -70.90 -10.27 15.31
CA GLY A 334 -71.77 -9.90 16.40
C GLY A 334 -71.20 -8.89 17.37
N THR A 335 -72.06 -8.01 17.89
CA THR A 335 -71.66 -6.99 18.85
C THR A 335 -71.60 -7.56 20.28
N ASP A 336 -71.59 -8.89 20.41
CA ASP A 336 -71.54 -9.53 21.72
C ASP A 336 -70.25 -9.20 22.47
N GLY A 337 -69.14 -8.99 21.75
CA GLY A 337 -67.84 -8.82 22.35
C GLY A 337 -67.74 -7.67 23.34
N PRO A 338 -66.73 -7.73 24.24
CA PRO A 338 -65.73 -8.80 24.33
C PRO A 338 -66.25 -10.06 25.02
N CYS A 339 -65.83 -11.23 24.58
CA CYS A 339 -66.37 -12.47 25.14
C CYS A 339 -65.39 -13.61 24.92
N LYS A 340 -65.53 -14.64 25.76
CA LYS A 340 -64.70 -15.83 25.64
C LYS A 340 -65.10 -16.66 24.41
N VAL A 341 -64.09 -17.21 23.74
CA VAL A 341 -64.32 -18.11 22.61
C VAL A 341 -64.43 -19.55 23.11
N PRO A 342 -65.49 -20.27 22.75
CA PRO A 342 -65.56 -21.70 23.06
C PRO A 342 -64.68 -22.49 22.12
N ALA A 343 -63.69 -23.20 22.66
CA ALA A 343 -62.72 -23.93 21.86
C ALA A 343 -62.35 -25.20 22.59
N GLN A 344 -62.31 -26.31 21.86
CA GLN A 344 -62.07 -27.64 22.45
C GLN A 344 -61.74 -28.61 21.32
N MET A 345 -61.81 -29.91 21.64
CA MET A 345 -61.27 -31.00 20.82
C MET A 345 -62.19 -32.21 20.70
N ALA A 346 -61.58 -33.38 20.64
CA ALA A 346 -61.82 -34.58 19.82
C ALA A 346 -63.02 -35.45 20.16
N VAL A 347 -62.80 -36.76 20.05
CA VAL A 347 -63.59 -37.87 19.46
C VAL A 347 -65.11 -38.00 19.77
N ASP A 348 -65.79 -36.87 19.98
CA ASP A 348 -67.24 -36.78 20.16
C ASP A 348 -68.04 -37.42 19.01
N MET A 349 -69.25 -36.93 18.72
CA MET A 349 -70.52 -37.57 18.96
C MET A 349 -70.80 -37.16 20.39
N GLN A 350 -70.94 -35.83 20.47
CA GLN A 350 -71.31 -35.04 21.62
C GLN A 350 -72.25 -35.83 22.53
N THR A 351 -71.97 -35.81 23.83
CA THR A 351 -71.31 -34.67 24.44
C THR A 351 -70.37 -34.97 25.60
N LEU A 352 -69.27 -34.23 25.72
CA LEU A 352 -68.45 -33.65 24.63
C LEU A 352 -67.15 -33.51 25.39
N THR A 353 -66.36 -34.54 25.43
CA THR A 353 -65.30 -34.42 26.41
C THR A 353 -64.08 -33.76 25.81
N PRO A 354 -63.51 -32.75 26.47
CA PRO A 354 -62.27 -32.15 25.98
C PRO A 354 -61.18 -33.21 25.99
N VAL A 355 -60.37 -33.23 24.94
CA VAL A 355 -59.43 -34.32 24.68
C VAL A 355 -57.99 -33.84 24.68
N GLY A 356 -57.70 -32.80 23.92
CA GLY A 356 -56.37 -32.23 23.88
C GLY A 356 -56.21 -31.13 24.91
N ARG A 357 -55.28 -30.24 24.64
CA ARG A 357 -55.11 -29.05 25.46
C ARG A 357 -54.79 -27.88 24.55
N LEU A 358 -55.19 -26.69 24.97
CA LEU A 358 -54.92 -25.51 24.19
C LEU A 358 -53.53 -24.98 24.48
N ILE A 359 -52.95 -24.33 23.48
CA ILE A 359 -51.72 -23.56 23.71
C ILE A 359 -52.07 -22.15 24.17
N THR A 360 -53.09 -21.55 23.57
CA THR A 360 -53.59 -20.26 24.03
C THR A 360 -54.38 -20.45 25.32
N ALA A 361 -54.01 -19.67 26.34
CA ALA A 361 -54.75 -19.65 27.59
C ALA A 361 -55.86 -18.59 27.45
N ASN A 362 -57.10 -19.03 27.64
CA ASN A 362 -58.26 -18.14 27.58
C ASN A 362 -58.37 -17.40 26.26
N PRO A 363 -58.73 -18.10 25.17
CA PRO A 363 -58.99 -17.40 23.91
C PRO A 363 -60.16 -16.43 24.07
N VAL A 364 -60.00 -15.23 23.53
CA VAL A 364 -60.99 -14.18 23.71
C VAL A 364 -61.23 -13.45 22.40
N ILE A 365 -62.44 -12.88 22.27
CA ILE A 365 -62.74 -11.90 21.25
C ILE A 365 -62.56 -10.51 21.86
N THR A 366 -61.79 -9.66 21.20
CA THR A 366 -61.42 -8.38 21.77
C THR A 366 -62.35 -7.25 21.36
N GLU A 367 -62.88 -7.29 20.15
CA GLU A 367 -63.68 -6.18 19.64
C GLU A 367 -65.15 -6.40 19.98
N SER A 368 -65.89 -5.29 20.07
CA SER A 368 -67.33 -5.38 20.30
C SER A 368 -68.05 -5.64 18.98
N THR A 369 -67.99 -4.67 18.07
CA THR A 369 -68.67 -4.72 16.78
C THR A 369 -67.66 -4.67 15.64
N GLU A 370 -67.93 -5.39 14.54
CA GLU A 370 -69.00 -6.38 14.45
C GLU A 370 -68.48 -7.67 13.84
N ASN A 371 -67.45 -7.54 12.99
CA ASN A 371 -66.84 -8.68 12.28
C ASN A 371 -65.33 -8.67 12.55
N SER A 372 -64.96 -9.02 13.78
CA SER A 372 -63.57 -9.02 14.20
C SER A 372 -62.90 -10.36 13.91
N LYS A 373 -61.58 -10.35 13.86
CA LYS A 373 -60.79 -11.55 13.63
C LYS A 373 -59.99 -11.89 14.89
N MET A 374 -59.62 -13.17 15.00
CA MET A 374 -58.96 -13.69 16.19
C MET A 374 -58.35 -15.04 15.87
N MET A 375 -57.17 -15.30 16.43
CA MET A 375 -56.43 -16.54 16.19
C MET A 375 -56.13 -17.24 17.51
N LEU A 376 -56.07 -18.58 17.45
CA LEU A 376 -55.69 -19.38 18.60
C LEU A 376 -54.89 -20.58 18.10
N GLU A 377 -54.22 -21.26 19.03
CA GLU A 377 -53.36 -22.39 18.71
C GLU A 377 -53.70 -23.56 19.63
N LEU A 378 -53.84 -24.75 19.06
CA LEU A 378 -54.18 -25.96 19.79
C LEU A 378 -53.03 -26.96 19.77
N ASP A 379 -53.09 -27.91 20.72
CA ASP A 379 -52.17 -29.04 20.81
C ASP A 379 -53.03 -30.29 20.72
N PRO A 380 -53.25 -30.83 19.52
CA PRO A 380 -54.27 -31.88 19.35
C PRO A 380 -53.76 -33.24 19.80
N PRO A 381 -54.67 -34.14 20.16
CA PRO A 381 -54.28 -35.53 20.44
C PRO A 381 -54.04 -36.31 19.15
N PHE A 382 -53.31 -37.41 19.30
CA PHE A 382 -52.98 -38.24 18.16
C PHE A 382 -54.22 -38.93 17.59
N GLY A 383 -54.11 -39.34 16.33
CA GLY A 383 -55.25 -39.94 15.66
C GLY A 383 -56.19 -38.88 15.11
N ASP A 384 -57.46 -39.23 15.00
CA ASP A 384 -58.46 -38.31 14.50
C ASP A 384 -59.03 -37.49 15.66
N SER A 385 -59.40 -36.26 15.34
CA SER A 385 -59.91 -35.32 16.33
C SER A 385 -60.74 -34.29 15.59
N TYR A 386 -61.50 -33.50 16.35
CA TYR A 386 -62.45 -32.57 15.76
C TYR A 386 -62.31 -31.22 16.45
N ILE A 387 -61.80 -30.23 15.73
CA ILE A 387 -61.76 -28.86 16.24
C ILE A 387 -63.18 -28.31 16.22
N VAL A 388 -63.69 -27.95 17.40
CA VAL A 388 -65.04 -27.39 17.53
C VAL A 388 -64.91 -26.03 18.17
N ILE A 389 -65.47 -25.01 17.51
CA ILE A 389 -65.46 -23.63 17.97
C ILE A 389 -66.88 -23.10 17.90
N GLY A 390 -67.35 -22.54 19.01
CA GLY A 390 -68.71 -22.05 19.11
C GLY A 390 -69.52 -22.83 20.12
N VAL A 391 -70.74 -22.33 20.35
CA VAL A 391 -71.60 -22.81 21.41
C VAL A 391 -72.82 -23.49 20.79
N GLY A 392 -73.18 -24.66 21.31
CA GLY A 392 -74.42 -25.29 20.96
C GLY A 392 -74.62 -25.54 19.48
N GLU A 393 -75.60 -24.85 18.92
CA GLU A 393 -75.97 -24.96 17.52
C GLU A 393 -75.35 -23.81 16.73
N LYS A 394 -75.29 -23.98 15.41
CA LYS A 394 -74.60 -23.05 14.52
C LYS A 394 -73.12 -22.88 14.88
N LYS A 395 -72.51 -23.89 15.50
CA LYS A 395 -71.07 -23.93 15.71
C LYS A 395 -70.37 -24.50 14.50
N ILE A 396 -69.06 -24.26 14.42
CA ILE A 396 -68.24 -24.70 13.30
C ILE A 396 -67.26 -25.76 13.77
N THR A 397 -67.10 -26.79 12.95
CA THR A 397 -66.27 -27.94 13.26
C THR A 397 -65.34 -28.24 12.10
N HIS A 398 -64.14 -28.68 12.42
CA HIS A 398 -63.16 -29.06 11.41
C HIS A 398 -62.41 -30.30 11.87
N HIS A 399 -62.34 -31.29 11.00
CA HIS A 399 -61.64 -32.53 11.30
C HIS A 399 -60.13 -32.32 11.33
N TRP A 400 -59.45 -33.10 12.16
CA TRP A 400 -58.01 -33.05 12.26
C TRP A 400 -57.45 -34.45 12.50
N HIS A 401 -56.26 -34.68 11.95
CA HIS A 401 -55.57 -35.97 12.09
C HIS A 401 -54.13 -35.70 12.47
N ARG A 402 -53.68 -36.28 13.58
CA ARG A 402 -52.35 -36.06 14.12
C ARG A 402 -51.50 -37.29 13.87
N SER A 403 -50.36 -37.10 13.22
CA SER A 403 -49.39 -38.16 12.95
C SER A 403 -50.04 -39.36 12.27
N ILE B 1 33.58 -6.62 -27.63
CA ILE B 1 34.38 -6.78 -26.42
C ILE B 1 33.43 -6.89 -25.22
N ARG B 2 32.27 -7.47 -25.44
CA ARG B 2 31.45 -7.96 -24.33
C ARG B 2 32.18 -9.15 -23.74
N CYS B 3 31.54 -9.84 -22.81
CA CYS B 3 31.95 -11.17 -22.43
C CYS B 3 33.21 -11.17 -21.57
N ILE B 4 33.70 -10.00 -21.17
CA ILE B 4 34.92 -9.91 -20.38
C ILE B 4 34.63 -10.24 -18.93
N GLY B 5 33.64 -9.57 -18.33
CA GLY B 5 33.29 -9.86 -16.97
C GLY B 5 32.25 -10.93 -16.79
N VAL B 6 31.78 -11.51 -17.90
CA VAL B 6 30.76 -12.54 -17.84
C VAL B 6 31.35 -13.79 -17.21
N SER B 7 30.66 -14.35 -16.21
CA SER B 7 31.18 -15.50 -15.48
C SER B 7 31.10 -16.77 -16.31
N ASN B 8 30.02 -16.92 -17.09
CA ASN B 8 29.75 -18.15 -17.86
C ASN B 8 30.26 -17.91 -19.28
N ARG B 9 31.57 -18.15 -19.47
CA ARG B 9 32.24 -17.82 -20.72
C ARG B 9 33.00 -19.01 -21.26
N ASP B 10 32.85 -19.27 -22.56
CA ASP B 10 33.55 -20.33 -23.26
C ASP B 10 34.54 -19.73 -24.24
N PHE B 11 35.75 -20.27 -24.27
CA PHE B 11 36.77 -19.87 -25.22
C PHE B 11 36.86 -20.98 -26.27
N VAL B 12 36.33 -20.72 -27.46
CA VAL B 12 36.34 -21.71 -28.53
C VAL B 12 37.52 -21.40 -29.44
N GLU B 13 38.41 -22.38 -29.60
CA GLU B 13 39.53 -22.27 -30.52
C GLU B 13 39.16 -22.94 -31.83
N GLY B 14 39.33 -22.20 -32.93
CA GLY B 14 39.00 -22.73 -34.24
C GLY B 14 40.15 -23.56 -34.79
N MET B 15 39.99 -23.93 -36.06
CA MET B 15 41.03 -24.61 -36.81
C MET B 15 41.52 -23.70 -37.93
N SER B 16 42.82 -23.76 -38.23
CA SER B 16 43.40 -22.89 -39.24
C SER B 16 42.94 -23.35 -40.61
N GLY B 17 42.11 -22.54 -41.26
CA GLY B 17 41.52 -22.94 -42.52
C GLY B 17 40.00 -22.89 -42.58
N GLY B 18 39.37 -24.06 -42.70
CA GLY B 18 37.93 -24.09 -42.86
C GLY B 18 37.21 -23.39 -41.72
N THR B 19 36.19 -22.61 -42.07
CA THR B 19 35.48 -21.77 -41.11
C THR B 19 34.34 -22.54 -40.44
N TRP B 20 34.73 -23.53 -39.64
CA TRP B 20 33.79 -24.33 -38.88
C TRP B 20 34.04 -24.12 -37.40
N VAL B 21 33.04 -23.57 -36.71
CA VAL B 21 33.06 -23.47 -35.25
C VAL B 21 31.62 -23.64 -34.76
N ASP B 22 31.41 -24.67 -33.94
CA ASP B 22 30.09 -24.94 -33.36
C ASP B 22 30.08 -24.39 -31.95
N VAL B 23 29.25 -23.39 -31.71
CA VAL B 23 29.16 -22.72 -30.42
C VAL B 23 27.76 -22.95 -29.87
N VAL B 24 27.66 -22.87 -28.55
CA VAL B 24 26.40 -22.97 -27.85
C VAL B 24 26.14 -21.65 -27.15
N LEU B 25 25.11 -20.94 -27.58
CA LEU B 25 24.77 -19.64 -27.03
C LEU B 25 23.65 -19.81 -26.02
N GLU B 26 23.86 -19.31 -24.82
CA GLU B 26 22.89 -19.38 -23.74
C GLU B 26 22.49 -17.98 -23.31
N HIS B 27 21.57 -17.91 -22.35
CA HIS B 27 21.28 -16.68 -21.63
C HIS B 27 22.20 -16.61 -20.42
N GLY B 28 22.81 -15.45 -20.20
CA GLY B 28 23.77 -15.33 -19.14
C GLY B 28 25.12 -15.88 -19.48
N GLY B 29 25.27 -16.53 -20.62
CA GLY B 29 26.56 -17.00 -21.06
C GLY B 29 26.96 -16.44 -22.41
N CYS B 30 28.26 -16.44 -22.67
CA CYS B 30 28.82 -15.92 -23.90
C CYS B 30 30.05 -16.74 -24.29
N VAL B 31 30.52 -16.52 -25.51
CA VAL B 31 31.65 -17.27 -26.07
C VAL B 31 32.62 -16.32 -26.75
N THR B 32 33.91 -16.55 -26.55
CA THR B 32 34.97 -15.87 -27.28
C THR B 32 35.50 -16.81 -28.35
N VAL B 33 35.32 -16.45 -29.61
CA VAL B 33 35.81 -17.27 -30.71
C VAL B 33 37.18 -16.76 -31.14
N MET B 34 38.17 -17.67 -31.16
CA MET B 34 39.52 -17.35 -31.57
C MET B 34 39.92 -18.23 -32.75
N ALA B 35 40.20 -17.59 -33.88
CA ALA B 35 40.69 -18.25 -35.07
C ALA B 35 42.18 -17.94 -35.26
N GLN B 36 42.76 -18.56 -36.28
CA GLN B 36 44.22 -18.50 -36.45
C GLN B 36 44.67 -17.14 -36.95
N ASP B 37 44.22 -16.76 -38.15
CA ASP B 37 44.60 -15.49 -38.75
C ASP B 37 43.45 -14.49 -38.75
N LYS B 38 42.57 -14.58 -37.76
CA LYS B 38 41.32 -13.85 -37.75
C LYS B 38 41.12 -13.18 -36.40
N PRO B 39 40.42 -12.04 -36.37
CA PRO B 39 40.23 -11.35 -35.09
C PRO B 39 39.33 -12.14 -34.16
N THR B 40 39.63 -12.04 -32.86
CA THR B 40 38.82 -12.68 -31.85
C THR B 40 37.50 -11.94 -31.68
N VAL B 41 36.40 -12.71 -31.61
CA VAL B 41 35.06 -12.15 -31.59
C VAL B 41 34.31 -12.72 -30.39
N ASP B 42 33.53 -11.87 -29.72
CA ASP B 42 32.64 -12.29 -28.66
C ASP B 42 31.22 -12.41 -29.20
N ILE B 43 30.54 -13.50 -28.84
CA ILE B 43 29.19 -13.78 -29.34
C ILE B 43 28.29 -14.11 -28.16
N GLU B 44 27.22 -13.34 -27.97
CA GLU B 44 26.29 -13.55 -26.86
C GLU B 44 24.85 -13.53 -27.37
N LEU B 45 24.02 -14.33 -26.71
CA LEU B 45 22.58 -14.38 -26.95
C LEU B 45 21.88 -13.57 -25.86
N VAL B 46 21.22 -12.48 -26.24
CA VAL B 46 20.69 -11.54 -25.25
C VAL B 46 19.17 -11.64 -25.10
N THR B 47 18.46 -12.01 -26.15
CA THR B 47 17.01 -11.96 -26.10
C THR B 47 16.37 -13.14 -26.80
N THR B 48 15.46 -13.82 -26.11
CA THR B 48 14.57 -14.81 -26.70
C THR B 48 13.15 -14.38 -26.42
N THR B 49 12.44 -13.97 -27.47
CA THR B 49 11.04 -13.58 -27.38
C THR B 49 10.18 -14.57 -28.14
N VAL B 50 8.93 -14.70 -27.70
CA VAL B 50 7.93 -15.51 -28.38
C VAL B 50 6.72 -14.62 -28.64
N SER B 51 6.34 -14.50 -29.91
CA SER B 51 5.36 -13.54 -30.37
C SER B 51 4.07 -14.21 -30.78
N ASN B 52 3.01 -13.39 -30.82
CA ASN B 52 1.69 -13.81 -31.27
C ASN B 52 1.19 -15.02 -30.48
N MET B 53 1.02 -14.81 -29.18
CA MET B 53 0.48 -15.83 -28.32
C MET B 53 -1.04 -15.75 -28.37
N ALA B 54 -1.68 -16.91 -28.55
CA ALA B 54 -3.12 -16.96 -28.72
C ALA B 54 -3.78 -17.21 -27.37
N GLU B 55 -4.74 -16.36 -27.01
CA GLU B 55 -5.44 -16.53 -25.74
C GLU B 55 -6.19 -17.84 -25.73
N VAL B 56 -6.23 -18.47 -24.56
CA VAL B 56 -6.86 -19.77 -24.37
C VAL B 56 -8.01 -19.69 -23.36
N ARG B 57 -7.73 -19.10 -22.20
CA ARG B 57 -8.74 -18.96 -21.16
C ARG B 57 -8.37 -17.76 -20.29
N SER B 58 -9.40 -17.09 -19.79
CA SER B 58 -9.25 -15.95 -18.90
C SER B 58 -10.02 -16.24 -17.62
N TYR B 59 -9.35 -16.08 -16.48
CA TYR B 59 -9.98 -16.23 -15.18
C TYR B 59 -10.25 -14.87 -14.56
N CYS B 60 -11.39 -14.75 -13.88
CA CYS B 60 -11.75 -13.54 -13.15
C CYS B 60 -11.34 -13.69 -11.69
N TYR B 61 -10.53 -12.75 -11.20
CA TYR B 61 -10.08 -12.78 -9.81
C TYR B 61 -10.57 -11.57 -9.01
N GLU B 62 -11.41 -10.72 -9.59
CA GLU B 62 -12.02 -9.62 -8.86
C GLU B 62 -13.33 -9.26 -9.52
N ALA B 63 -14.43 -9.41 -8.78
CA ALA B 63 -15.77 -9.30 -9.32
C ALA B 63 -16.53 -8.16 -8.66
N SER B 64 -17.70 -7.87 -9.21
CA SER B 64 -18.59 -6.83 -8.71
C SER B 64 -20.03 -7.30 -8.87
N ILE B 65 -20.88 -6.89 -7.93
CA ILE B 65 -22.28 -7.31 -7.95
C ILE B 65 -23.16 -6.08 -8.10
N SER B 66 -24.28 -6.26 -8.79
CA SER B 66 -25.14 -5.16 -9.21
C SER B 66 -26.58 -5.62 -8.98
N ASP B 67 -27.52 -4.94 -9.63
CA ASP B 67 -28.94 -5.01 -9.30
C ASP B 67 -29.36 -6.43 -8.96
N MET B 68 -29.81 -6.63 -7.73
CA MET B 68 -30.05 -7.95 -7.18
C MET B 68 -31.45 -8.03 -6.61
N ALA B 69 -32.12 -9.16 -6.85
CA ALA B 69 -33.50 -9.33 -6.43
C ALA B 69 -33.69 -10.76 -5.94
N SER B 70 -34.83 -10.98 -5.29
CA SER B 70 -35.22 -12.30 -4.83
C SER B 70 -36.67 -12.54 -5.22
N ASP B 71 -37.07 -13.81 -5.14
CA ASP B 71 -38.46 -14.17 -5.35
C ASP B 71 -38.75 -15.39 -4.50
N SER B 72 -39.92 -15.38 -3.85
CA SER B 72 -40.30 -16.42 -2.91
C SER B 72 -41.73 -16.89 -3.18
N ARG B 73 -41.94 -18.19 -2.98
CA ARG B 73 -43.26 -18.79 -3.10
C ARG B 73 -43.55 -19.66 -1.89
N CYS B 74 -44.83 -19.82 -1.59
CA CYS B 74 -45.29 -20.56 -0.43
C CYS B 74 -45.07 -22.06 -0.66
N PRO B 75 -45.17 -22.88 0.40
CA PRO B 75 -45.12 -24.33 0.19
C PRO B 75 -46.24 -24.80 -0.72
N THR B 76 -45.93 -25.80 -1.54
CA THR B 76 -46.80 -26.40 -2.56
C THR B 76 -47.02 -25.49 -3.76
N GLN B 77 -46.49 -24.27 -3.74
CA GLN B 77 -46.69 -23.30 -4.81
C GLN B 77 -45.59 -23.35 -5.86
N GLY B 78 -44.85 -24.45 -5.96
CA GLY B 78 -43.83 -24.58 -6.98
C GLY B 78 -42.58 -23.79 -6.65
N GLU B 79 -41.68 -23.75 -7.63
CA GLU B 79 -40.39 -23.10 -7.45
C GLU B 79 -40.44 -21.63 -7.83
N ALA B 80 -39.72 -20.80 -7.07
CA ALA B 80 -39.72 -19.37 -7.28
C ALA B 80 -39.11 -19.03 -8.64
N TYR B 81 -39.41 -17.83 -9.12
CA TYR B 81 -39.02 -17.47 -10.47
C TYR B 81 -38.72 -15.98 -10.58
N LEU B 82 -37.58 -15.67 -11.21
CA LEU B 82 -37.22 -14.34 -11.63
C LEU B 82 -36.92 -14.37 -13.13
N ASP B 83 -37.24 -13.27 -13.82
CA ASP B 83 -36.99 -13.21 -15.25
C ASP B 83 -35.50 -13.31 -15.57
N LYS B 84 -34.64 -12.84 -14.67
CA LYS B 84 -33.21 -12.80 -14.91
C LYS B 84 -32.49 -14.08 -14.48
N GLN B 85 -33.19 -15.06 -13.93
CA GLN B 85 -32.54 -16.36 -13.74
C GLN B 85 -32.26 -17.04 -15.07
N SER B 86 -32.86 -16.56 -16.16
CA SER B 86 -32.56 -17.01 -17.52
C SER B 86 -31.47 -16.18 -18.19
N ASP B 87 -30.80 -15.29 -17.44
CA ASP B 87 -29.79 -14.40 -18.00
C ASP B 87 -28.41 -14.94 -17.67
N THR B 88 -27.54 -14.97 -18.69
CA THR B 88 -26.19 -15.49 -18.50
C THR B 88 -25.29 -14.57 -17.69
N GLN B 89 -25.66 -13.30 -17.54
CA GLN B 89 -24.84 -12.39 -16.76
C GLN B 89 -25.21 -12.36 -15.29
N TYR B 90 -26.12 -13.22 -14.86
CA TYR B 90 -26.62 -13.23 -13.49
C TYR B 90 -26.23 -14.54 -12.82
N VAL B 91 -25.85 -14.45 -11.55
CA VAL B 91 -25.58 -15.62 -10.71
C VAL B 91 -26.74 -15.79 -9.75
N CYS B 92 -27.26 -17.02 -9.66
CA CYS B 92 -28.45 -17.29 -8.88
C CYS B 92 -28.25 -18.53 -8.02
N LYS B 93 -28.92 -18.55 -6.86
CA LYS B 93 -28.91 -19.70 -5.98
C LYS B 93 -30.34 -19.96 -5.53
N ARG B 94 -30.79 -21.20 -5.70
CA ARG B 94 -32.14 -21.60 -5.36
C ARG B 94 -32.10 -22.44 -4.08
N THR B 95 -32.99 -22.14 -3.15
CA THR B 95 -33.04 -22.89 -1.90
C THR B 95 -34.44 -22.80 -1.32
N LEU B 96 -34.67 -23.59 -0.28
CA LEU B 96 -35.95 -23.67 0.41
C LEU B 96 -35.80 -23.09 1.81
N VAL B 97 -36.82 -22.34 2.24
CA VAL B 97 -36.79 -21.61 3.50
C VAL B 97 -38.11 -21.81 4.24
N ASP B 98 -38.05 -21.64 5.56
CA ASP B 98 -39.19 -21.89 6.42
C ASP B 98 -40.23 -20.78 6.25
N ARG B 99 -41.43 -21.17 5.83
CA ARG B 99 -42.54 -20.25 5.64
C ARG B 99 -43.66 -20.59 6.62
N GLY B 100 -44.48 -19.60 6.94
CA GLY B 100 -45.59 -19.79 7.83
C GLY B 100 -46.61 -18.69 7.71
N TRP B 101 -47.49 -18.61 8.70
CA TRP B 101 -48.49 -17.56 8.74
C TRP B 101 -47.87 -16.18 8.94
N GLY B 102 -46.64 -16.12 9.45
CA GLY B 102 -46.02 -14.84 9.75
C GLY B 102 -45.42 -14.14 8.55
N ASN B 103 -45.02 -14.90 7.53
CA ASN B 103 -44.52 -14.31 6.30
C ASN B 103 -45.60 -14.05 5.27
N GLY B 104 -46.77 -14.69 5.40
CA GLY B 104 -47.86 -14.45 4.48
C GLY B 104 -48.28 -15.67 3.69
N CYS B 105 -48.06 -16.86 4.26
CA CYS B 105 -48.46 -18.11 3.61
C CYS B 105 -49.52 -18.81 4.46
N GLY B 106 -50.32 -19.64 3.81
CA GLY B 106 -51.38 -20.36 4.51
C GLY B 106 -50.94 -21.66 5.16
N LEU B 107 -49.78 -22.19 4.79
CA LEU B 107 -49.27 -23.42 5.38
C LEU B 107 -47.96 -23.17 6.09
N PHE B 108 -47.54 -24.16 6.88
CA PHE B 108 -46.25 -24.16 7.54
C PHE B 108 -45.35 -25.21 6.89
N GLY B 109 -44.16 -24.80 6.51
CA GLY B 109 -43.22 -25.71 5.91
C GLY B 109 -42.12 -24.96 5.18
N LYS B 110 -41.64 -25.57 4.10
CA LYS B 110 -40.55 -25.05 3.30
C LYS B 110 -41.09 -24.52 1.98
N GLY B 111 -40.77 -23.27 1.68
CA GLY B 111 -41.15 -22.67 0.42
C GLY B 111 -39.92 -22.38 -0.42
N SER B 112 -40.07 -22.26 -1.74
CA SER B 112 -38.93 -22.04 -2.60
C SER B 112 -38.50 -20.58 -2.56
N LEU B 113 -37.21 -20.35 -2.79
CA LEU B 113 -36.63 -19.01 -2.75
C LEU B 113 -35.47 -18.96 -3.72
N VAL B 114 -35.48 -17.96 -4.60
CA VAL B 114 -34.40 -17.77 -5.56
C VAL B 114 -33.91 -16.33 -5.46
N THR B 115 -32.62 -16.14 -5.69
CA THR B 115 -32.02 -14.81 -5.64
C THR B 115 -30.98 -14.72 -6.75
N CYS B 116 -31.03 -13.62 -7.51
CA CYS B 116 -30.12 -13.39 -8.62
C CYS B 116 -29.47 -12.03 -8.50
N ALA B 117 -28.23 -11.94 -8.96
CA ALA B 117 -27.50 -10.68 -9.01
C ALA B 117 -26.70 -10.63 -10.31
N LYS B 118 -26.56 -9.42 -10.86
CA LYS B 118 -25.87 -9.25 -12.12
C LYS B 118 -24.36 -9.19 -11.88
N PHE B 119 -23.62 -10.04 -12.58
CA PHE B 119 -22.19 -10.24 -12.36
C PHE B 119 -21.36 -9.41 -13.33
N ALA B 120 -20.27 -8.85 -12.82
CA ALA B 120 -19.34 -8.09 -13.63
C ALA B 120 -17.93 -8.30 -13.10
N CYS B 121 -16.98 -8.47 -14.02
CA CYS B 121 -15.58 -8.75 -13.67
C CYS B 121 -14.77 -7.45 -13.69
N SER B 122 -14.11 -7.14 -12.57
CA SER B 122 -13.29 -5.94 -12.49
C SER B 122 -11.90 -6.19 -13.09
N LYS B 123 -11.21 -7.23 -12.63
CA LYS B 123 -9.88 -7.57 -13.09
C LYS B 123 -9.80 -9.05 -13.38
N LYS B 124 -9.10 -9.41 -14.46
CA LYS B 124 -9.00 -10.79 -14.89
C LYS B 124 -7.57 -11.11 -15.28
N MET B 125 -7.22 -12.39 -15.17
CA MET B 125 -5.95 -12.91 -15.65
C MET B 125 -6.17 -13.67 -16.96
N THR B 126 -5.11 -13.75 -17.76
CA THR B 126 -5.19 -14.35 -19.09
C THR B 126 -4.03 -15.31 -19.32
N GLY B 127 -4.36 -16.53 -19.72
CA GLY B 127 -3.36 -17.52 -20.13
C GLY B 127 -3.38 -17.68 -21.64
N LYS B 128 -2.19 -17.85 -22.22
CA LYS B 128 -2.02 -17.90 -23.66
C LYS B 128 -1.15 -19.08 -24.04
N SER B 129 -1.35 -19.60 -25.24
CA SER B 129 -0.51 -20.65 -25.76
C SER B 129 0.65 -20.09 -26.56
N ILE B 130 1.79 -20.78 -26.48
CA ILE B 130 3.02 -20.38 -27.14
C ILE B 130 3.37 -21.44 -28.18
N GLN B 131 3.89 -21.00 -29.32
CA GLN B 131 4.22 -21.87 -30.44
C GLN B 131 5.69 -21.73 -30.84
N PRO B 132 6.52 -22.77 -30.71
CA PRO B 132 7.97 -22.59 -30.91
C PRO B 132 8.34 -21.95 -32.24
N GLU B 133 7.49 -22.02 -33.26
CA GLU B 133 7.85 -21.42 -34.54
C GLU B 133 7.71 -19.89 -34.54
N ASN B 134 7.18 -19.32 -33.46
CA ASN B 134 7.09 -17.87 -33.30
C ASN B 134 8.15 -17.35 -32.33
N LEU B 135 9.14 -18.16 -32.01
CA LEU B 135 10.25 -17.67 -31.21
C LEU B 135 11.10 -16.73 -32.07
N GLU B 136 11.86 -15.88 -31.40
CA GLU B 136 12.84 -15.06 -32.10
C GLU B 136 14.03 -14.84 -31.19
N TYR B 137 15.22 -15.07 -31.73
CA TYR B 137 16.47 -14.95 -31.00
C TYR B 137 17.24 -13.72 -31.47
N ARG B 138 17.82 -13.00 -30.50
CA ARG B 138 18.59 -11.79 -30.75
C ARG B 138 20.01 -12.02 -30.28
N ILE B 139 20.96 -11.96 -31.22
CA ILE B 139 22.36 -12.28 -30.95
C ILE B 139 23.19 -11.01 -31.10
N MET B 140 24.12 -10.81 -30.17
CA MET B 140 25.01 -9.67 -30.19
C MET B 140 26.44 -10.15 -30.41
N LEU B 141 27.16 -9.48 -31.31
CA LEU B 141 28.54 -9.78 -31.60
C LEU B 141 29.40 -8.55 -31.33
N SER B 142 30.70 -8.78 -31.13
CA SER B 142 31.65 -7.69 -31.01
C SER B 142 33.07 -8.25 -31.08
N VAL B 143 34.00 -7.43 -31.57
CA VAL B 143 35.39 -7.84 -31.78
C VAL B 143 36.31 -7.13 -30.80
N HIS B 144 37.60 -7.48 -30.83
CA HIS B 144 38.59 -6.94 -29.92
C HIS B 144 39.45 -5.90 -30.62
N GLY B 145 39.93 -4.93 -29.84
CA GLY B 145 40.71 -3.81 -30.34
C GLY B 145 40.26 -2.51 -29.71
N SER B 146 39.25 -2.62 -28.86
CA SER B 146 38.49 -1.49 -28.35
C SER B 146 39.15 -0.89 -27.11
N GLN B 147 38.40 -0.09 -26.38
CA GLN B 147 38.80 0.65 -25.19
C GLN B 147 37.75 0.34 -24.12
N HIS B 148 38.00 0.74 -22.87
CA HIS B 148 37.16 0.29 -21.76
C HIS B 148 35.71 0.65 -22.04
N SER B 149 34.92 -0.37 -22.36
CA SER B 149 33.51 -0.28 -22.71
C SER B 149 32.94 -1.70 -22.71
N GLY B 150 31.73 -1.86 -23.23
CA GLY B 150 31.01 -3.10 -23.17
C GLY B 150 29.78 -3.01 -22.31
N MET B 151 29.60 -1.85 -21.67
CA MET B 151 28.47 -1.47 -20.83
C MET B 151 27.22 -2.35 -20.90
N ASN B 163 33.61 -2.76 -36.26
CA ASN B 163 32.72 -2.11 -35.30
C ASN B 163 32.14 -3.14 -34.32
N ARG B 164 30.82 -3.30 -34.35
CA ARG B 164 30.10 -4.26 -33.53
C ARG B 164 28.73 -4.47 -34.16
N ALA B 165 28.28 -5.72 -34.23
CA ALA B 165 27.10 -6.08 -35.01
C ALA B 165 26.03 -6.72 -34.15
N LYS B 166 24.86 -6.92 -34.77
CA LYS B 166 23.72 -7.61 -34.15
C LYS B 166 22.93 -8.30 -35.25
N VAL B 167 22.37 -9.47 -34.93
CA VAL B 167 21.57 -10.24 -35.88
C VAL B 167 20.29 -10.71 -35.20
N GLU B 168 19.32 -11.09 -36.03
CA GLU B 168 18.04 -11.64 -35.59
C GLU B 168 17.82 -12.99 -36.26
N ILE B 169 17.32 -13.95 -35.49
CA ILE B 169 17.18 -15.33 -35.96
C ILE B 169 15.80 -15.87 -35.59
N THR B 170 15.16 -16.53 -36.56
CA THR B 170 13.87 -17.20 -36.48
C THR B 170 14.04 -18.69 -36.79
N PRO B 171 13.26 -19.57 -36.16
CA PRO B 171 13.29 -20.99 -36.53
C PRO B 171 13.14 -21.24 -38.02
N ASN B 172 12.31 -20.46 -38.72
CA ASN B 172 12.13 -20.62 -40.16
C ASN B 172 12.91 -19.58 -40.97
N SER B 173 13.92 -18.97 -40.35
CA SER B 173 14.91 -18.15 -41.05
C SER B 173 16.21 -18.18 -40.25
N PRO B 174 16.80 -19.36 -40.02
CA PRO B 174 17.86 -19.46 -39.01
C PRO B 174 19.22 -18.96 -39.46
N ARG B 175 19.41 -18.69 -40.74
CA ARG B 175 20.71 -18.22 -41.22
C ARG B 175 20.75 -16.69 -41.19
N ALA B 176 21.92 -16.16 -40.86
CA ALA B 176 22.11 -14.72 -40.78
C ALA B 176 23.59 -14.42 -40.90
N GLU B 177 23.89 -13.22 -41.40
CA GLU B 177 25.25 -12.74 -41.56
C GLU B 177 25.33 -11.31 -41.07
N ALA B 178 26.40 -10.98 -40.34
CA ALA B 178 26.59 -9.64 -39.81
C ALA B 178 27.88 -9.04 -40.35
N THR B 179 27.81 -7.79 -40.76
CA THR B 179 28.96 -7.07 -41.32
C THR B 179 29.64 -6.30 -40.21
N LEU B 180 30.92 -6.57 -40.00
CA LEU B 180 31.71 -5.95 -38.93
C LEU B 180 32.79 -5.09 -39.58
N GLY B 181 32.41 -3.86 -39.94
CA GLY B 181 33.31 -2.88 -40.53
C GLY B 181 34.32 -3.42 -41.51
N GLY B 182 35.59 -3.06 -41.30
CA GLY B 182 36.69 -3.58 -42.09
C GLY B 182 37.13 -4.97 -41.72
N PHE B 183 36.49 -5.59 -40.74
CA PHE B 183 36.78 -6.96 -40.37
C PHE B 183 36.12 -7.96 -41.31
N GLY B 184 35.13 -7.51 -42.09
CA GLY B 184 34.48 -8.36 -43.06
C GLY B 184 33.08 -8.74 -42.62
N SER B 185 32.80 -10.04 -42.59
CA SER B 185 31.50 -10.55 -42.18
C SER B 185 31.65 -11.97 -41.69
N LEU B 186 30.71 -12.41 -40.87
CA LEU B 186 30.67 -13.77 -40.38
C LEU B 186 29.22 -14.22 -40.37
N GLY B 187 29.00 -15.46 -40.78
CA GLY B 187 27.67 -16.00 -40.90
C GLY B 187 27.31 -16.94 -39.77
N LEU B 188 26.03 -17.20 -39.62
CA LEU B 188 25.53 -18.07 -38.55
C LEU B 188 24.42 -18.96 -39.07
N ASP B 189 24.55 -20.26 -38.84
CA ASP B 189 23.57 -21.28 -39.23
C ASP B 189 23.20 -22.04 -37.96
N CYS B 190 22.07 -21.67 -37.35
CA CYS B 190 21.77 -21.95 -35.95
C CYS B 190 20.47 -22.75 -35.76
N GLU B 191 20.53 -24.09 -35.68
CA GLU B 191 19.89 -24.83 -34.57
C GLU B 191 20.08 -26.35 -34.66
N PRO B 192 21.13 -26.89 -34.03
CA PRO B 192 21.17 -28.34 -33.74
C PRO B 192 20.57 -28.81 -32.41
N ARG B 193 20.34 -27.95 -31.41
CA ARG B 193 19.69 -28.37 -30.16
C ARG B 193 19.13 -27.15 -29.44
N THR B 194 17.80 -27.02 -29.32
CA THR B 194 17.29 -25.69 -29.00
C THR B 194 16.31 -25.51 -27.82
N GLY B 195 15.20 -26.23 -27.80
CA GLY B 195 14.11 -25.87 -26.90
C GLY B 195 14.29 -26.33 -25.47
N LEU B 196 13.70 -25.58 -24.53
CA LEU B 196 13.66 -26.00 -23.14
C LEU B 196 12.28 -26.49 -22.70
N ASP B 197 11.22 -26.10 -23.41
CA ASP B 197 9.90 -26.74 -23.44
C ASP B 197 8.94 -25.89 -24.27
N PHE B 198 7.77 -26.46 -24.54
CA PHE B 198 6.56 -25.84 -25.08
C PHE B 198 5.49 -26.92 -25.08
N SER B 199 4.27 -26.57 -25.50
CA SER B 199 3.15 -27.48 -25.72
C SER B 199 2.57 -28.00 -24.40
N ASP B 200 3.19 -27.67 -23.28
CA ASP B 200 2.74 -28.05 -21.95
C ASP B 200 2.49 -26.86 -21.02
N LEU B 201 3.01 -25.68 -21.36
CA LEU B 201 2.89 -24.49 -20.55
C LEU B 201 2.10 -23.41 -21.27
N TYR B 202 1.13 -22.85 -20.56
CA TYR B 202 0.54 -21.57 -20.93
C TYR B 202 1.44 -20.43 -20.46
N TYR B 203 1.24 -19.27 -21.05
CA TYR B 203 1.91 -18.05 -20.64
C TYR B 203 0.85 -17.21 -19.93
N LEU B 204 1.01 -17.05 -18.62
CA LEU B 204 0.00 -16.43 -17.79
C LEU B 204 0.31 -14.95 -17.61
N THR B 205 -0.74 -14.13 -17.63
CA THR B 205 -0.61 -12.71 -17.37
C THR B 205 -1.61 -12.32 -16.28
N MET B 206 -1.09 -11.84 -15.17
CA MET B 206 -1.84 -11.24 -14.08
C MET B 206 -1.64 -9.73 -14.18
N ASN B 207 -1.96 -9.00 -13.12
CA ASN B 207 -2.14 -7.55 -13.15
C ASN B 207 -1.22 -6.85 -14.14
N ASN B 208 0.09 -6.95 -13.94
CA ASN B 208 1.03 -6.62 -15.02
C ASN B 208 2.26 -7.51 -14.98
N LYS B 209 2.13 -8.71 -14.42
CA LYS B 209 3.24 -9.64 -14.30
C LYS B 209 2.90 -10.93 -15.03
N HIS B 210 3.93 -11.72 -15.34
CA HIS B 210 3.78 -12.85 -16.23
C HIS B 210 4.55 -14.05 -15.70
N TRP B 211 3.95 -15.23 -15.84
CA TRP B 211 4.56 -16.50 -15.46
C TRP B 211 4.49 -17.47 -16.64
N LEU B 212 5.01 -18.68 -16.40
CA LEU B 212 4.83 -19.81 -17.31
C LEU B 212 4.31 -20.96 -16.46
N VAL B 213 3.03 -21.29 -16.62
CA VAL B 213 2.35 -22.22 -15.73
C VAL B 213 2.09 -23.52 -16.46
N HIS B 214 1.95 -24.60 -15.69
CA HIS B 214 1.57 -25.89 -16.24
C HIS B 214 0.10 -25.88 -16.68
N LYS B 215 -0.18 -26.59 -17.77
CA LYS B 215 -1.52 -26.56 -18.35
C LYS B 215 -2.55 -27.18 -17.41
N GLU B 216 -2.20 -28.28 -16.74
CA GLU B 216 -3.16 -28.92 -15.86
C GLU B 216 -3.43 -28.07 -14.63
N TRP B 217 -2.39 -27.45 -14.06
CA TRP B 217 -2.59 -26.54 -12.94
C TRP B 217 -3.50 -25.39 -13.35
N PHE B 218 -3.33 -24.89 -14.58
CA PHE B 218 -4.13 -23.76 -15.06
C PHE B 218 -5.57 -24.17 -15.34
N HIS B 219 -5.78 -25.40 -15.81
CA HIS B 219 -7.12 -25.90 -16.07
C HIS B 219 -7.96 -26.06 -14.81
N ASP B 220 -7.37 -25.91 -13.63
CA ASP B 220 -8.02 -26.25 -12.37
C ASP B 220 -8.23 -25.05 -11.45
N ILE B 221 -7.93 -23.84 -11.91
CA ILE B 221 -8.09 -22.68 -11.03
C ILE B 221 -9.57 -22.51 -10.68
N PRO B 222 -9.94 -22.46 -9.39
CA PRO B 222 -11.36 -22.30 -9.01
C PRO B 222 -11.79 -20.83 -9.01
N LEU B 223 -11.96 -20.28 -10.20
CA LEU B 223 -12.39 -18.91 -10.40
C LEU B 223 -13.34 -18.87 -11.59
N PRO B 224 -14.11 -17.80 -11.72
CA PRO B 224 -14.89 -17.62 -12.95
C PRO B 224 -13.97 -17.55 -14.15
N TRP B 225 -14.48 -18.03 -15.30
CA TRP B 225 -13.64 -18.13 -16.48
C TRP B 225 -14.51 -18.11 -17.72
N HIS B 226 -13.95 -17.58 -18.80
CA HIS B 226 -14.58 -17.63 -20.11
C HIS B 226 -13.55 -18.13 -21.12
N ALA B 227 -13.96 -19.06 -21.98
CA ALA B 227 -13.05 -19.85 -22.81
C ALA B 227 -12.86 -19.28 -24.21
N GLY B 228 -13.05 -17.98 -24.39
CA GLY B 228 -12.77 -17.33 -25.65
C GLY B 228 -11.58 -16.39 -25.59
N ALA B 229 -11.43 -15.63 -26.66
CA ALA B 229 -10.50 -14.50 -26.65
C ALA B 229 -11.24 -13.25 -26.20
N ASP B 230 -12.27 -12.86 -26.95
CA ASP B 230 -13.27 -11.91 -26.50
C ASP B 230 -14.40 -11.87 -27.52
N THR B 231 -15.61 -11.69 -27.00
CA THR B 231 -16.80 -11.40 -27.78
C THR B 231 -17.47 -10.21 -27.12
N GLY B 232 -18.44 -9.61 -27.81
CA GLY B 232 -19.22 -8.57 -27.19
C GLY B 232 -19.83 -9.07 -25.90
N THR B 233 -19.39 -8.51 -24.75
CA THR B 233 -19.86 -8.93 -23.44
C THR B 233 -19.61 -10.42 -23.18
N PRO B 234 -18.40 -10.80 -22.78
CA PRO B 234 -18.09 -12.22 -22.55
C PRO B 234 -19.03 -12.87 -21.54
N HIS B 235 -18.96 -14.20 -21.47
CA HIS B 235 -19.82 -15.02 -20.64
C HIS B 235 -18.94 -15.79 -19.65
N TRP B 236 -19.10 -15.50 -18.37
CA TRP B 236 -18.28 -16.09 -17.33
C TRP B 236 -18.89 -17.39 -16.83
N ASN B 237 -18.10 -18.46 -16.84
CA ASN B 237 -18.51 -19.75 -16.32
C ASN B 237 -18.10 -19.87 -14.86
N ASN B 238 -18.91 -20.59 -14.08
CA ASN B 238 -18.65 -20.83 -12.66
C ASN B 238 -18.47 -19.50 -11.91
N LYS B 239 -19.37 -18.56 -12.19
CA LYS B 239 -19.39 -17.30 -11.48
C LYS B 239 -19.77 -17.47 -10.01
N GLU B 240 -20.30 -18.63 -9.61
CA GLU B 240 -20.56 -18.90 -8.21
C GLU B 240 -19.28 -18.93 -7.37
N ALA B 241 -18.10 -18.96 -7.99
CA ALA B 241 -16.85 -19.06 -7.25
C ALA B 241 -16.44 -17.75 -6.58
N LEU B 242 -16.96 -16.61 -7.03
CA LEU B 242 -16.63 -15.33 -6.42
C LEU B 242 -17.83 -14.66 -5.78
N VAL B 243 -19.02 -15.25 -5.86
CA VAL B 243 -20.24 -14.70 -5.25
C VAL B 243 -20.81 -15.74 -4.30
N GLU B 244 -21.06 -15.34 -3.06
CA GLU B 244 -21.68 -16.21 -2.06
C GLU B 244 -23.01 -15.66 -1.59
N PHE B 245 -23.95 -16.57 -1.36
CA PHE B 245 -25.25 -16.27 -0.78
C PHE B 245 -25.26 -16.73 0.67
N LYS B 246 -25.90 -15.95 1.54
CA LYS B 246 -26.00 -16.35 2.94
C LYS B 246 -27.28 -15.78 3.54
N ASP B 247 -27.70 -16.40 4.65
CA ASP B 247 -28.77 -15.89 5.53
C ASP B 247 -30.05 -15.59 4.76
N ALA B 248 -30.64 -16.66 4.22
CA ALA B 248 -31.94 -16.54 3.58
C ALA B 248 -33.03 -16.38 4.65
N HIS B 249 -33.88 -15.36 4.50
CA HIS B 249 -34.82 -15.09 5.59
C HIS B 249 -36.17 -15.78 5.40
N ALA B 250 -37.01 -15.22 4.54
CA ALA B 250 -38.17 -15.89 3.99
C ALA B 250 -38.40 -15.37 2.58
N LYS B 251 -37.94 -14.13 2.34
CA LYS B 251 -38.19 -13.43 1.09
C LYS B 251 -37.01 -12.61 0.60
N ARG B 252 -35.85 -12.68 1.25
CA ARG B 252 -34.70 -11.88 0.86
C ARG B 252 -33.44 -12.64 1.23
N GLN B 253 -32.54 -12.80 0.26
CA GLN B 253 -31.24 -13.43 0.46
C GLN B 253 -30.17 -12.42 0.09
N THR B 254 -29.26 -12.15 1.02
CA THR B 254 -28.21 -11.16 0.76
C THR B 254 -27.06 -11.80 -0.01
N VAL B 255 -26.58 -11.09 -1.04
CA VAL B 255 -25.53 -11.58 -1.92
C VAL B 255 -24.27 -10.80 -1.65
N VAL B 256 -23.15 -11.49 -1.50
CA VAL B 256 -21.85 -10.88 -1.23
C VAL B 256 -20.86 -11.40 -2.26
N VAL B 257 -19.91 -10.53 -2.63
CA VAL B 257 -18.86 -10.89 -3.58
C VAL B 257 -17.54 -10.99 -2.85
N LEU B 258 -16.78 -12.04 -3.16
CA LEU B 258 -15.57 -12.36 -2.42
C LEU B 258 -14.47 -11.38 -2.79
N GLY B 259 -13.54 -11.17 -1.86
CA GLY B 259 -12.46 -10.23 -2.08
C GLY B 259 -11.54 -10.65 -3.20
N SER B 260 -10.63 -9.72 -3.54
CA SER B 260 -9.75 -9.90 -4.69
C SER B 260 -8.86 -11.11 -4.47
N GLN B 261 -8.77 -11.96 -5.48
CA GLN B 261 -8.02 -13.21 -5.40
C GLN B 261 -6.61 -13.09 -5.94
N GLU B 262 -6.12 -11.86 -6.17
CA GLU B 262 -4.79 -11.70 -6.76
C GLU B 262 -3.71 -12.29 -5.86
N GLY B 263 -3.75 -11.94 -4.57
CA GLY B 263 -2.79 -12.49 -3.63
C GLY B 263 -2.90 -13.98 -3.45
N ALA B 264 -4.09 -14.54 -3.70
CA ALA B 264 -4.29 -15.97 -3.56
C ALA B 264 -3.53 -16.75 -4.64
N VAL B 265 -3.55 -16.27 -5.89
CA VAL B 265 -2.86 -16.99 -6.94
C VAL B 265 -1.36 -16.66 -6.97
N HIS B 266 -0.96 -15.49 -6.45
CA HIS B 266 0.47 -15.23 -6.27
C HIS B 266 1.09 -16.28 -5.36
N THR B 267 0.38 -16.67 -4.29
CA THR B 267 0.89 -17.71 -3.41
C THR B 267 0.94 -19.06 -4.11
N ALA B 268 -0.07 -19.37 -4.92
CA ALA B 268 -0.08 -20.61 -5.69
C ALA B 268 0.88 -20.57 -6.87
N LEU B 269 1.49 -19.42 -7.15
CA LEU B 269 2.47 -19.29 -8.22
C LEU B 269 3.89 -19.22 -7.68
N ALA B 270 4.08 -19.46 -6.39
CA ALA B 270 5.41 -19.56 -5.82
C ALA B 270 6.08 -20.84 -6.32
N GLY B 271 7.26 -20.70 -6.89
CA GLY B 271 7.94 -21.82 -7.49
C GLY B 271 7.55 -22.08 -8.93
N ALA B 272 6.92 -21.11 -9.58
CA ALA B 272 6.72 -21.13 -11.02
C ALA B 272 7.77 -20.24 -11.67
N LEU B 273 7.95 -20.44 -12.97
CA LEU B 273 8.99 -19.73 -13.70
C LEU B 273 8.39 -18.42 -14.21
N GLU B 274 8.99 -17.30 -13.81
CA GLU B 274 8.48 -15.99 -14.17
C GLU B 274 9.07 -15.56 -15.50
N ALA B 275 8.45 -14.55 -16.10
CA ALA B 275 8.85 -14.13 -17.44
C ALA B 275 8.46 -12.68 -17.64
N GLU B 276 9.38 -11.89 -18.19
CA GLU B 276 9.11 -10.51 -18.52
C GLU B 276 8.25 -10.45 -19.79
N MET B 277 7.93 -9.24 -20.23
CA MET B 277 7.15 -9.06 -21.45
C MET B 277 7.49 -7.70 -22.03
N ASP B 278 8.03 -7.69 -23.26
CA ASP B 278 8.28 -6.46 -23.99
C ASP B 278 8.50 -6.79 -25.46
N GLY B 279 7.60 -6.33 -26.34
CA GLY B 279 6.34 -5.72 -25.96
C GLY B 279 5.30 -6.39 -26.86
N ALA B 280 4.29 -6.99 -26.22
CA ALA B 280 3.30 -7.84 -26.89
C ALA B 280 3.98 -9.14 -27.31
N LYS B 281 5.29 -9.20 -27.12
CA LYS B 281 6.09 -10.41 -27.24
C LYS B 281 6.62 -10.78 -25.86
N GLY B 282 6.49 -12.05 -25.50
CA GLY B 282 6.94 -12.52 -24.20
C GLY B 282 8.41 -12.87 -24.15
N ARG B 283 9.19 -12.17 -23.33
CA ARG B 283 10.59 -12.53 -23.14
C ARG B 283 10.72 -13.78 -22.30
N LEU B 284 11.74 -14.57 -22.62
CA LEU B 284 12.02 -15.82 -21.91
C LEU B 284 13.48 -15.81 -21.50
N SER B 285 13.78 -16.50 -20.40
CA SER B 285 15.12 -16.57 -19.85
C SER B 285 15.82 -17.90 -20.17
N SER B 286 15.38 -18.61 -21.20
CA SER B 286 16.03 -19.85 -21.63
C SER B 286 16.60 -19.67 -23.03
N GLY B 287 17.75 -20.29 -23.27
CA GLY B 287 18.51 -20.06 -24.48
C GLY B 287 18.82 -21.32 -25.27
N HIS B 288 20.11 -21.64 -25.36
CA HIS B 288 20.61 -22.87 -25.97
C HIS B 288 20.17 -23.00 -27.43
N LEU B 289 20.75 -22.15 -28.27
CA LEU B 289 20.73 -22.40 -29.70
C LEU B 289 22.18 -22.59 -30.14
N LYS B 290 22.43 -23.70 -30.83
CA LYS B 290 23.77 -24.00 -31.31
C LYS B 290 23.95 -23.42 -32.71
N CYS B 291 25.17 -22.98 -33.00
CA CYS B 291 25.44 -22.22 -34.21
C CYS B 291 26.76 -22.65 -34.83
N ARG B 292 26.74 -22.88 -36.13
CA ARG B 292 27.96 -23.03 -36.92
C ARG B 292 28.22 -21.70 -37.60
N LEU B 293 29.25 -21.00 -37.14
CA LEU B 293 29.58 -19.69 -37.70
C LEU B 293 30.70 -19.84 -38.72
N LYS B 294 30.50 -19.23 -39.88
CA LYS B 294 31.47 -19.27 -40.97
C LYS B 294 32.15 -17.92 -41.06
N MET B 295 33.47 -17.93 -40.91
CA MET B 295 34.28 -16.72 -40.82
C MET B 295 35.38 -16.70 -41.87
N ASP B 296 35.13 -17.27 -43.05
CA ASP B 296 36.12 -17.19 -44.12
C ASP B 296 36.27 -15.76 -44.62
N LYS B 297 35.23 -14.94 -44.47
CA LYS B 297 35.25 -13.54 -44.86
C LYS B 297 35.65 -12.61 -43.70
N LEU B 298 36.48 -13.07 -42.79
CA LEU B 298 36.90 -12.29 -41.63
C LEU B 298 38.37 -11.91 -41.78
N ARG B 299 38.65 -10.80 -42.47
CA ARG B 299 40.00 -10.26 -42.54
C ARG B 299 40.32 -9.55 -41.23
N LEU B 300 41.62 -9.46 -40.91
CA LEU B 300 41.95 -9.09 -39.54
C LEU B 300 41.56 -7.65 -39.24
N LYS B 301 42.44 -6.68 -39.50
CA LYS B 301 41.98 -5.35 -39.86
C LYS B 301 43.05 -4.68 -40.71
N GLY B 302 44.27 -4.70 -40.19
CA GLY B 302 45.48 -4.29 -40.87
C GLY B 302 46.71 -4.98 -40.32
N VAL B 303 47.45 -5.70 -41.18
CA VAL B 303 48.77 -6.20 -40.81
C VAL B 303 49.86 -5.30 -41.37
N SER B 304 49.50 -4.36 -42.24
CA SER B 304 50.41 -3.37 -42.81
C SER B 304 50.71 -2.23 -41.86
N TYR B 305 50.35 -2.34 -40.58
CA TYR B 305 50.78 -1.35 -39.62
C TYR B 305 52.22 -1.60 -39.22
N SER B 306 52.86 -0.58 -38.69
CA SER B 306 54.18 -0.72 -38.09
C SER B 306 54.05 -0.78 -36.57
N LEU B 307 55.16 -1.14 -35.92
CA LEU B 307 55.15 -1.19 -34.47
C LEU B 307 55.17 0.23 -33.91
N CYS B 308 54.42 0.45 -32.83
CA CYS B 308 54.38 1.78 -32.21
C CYS B 308 55.72 2.09 -31.56
N THR B 309 56.28 3.26 -31.88
CA THR B 309 57.60 3.65 -31.40
C THR B 309 57.56 4.32 -30.03
N ALA B 310 56.51 5.07 -29.72
CA ALA B 310 56.46 5.87 -28.51
C ALA B 310 56.24 4.99 -27.27
N ALA B 311 56.10 5.64 -26.12
CA ALA B 311 56.00 4.96 -24.84
C ALA B 311 54.54 4.78 -24.42
N PHE B 312 54.32 3.86 -23.50
CA PHE B 312 52.99 3.53 -23.01
C PHE B 312 52.87 3.88 -21.53
N THR B 313 51.64 3.82 -21.03
CA THR B 313 51.34 4.09 -19.64
C THR B 313 50.10 3.31 -19.23
N PHE B 314 50.17 2.67 -18.07
CA PHE B 314 49.02 1.95 -17.55
C PHE B 314 47.93 2.92 -17.10
N THR B 315 46.72 2.76 -17.64
CA THR B 315 45.58 3.56 -17.20
C THR B 315 44.80 2.88 -16.08
N LYS B 316 44.74 1.54 -16.09
CA LYS B 316 44.13 0.78 -15.00
C LYS B 316 45.07 -0.33 -14.55
N ILE B 317 44.96 -0.69 -13.27
CA ILE B 317 45.70 -1.84 -12.74
C ILE B 317 45.27 -3.10 -13.48
N PRO B 318 46.21 -3.90 -14.00
CA PRO B 318 45.83 -5.14 -14.67
C PRO B 318 45.04 -6.05 -13.74
N ALA B 319 43.88 -6.51 -14.23
CA ALA B 319 42.93 -7.25 -13.41
C ALA B 319 42.77 -8.67 -13.97
N GLU B 320 42.74 -9.63 -13.06
CA GLU B 320 42.51 -11.03 -13.43
C GLU B 320 41.01 -11.30 -13.45
N THR B 321 40.54 -11.91 -14.54
CA THR B 321 39.13 -12.22 -14.67
C THR B 321 38.85 -13.54 -13.97
N LEU B 322 37.62 -14.03 -14.09
CA LEU B 322 37.25 -15.27 -13.41
C LEU B 322 37.96 -16.49 -13.98
N HIS B 323 38.47 -16.40 -15.21
CA HIS B 323 39.09 -17.53 -15.88
C HIS B 323 40.60 -17.36 -16.03
N GLY B 324 41.21 -16.55 -15.17
CA GLY B 324 42.65 -16.38 -15.18
C GLY B 324 43.20 -15.42 -16.21
N THR B 325 42.40 -15.02 -17.20
CA THR B 325 42.88 -14.05 -18.18
C THR B 325 43.08 -12.69 -17.51
N VAL B 326 44.05 -11.94 -18.03
CA VAL B 326 44.38 -10.61 -17.53
C VAL B 326 43.89 -9.58 -18.53
N THR B 327 43.29 -8.51 -18.01
CA THR B 327 42.86 -7.38 -18.83
C THR B 327 43.71 -6.17 -18.47
N VAL B 328 44.23 -5.50 -19.50
CA VAL B 328 45.13 -4.38 -19.34
C VAL B 328 44.65 -3.24 -20.23
N GLU B 329 44.68 -2.02 -19.72
CA GLU B 329 44.38 -0.85 -20.51
C GLU B 329 45.58 0.09 -20.46
N VAL B 330 46.03 0.53 -21.63
CA VAL B 330 47.20 1.39 -21.74
C VAL B 330 46.86 2.65 -22.52
N GLN B 331 47.69 3.66 -22.33
CA GLN B 331 47.59 4.94 -23.01
C GLN B 331 48.83 5.14 -23.86
N TYR B 332 48.65 5.66 -25.07
CA TYR B 332 49.74 5.80 -26.02
C TYR B 332 49.92 7.27 -26.33
N ALA B 333 51.08 7.81 -25.98
CA ALA B 333 51.39 9.22 -26.17
C ALA B 333 52.23 9.37 -27.44
N GLY B 334 51.60 9.83 -28.52
CA GLY B 334 52.30 10.02 -29.77
C GLY B 334 51.42 9.96 -31.00
N THR B 335 51.71 10.81 -31.99
CA THR B 335 50.97 10.83 -33.24
C THR B 335 51.47 9.79 -34.24
N ASP B 336 52.26 8.83 -33.76
CA ASP B 336 52.74 7.75 -34.62
C ASP B 336 51.59 6.93 -35.18
N GLY B 337 50.49 6.84 -34.44
CA GLY B 337 49.36 6.01 -34.80
C GLY B 337 48.76 6.35 -36.14
N PRO B 338 48.01 5.42 -36.74
CA PRO B 338 47.73 4.09 -36.18
C PRO B 338 48.88 3.10 -36.34
N CYS B 339 49.10 2.26 -35.34
CA CYS B 339 50.23 1.34 -35.32
C CYS B 339 49.91 0.17 -34.42
N LYS B 340 50.63 -0.94 -34.64
CA LYS B 340 50.47 -2.13 -33.80
C LYS B 340 51.06 -1.89 -32.42
N VAL B 341 50.39 -2.41 -31.40
CA VAL B 341 50.89 -2.31 -30.03
C VAL B 341 51.84 -3.48 -29.77
N PRO B 342 53.08 -3.23 -29.33
CA PRO B 342 53.96 -4.34 -28.95
C PRO B 342 53.55 -4.88 -27.59
N ALA B 343 53.15 -6.14 -27.55
CA ALA B 343 52.66 -6.73 -26.32
C ALA B 343 53.01 -8.21 -26.27
N GLN B 344 53.47 -8.65 -25.11
CA GLN B 344 53.85 -10.04 -24.89
C GLN B 344 53.99 -10.24 -23.39
N MET B 345 54.52 -11.41 -23.02
CA MET B 345 54.69 -11.80 -21.63
C MET B 345 56.03 -12.50 -21.52
N ALA B 346 56.94 -11.93 -20.74
CA ALA B 346 58.24 -12.56 -20.59
C ALA B 346 58.24 -13.51 -19.39
N VAL B 347 59.29 -14.33 -19.30
CA VAL B 347 59.36 -15.36 -18.27
C VAL B 347 60.48 -14.98 -17.30
N ASP B 348 60.66 -13.67 -17.12
CA ASP B 348 61.58 -13.10 -16.12
C ASP B 348 62.97 -13.75 -16.20
N MET B 349 63.69 -13.44 -17.28
CA MET B 349 63.27 -12.53 -18.34
C MET B 349 63.84 -13.02 -19.67
N GLN B 350 64.48 -14.18 -19.65
CA GLN B 350 65.86 -14.29 -20.13
C GLN B 350 66.22 -13.28 -21.22
N THR B 351 65.56 -13.28 -22.37
CA THR B 351 65.43 -12.04 -23.13
C THR B 351 64.13 -12.14 -23.92
N LEU B 352 63.07 -11.63 -23.31
CA LEU B 352 61.75 -11.43 -23.91
C LEU B 352 61.38 -12.52 -24.91
N THR B 353 61.35 -13.76 -24.43
CA THR B 353 60.86 -14.83 -25.30
C THR B 353 59.38 -15.04 -24.99
N PRO B 354 58.52 -15.14 -25.99
CA PRO B 354 57.08 -15.25 -25.70
C PRO B 354 56.75 -16.50 -24.89
N VAL B 355 55.88 -16.34 -23.89
CA VAL B 355 55.60 -17.36 -22.89
C VAL B 355 54.12 -17.73 -22.88
N GLY B 356 53.25 -16.74 -22.76
CA GLY B 356 51.82 -16.95 -22.77
C GLY B 356 51.23 -16.85 -24.15
N ARG B 357 49.94 -16.52 -24.19
CA ARG B 357 49.23 -16.26 -25.43
C ARG B 357 48.27 -15.09 -25.20
N LEU B 358 48.01 -14.35 -26.26
CA LEU B 358 47.07 -13.23 -26.19
C LEU B 358 45.65 -13.74 -26.43
N ILE B 359 44.68 -13.06 -25.81
CA ILE B 359 43.29 -13.26 -26.19
C ILE B 359 42.89 -12.29 -27.29
N THR B 360 43.31 -11.03 -27.17
CA THR B 360 43.11 -10.06 -28.23
C THR B 360 44.05 -10.38 -29.39
N ALA B 361 43.50 -10.49 -30.59
CA ALA B 361 44.29 -10.75 -31.78
C ALA B 361 44.78 -9.43 -32.38
N ASN B 362 46.11 -9.30 -32.50
CA ASN B 362 46.78 -8.16 -33.13
C ASN B 362 46.36 -6.84 -32.50
N PRO B 363 46.81 -6.53 -31.29
CA PRO B 363 46.48 -5.25 -30.67
C PRO B 363 46.99 -4.06 -31.48
N VAL B 364 46.15 -3.04 -31.62
CA VAL B 364 46.45 -1.86 -32.43
C VAL B 364 46.03 -0.58 -31.71
N ILE B 365 46.72 0.51 -32.03
CA ILE B 365 46.26 1.86 -31.73
C ILE B 365 45.54 2.39 -32.95
N THR B 366 44.31 2.87 -32.77
CA THR B 366 43.48 3.22 -33.92
C THR B 366 43.60 4.68 -34.32
N GLU B 367 43.76 5.58 -33.36
CA GLU B 367 43.74 7.01 -33.65
C GLU B 367 45.15 7.53 -33.94
N SER B 368 45.19 8.66 -34.66
CA SER B 368 46.47 9.30 -34.95
C SER B 368 46.97 10.10 -33.76
N THR B 369 46.22 11.13 -33.36
CA THR B 369 46.62 12.04 -32.30
C THR B 369 45.65 11.99 -31.13
N GLU B 370 46.17 12.11 -29.90
CA GLU B 370 47.61 12.01 -29.63
C GLU B 370 47.87 11.10 -28.42
N ASN B 371 46.91 11.04 -27.51
CA ASN B 371 47.02 10.26 -26.27
C ASN B 371 45.81 9.34 -26.12
N SER B 372 45.58 8.49 -27.12
CA SER B 372 44.40 7.65 -27.10
C SER B 372 44.64 6.42 -26.24
N LYS B 373 43.56 5.79 -25.83
CA LYS B 373 43.59 4.64 -24.95
C LYS B 373 43.15 3.39 -25.71
N MET B 374 43.52 2.23 -25.15
CA MET B 374 43.33 0.97 -25.84
C MET B 374 43.44 -0.17 -24.83
N MET B 375 42.63 -1.21 -25.03
CA MET B 375 42.54 -2.34 -24.11
C MET B 375 42.87 -3.63 -24.84
N LEU B 376 43.47 -4.57 -24.10
CA LEU B 376 43.78 -5.90 -24.63
C LEU B 376 43.61 -6.91 -23.51
N GLU B 377 43.58 -8.19 -23.87
CA GLU B 377 43.36 -9.26 -22.91
C GLU B 377 44.45 -10.31 -23.09
N LEU B 378 45.03 -10.75 -21.98
CA LEU B 378 46.13 -11.70 -22.02
C LEU B 378 45.70 -13.04 -21.43
N ASP B 379 46.42 -14.08 -21.80
CA ASP B 379 46.29 -15.41 -21.20
C ASP B 379 47.66 -15.79 -20.65
N PRO B 380 47.96 -15.43 -19.41
CA PRO B 380 49.31 -15.64 -18.90
C PRO B 380 49.53 -17.09 -18.51
N PRO B 381 50.77 -17.56 -18.50
CA PRO B 381 51.06 -18.88 -17.98
C PRO B 381 51.05 -18.89 -16.46
N PHE B 382 50.89 -20.09 -15.91
CA PHE B 382 50.86 -20.22 -14.47
C PHE B 382 52.23 -19.91 -13.88
N GLY B 383 52.23 -19.57 -12.59
CA GLY B 383 53.45 -19.14 -11.94
C GLY B 383 53.70 -17.65 -12.12
N ASP B 384 54.97 -17.27 -12.05
CA ASP B 384 55.38 -15.88 -12.16
C ASP B 384 55.66 -15.50 -13.61
N SER B 385 55.33 -14.25 -13.96
CA SER B 385 55.52 -13.76 -15.32
C SER B 385 55.49 -12.23 -15.31
N TYR B 386 55.83 -11.64 -16.45
CA TYR B 386 55.92 -10.18 -16.60
C TYR B 386 55.16 -9.74 -17.84
N ILE B 387 54.10 -8.96 -17.62
CA ILE B 387 53.42 -8.30 -18.72
C ILE B 387 54.30 -7.17 -19.21
N VAL B 388 54.68 -7.23 -20.49
CA VAL B 388 55.55 -6.22 -21.09
C VAL B 388 54.85 -5.60 -22.28
N ILE B 389 54.76 -4.27 -22.28
CA ILE B 389 54.13 -3.52 -23.36
C ILE B 389 55.11 -2.44 -23.81
N GLY B 390 55.45 -2.44 -25.09
CA GLY B 390 56.41 -1.51 -25.65
C GLY B 390 57.70 -2.21 -26.06
N VAL B 391 58.54 -1.45 -26.76
CA VAL B 391 59.76 -1.97 -27.37
C VAL B 391 60.96 -1.26 -26.75
N GLY B 392 62.00 -2.04 -26.45
CA GLY B 392 63.28 -1.51 -26.00
C GLY B 392 63.14 -0.69 -24.73
N GLU B 393 63.47 0.59 -24.81
CA GLU B 393 63.36 1.49 -23.67
C GLU B 393 62.09 2.31 -23.77
N LYS B 394 61.70 2.90 -22.64
CA LYS B 394 60.38 3.50 -22.47
C LYS B 394 59.28 2.45 -22.64
N LYS B 395 59.63 1.19 -22.40
CA LYS B 395 58.67 0.12 -22.28
C LYS B 395 58.18 0.02 -20.85
N ILE B 396 57.02 -0.61 -20.67
CA ILE B 396 56.42 -0.77 -19.35
C ILE B 396 56.29 -2.26 -19.04
N THR B 397 56.62 -2.62 -17.81
CA THR B 397 56.59 -4.01 -17.37
C THR B 397 55.82 -4.11 -16.06
N HIS B 398 55.11 -5.21 -15.90
CA HIS B 398 54.31 -5.48 -14.70
C HIS B 398 54.42 -6.95 -14.34
N HIS B 399 54.72 -7.24 -13.07
CA HIS B 399 54.83 -8.61 -12.61
C HIS B 399 53.45 -9.24 -12.47
N TRP B 400 53.37 -10.54 -12.69
CA TRP B 400 52.10 -11.25 -12.56
C TRP B 400 52.29 -12.65 -12.02
N HIS B 401 51.29 -13.10 -11.26
CA HIS B 401 51.24 -14.44 -10.68
C HIS B 401 49.84 -15.02 -10.91
N ARG B 402 49.78 -16.21 -11.46
CA ARG B 402 48.50 -16.82 -11.82
C ARG B 402 48.14 -17.94 -10.84
N SER B 403 46.98 -17.82 -10.21
CA SER B 403 46.41 -18.83 -9.31
C SER B 403 47.40 -19.29 -8.24
N PRO C 2 -51.94 -13.47 -11.31
CA PRO C 2 -51.20 -12.38 -11.95
C PRO C 2 -52.03 -11.68 -13.03
N VAL C 3 -52.12 -10.36 -12.91
CA VAL C 3 -52.89 -9.53 -13.83
C VAL C 3 -52.17 -8.19 -13.98
N LEU C 4 -52.18 -7.65 -15.20
CA LEU C 4 -51.63 -6.32 -15.46
C LEU C 4 -52.64 -5.53 -16.26
N THR C 5 -52.90 -4.28 -15.84
CA THR C 5 -53.97 -3.46 -16.37
C THR C 5 -53.39 -2.21 -17.02
N GLN C 6 -53.56 -2.10 -18.33
CA GLN C 6 -53.29 -0.86 -19.03
C GLN C 6 -54.59 -0.24 -19.52
N PRO C 7 -54.73 1.09 -19.42
CA PRO C 7 -56.03 1.73 -19.70
C PRO C 7 -56.51 1.44 -21.10
N PRO C 8 -57.82 1.50 -21.35
CA PRO C 8 -58.34 1.18 -22.68
C PRO C 8 -57.68 1.95 -23.81
N SER C 9 -57.57 3.26 -23.70
CA SER C 9 -56.88 4.06 -24.72
C SER C 9 -56.75 5.50 -24.24
N LEU C 10 -55.82 6.22 -24.86
CA LEU C 10 -55.74 7.67 -24.75
C LEU C 10 -55.02 8.19 -25.99
N SER C 11 -55.50 9.31 -26.52
CA SER C 11 -54.99 9.90 -27.75
C SER C 11 -53.93 10.94 -27.45
N ALA C 12 -52.85 10.93 -28.25
CA ALA C 12 -51.75 11.85 -28.10
C ALA C 12 -51.42 12.49 -29.44
N SER C 13 -51.05 13.81 -29.41
CA SER C 13 -50.85 14.68 -30.56
C SER C 13 -49.37 14.91 -30.83
N PRO C 14 -49.01 15.17 -32.10
CA PRO C 14 -47.64 15.60 -32.39
C PRO C 14 -47.31 16.92 -31.72
N GLY C 15 -46.01 17.14 -31.50
CA GLY C 15 -45.56 18.29 -30.75
C GLY C 15 -45.55 18.09 -29.26
N ALA C 16 -46.02 16.95 -28.77
CA ALA C 16 -46.05 16.62 -27.35
C ALA C 16 -45.39 15.26 -27.14
N SER C 17 -45.42 14.79 -25.90
CA SER C 17 -44.87 13.50 -25.52
C SER C 17 -45.96 12.66 -24.88
N ALA C 18 -45.93 11.35 -25.12
CA ALA C 18 -46.91 10.43 -24.59
C ALA C 18 -46.23 9.34 -23.78
N ARG C 19 -46.81 9.01 -22.63
CA ARG C 19 -46.38 7.88 -21.83
C ARG C 19 -47.50 6.85 -21.80
N LEU C 20 -47.15 5.60 -22.10
CA LEU C 20 -48.13 4.52 -22.10
C LEU C 20 -47.87 3.62 -20.90
N PRO C 21 -48.77 3.58 -19.92
CA PRO C 21 -48.52 2.82 -18.69
C PRO C 21 -49.01 1.38 -18.77
N CYS C 22 -48.53 0.58 -17.83
CA CYS C 22 -49.02 -0.79 -17.64
C CYS C 22 -48.91 -1.08 -16.14
N THR C 23 -50.00 -0.85 -15.43
CA THR C 23 -50.02 -1.04 -13.98
C THR C 23 -50.02 -2.52 -13.67
N LEU C 24 -48.90 -3.01 -13.13
CA LEU C 24 -48.84 -4.40 -12.71
C LEU C 24 -49.45 -4.58 -11.33
N SER C 25 -49.73 -5.82 -10.99
CA SER C 25 -50.39 -6.14 -9.72
C SER C 25 -49.37 -6.11 -8.58
N SER C 26 -49.78 -6.60 -7.41
CA SER C 26 -48.91 -6.61 -6.24
C SER C 26 -48.11 -7.89 -6.08
N ASP C 27 -48.56 -9.00 -6.69
CA ASP C 27 -47.80 -10.23 -6.61
C ASP C 27 -46.54 -10.22 -7.46
N LEU C 28 -46.37 -9.20 -8.30
CA LEU C 28 -45.17 -9.02 -9.09
C LEU C 28 -44.49 -7.72 -8.68
N SER C 29 -43.17 -7.75 -8.62
CA SER C 29 -42.36 -6.52 -8.49
C SER C 29 -41.93 -6.13 -9.89
N VAL C 30 -42.31 -4.91 -10.31
CA VAL C 30 -42.09 -4.51 -11.69
C VAL C 30 -40.60 -4.35 -11.98
N GLY C 31 -39.80 -4.00 -10.97
CA GLY C 31 -38.39 -3.77 -11.16
C GLY C 31 -37.57 -4.99 -11.53
N SER C 32 -38.17 -6.18 -11.51
CA SER C 32 -37.48 -7.41 -11.84
C SER C 32 -38.20 -8.17 -12.95
N LYS C 33 -38.86 -7.44 -13.85
CA LYS C 33 -39.68 -8.04 -14.89
C LYS C 33 -39.24 -7.57 -16.27
N ASN C 34 -39.14 -8.53 -17.19
CA ASN C 34 -38.88 -8.21 -18.59
C ASN C 34 -40.17 -7.74 -19.25
N MET C 35 -40.13 -6.54 -19.82
CA MET C 35 -41.30 -5.93 -20.45
C MET C 35 -41.22 -6.12 -21.96
N TYR C 36 -42.23 -6.75 -22.54
CA TYR C 36 -42.33 -6.96 -23.97
C TYR C 36 -43.59 -6.23 -24.46
N TRP C 37 -43.39 -5.24 -25.32
CA TRP C 37 -44.48 -4.50 -25.93
C TRP C 37 -44.52 -4.80 -27.42
N TYR C 38 -45.73 -5.03 -27.94
CA TYR C 38 -45.94 -5.42 -29.32
C TYR C 38 -46.79 -4.37 -30.03
N GLN C 39 -46.80 -4.45 -31.36
CA GLN C 39 -47.45 -3.45 -32.21
C GLN C 39 -48.33 -4.16 -33.24
N GLN C 40 -49.63 -3.88 -33.20
CA GLN C 40 -50.59 -4.53 -34.08
C GLN C 40 -51.52 -3.49 -34.68
N LYS C 41 -51.69 -3.54 -36.00
CA LYS C 41 -52.50 -2.62 -36.77
C LYS C 41 -53.80 -3.28 -37.21
N PRO C 42 -54.79 -2.48 -37.66
CA PRO C 42 -56.05 -3.09 -38.12
C PRO C 42 -55.87 -4.16 -39.18
N GLY C 43 -56.16 -5.40 -38.83
CA GLY C 43 -56.08 -6.52 -39.75
C GLY C 43 -54.78 -7.30 -39.65
N SER C 44 -53.66 -6.61 -39.50
CA SER C 44 -52.35 -7.26 -39.55
C SER C 44 -51.97 -7.83 -38.20
N ALA C 45 -51.08 -8.83 -38.22
CA ALA C 45 -50.62 -9.50 -37.02
C ALA C 45 -49.49 -8.70 -36.35
N PRO C 46 -49.39 -8.78 -35.03
CA PRO C 46 -48.40 -7.98 -34.31
C PRO C 46 -46.98 -8.52 -34.46
N ARG C 47 -46.03 -7.59 -34.46
CA ARG C 47 -44.61 -7.90 -34.42
C ARG C 47 -44.00 -7.19 -33.22
N LEU C 48 -42.83 -7.66 -32.80
CA LEU C 48 -42.17 -7.12 -31.62
C LEU C 48 -41.92 -5.63 -31.79
N PHE C 49 -42.27 -4.85 -30.76
CA PHE C 49 -42.13 -3.41 -30.76
C PHE C 49 -41.00 -2.93 -29.85
N LEU C 50 -40.98 -3.37 -28.59
CA LEU C 50 -39.94 -2.96 -27.66
C LEU C 50 -39.72 -4.02 -26.59
N TYR C 51 -38.45 -4.25 -26.26
CA TYR C 51 -38.06 -5.00 -25.07
C TYR C 51 -37.42 -4.04 -24.07
N TYR C 52 -37.78 -4.16 -22.80
CA TYR C 52 -37.23 -3.29 -21.78
C TYR C 52 -37.22 -4.00 -20.44
N TYR C 53 -36.05 -4.06 -19.82
CA TYR C 53 -35.90 -4.37 -18.40
C TYR C 53 -35.34 -3.19 -17.64
N SER C 54 -34.24 -2.63 -18.11
CA SER C 54 -33.68 -1.41 -17.56
C SER C 54 -33.10 -0.60 -18.70
N ASP C 55 -32.67 0.62 -18.38
CA ASP C 55 -32.15 1.52 -19.39
C ASP C 55 -30.84 1.03 -20.01
N SER C 56 -30.15 0.09 -19.35
CA SER C 56 -28.97 -0.53 -19.92
C SER C 56 -29.25 -1.90 -20.50
N ASP C 57 -30.42 -2.47 -20.22
CA ASP C 57 -30.81 -3.81 -20.64
C ASP C 57 -32.03 -3.66 -21.54
N LYS C 58 -31.80 -3.41 -22.83
CA LYS C 58 -32.91 -3.08 -23.72
C LYS C 58 -32.53 -3.43 -25.16
N GLN C 59 -33.58 -3.71 -25.95
CA GLN C 59 -33.45 -3.85 -27.39
C GLN C 59 -34.84 -3.68 -28.00
N LEU C 60 -34.87 -3.20 -29.25
CA LEU C 60 -36.10 -2.90 -29.94
C LEU C 60 -36.27 -3.81 -31.15
N GLY C 61 -37.52 -3.95 -31.59
CA GLY C 61 -37.86 -4.88 -32.65
C GLY C 61 -37.24 -4.53 -33.99
N PRO C 62 -37.36 -5.45 -34.95
CA PRO C 62 -36.78 -5.22 -36.28
C PRO C 62 -37.62 -4.21 -37.07
N GLY C 63 -36.99 -3.12 -37.47
CA GLY C 63 -37.68 -2.09 -38.24
C GLY C 63 -38.40 -1.06 -37.40
N VAL C 64 -37.87 -0.70 -36.23
CA VAL C 64 -38.51 0.28 -35.35
C VAL C 64 -37.54 1.44 -35.13
N PRO C 65 -38.01 2.70 -35.17
CA PRO C 65 -37.08 3.85 -35.06
C PRO C 65 -36.72 4.23 -33.63
N ASN C 66 -35.97 5.32 -33.48
CA ASN C 66 -35.33 5.71 -32.21
C ASN C 66 -36.16 6.68 -31.38
N ARG C 67 -37.47 6.80 -31.63
CA ARG C 67 -38.31 7.67 -30.82
C ARG C 67 -38.88 6.99 -29.59
N VAL C 68 -38.68 5.67 -29.45
CA VAL C 68 -39.29 4.89 -28.39
C VAL C 68 -38.20 4.37 -27.46
N SER C 69 -38.47 4.44 -26.15
CA SER C 69 -37.56 3.97 -25.12
C SER C 69 -38.43 3.42 -23.99
N GLY C 70 -37.85 3.27 -22.79
CA GLY C 70 -38.56 2.69 -21.68
C GLY C 70 -38.40 3.51 -20.41
N SER C 71 -39.25 3.18 -19.44
CA SER C 71 -39.20 3.73 -18.10
C SER C 71 -39.94 2.79 -17.17
N LYS C 72 -39.54 2.78 -15.91
CA LYS C 72 -40.16 1.88 -14.93
C LYS C 72 -39.96 2.45 -13.55
N GLU C 73 -41.06 2.75 -12.86
CA GLU C 73 -41.03 3.33 -11.53
C GLU C 73 -41.65 2.36 -10.54
N THR C 74 -40.87 1.96 -9.53
CA THR C 74 -41.32 0.94 -8.58
C THR C 74 -42.28 1.49 -7.54
N SER C 75 -42.21 2.79 -7.24
CA SER C 75 -43.16 3.40 -6.33
C SER C 75 -44.60 3.26 -6.80
N SER C 76 -44.80 3.04 -8.10
CA SER C 76 -46.12 2.76 -8.65
C SER C 76 -46.29 1.30 -9.05
N ASN C 77 -45.22 0.51 -9.05
CA ASN C 77 -45.26 -0.88 -9.53
C ASN C 77 -45.79 -0.94 -10.96
N THR C 78 -45.40 0.04 -11.78
CA THR C 78 -45.98 0.24 -13.09
C THR C 78 -44.87 0.47 -14.11
N ALA C 79 -44.95 -0.20 -15.25
CA ALA C 79 -44.03 -0.01 -16.35
C ALA C 79 -44.63 0.95 -17.37
N PHE C 80 -43.77 1.64 -18.10
CA PHE C 80 -44.20 2.67 -19.04
C PHE C 80 -43.52 2.45 -20.39
N LEU C 81 -44.30 2.57 -21.45
CA LEU C 81 -43.79 2.53 -22.82
C LEU C 81 -43.60 3.97 -23.29
N LEU C 82 -42.34 4.37 -23.48
CA LEU C 82 -42.02 5.72 -23.92
C LEU C 82 -42.37 5.86 -25.40
N ILE C 83 -43.31 6.74 -25.71
CA ILE C 83 -43.65 7.08 -27.09
C ILE C 83 -43.60 8.60 -27.17
N SER C 84 -42.43 9.14 -27.51
CA SER C 84 -42.22 10.58 -27.61
C SER C 84 -42.04 10.99 -29.05
N GLY C 85 -42.38 12.24 -29.35
CA GLY C 85 -42.38 12.70 -30.73
C GLY C 85 -43.50 12.07 -31.51
N LEU C 86 -44.73 12.41 -31.15
CA LEU C 86 -45.90 11.76 -31.71
C LEU C 86 -46.09 12.12 -33.17
N GLN C 87 -46.75 11.21 -33.90
CA GLN C 87 -47.18 11.42 -35.28
C GLN C 87 -48.47 10.65 -35.48
N PRO C 88 -49.38 11.14 -36.33
CA PRO C 88 -50.66 10.43 -36.53
C PRO C 88 -50.51 9.00 -37.00
N GLU C 89 -49.32 8.59 -37.46
CA GLU C 89 -49.07 7.25 -37.98
C GLU C 89 -48.93 6.18 -36.89
N ASP C 90 -49.31 6.50 -35.66
CA ASP C 90 -49.22 5.57 -34.54
C ASP C 90 -50.34 4.54 -34.52
N GLU C 91 -51.03 4.31 -35.65
CA GLU C 91 -52.21 3.47 -35.63
C GLU C 91 -51.79 2.04 -35.31
N ALA C 92 -51.98 1.65 -34.05
CA ALA C 92 -51.56 0.34 -33.56
C ALA C 92 -52.06 0.16 -32.14
N ASP C 93 -52.46 -1.07 -31.81
CA ASP C 93 -52.83 -1.43 -30.45
C ASP C 93 -51.60 -2.05 -29.78
N TYR C 94 -51.03 -1.34 -28.81
CA TYR C 94 -49.78 -1.74 -28.17
C TYR C 94 -50.09 -2.54 -26.91
N TYR C 95 -49.75 -3.83 -26.94
CA TYR C 95 -50.00 -4.72 -25.81
C TYR C 95 -48.80 -4.76 -24.87
N CYS C 96 -49.08 -5.02 -23.59
CA CYS C 96 -48.09 -5.10 -22.53
C CYS C 96 -48.00 -6.54 -22.06
N GLN C 97 -46.83 -7.15 -22.23
CA GLN C 97 -46.66 -8.58 -21.96
C GLN C 97 -45.49 -8.82 -21.01
N VAL C 98 -45.71 -9.62 -19.98
CA VAL C 98 -44.66 -10.18 -19.14
C VAL C 98 -44.92 -11.68 -19.02
N TYR C 99 -43.90 -12.39 -18.54
CA TYR C 99 -44.01 -13.83 -18.30
C TYR C 99 -44.04 -14.11 -16.81
N ASP C 100 -44.58 -15.28 -16.47
CA ASP C 100 -44.57 -15.77 -15.09
C ASP C 100 -44.51 -17.29 -15.11
N SER C 101 -43.79 -17.86 -14.14
CA SER C 101 -43.78 -19.31 -13.98
C SER C 101 -45.07 -19.85 -13.37
N SER C 102 -46.07 -18.98 -13.19
CA SER C 102 -47.40 -19.39 -12.76
C SER C 102 -48.47 -19.09 -13.81
N ALA C 103 -48.59 -17.84 -14.26
CA ALA C 103 -49.64 -17.47 -15.20
C ALA C 103 -49.27 -17.76 -16.65
N ASN C 104 -47.98 -17.93 -16.93
CA ASN C 104 -47.42 -18.53 -18.13
C ASN C 104 -47.45 -17.67 -19.39
N TRP C 105 -48.24 -16.60 -19.41
CA TRP C 105 -48.10 -15.43 -20.27
C TRP C 105 -49.26 -14.51 -19.91
N VAL C 106 -49.04 -13.19 -19.86
CA VAL C 106 -50.12 -12.27 -19.54
C VAL C 106 -50.03 -11.06 -20.45
N PHE C 107 -51.16 -10.71 -21.08
CA PHE C 107 -51.28 -9.50 -21.87
C PHE C 107 -52.15 -8.50 -21.12
N GLY C 108 -51.87 -7.21 -21.35
CA GLY C 108 -52.69 -6.17 -20.80
C GLY C 108 -54.04 -6.09 -21.50
N GLY C 109 -54.85 -5.13 -21.08
CA GLY C 109 -56.11 -4.88 -21.77
C GLY C 109 -55.91 -4.32 -23.16
N GLY C 110 -54.79 -3.64 -23.38
CA GLY C 110 -54.48 -3.02 -24.65
C GLY C 110 -54.67 -1.51 -24.61
N THR C 111 -53.97 -0.84 -25.53
CA THR C 111 -54.07 0.60 -25.69
C THR C 111 -53.98 0.93 -27.17
N ARG C 112 -55.06 1.48 -27.71
CA ARG C 112 -55.11 1.89 -29.11
C ARG C 112 -54.53 3.29 -29.23
N LEU C 113 -53.35 3.40 -29.86
CA LEU C 113 -52.69 4.68 -30.04
C LEU C 113 -53.46 5.50 -31.07
N THR C 114 -54.25 6.46 -30.57
CA THR C 114 -54.97 7.40 -31.41
C THR C 114 -54.28 8.75 -31.36
N VAL C 115 -54.52 9.58 -32.38
CA VAL C 115 -53.83 10.86 -32.50
C VAL C 115 -54.82 11.91 -32.96
N LEU C 116 -55.00 12.96 -32.16
CA LEU C 116 -55.68 14.16 -32.62
C LEU C 116 -54.66 15.29 -32.70
N VAL D 2 -37.79 -17.88 -43.77
CA VAL D 2 -38.38 -17.86 -42.44
C VAL D 2 -39.84 -17.41 -42.51
N GLN D 3 -40.76 -18.38 -42.51
CA GLN D 3 -42.15 -18.14 -42.85
C GLN D 3 -43.08 -18.90 -41.91
N LEU D 4 -44.24 -18.30 -41.64
CA LEU D 4 -45.25 -18.88 -40.74
C LEU D 4 -46.62 -18.70 -41.37
N VAL D 5 -47.20 -19.78 -41.88
CA VAL D 5 -48.57 -19.79 -42.34
C VAL D 5 -49.34 -20.82 -41.53
N GLU D 6 -50.67 -20.64 -41.47
CA GLU D 6 -51.53 -21.46 -40.64
C GLU D 6 -52.74 -21.92 -41.43
N SER D 7 -53.13 -23.19 -41.23
CA SER D 7 -54.28 -23.77 -41.90
C SER D 7 -55.25 -24.36 -40.88
N GLY D 8 -56.49 -24.58 -41.33
CA GLY D 8 -57.46 -25.33 -40.57
C GLY D 8 -58.61 -24.54 -39.96
N GLY D 9 -58.83 -23.30 -40.36
CA GLY D 9 -59.92 -22.52 -39.82
C GLY D 9 -61.28 -23.01 -40.28
N GLY D 10 -62.30 -22.24 -39.92
CA GLY D 10 -63.65 -22.53 -40.37
C GLY D 10 -64.73 -22.48 -39.31
N LEU D 11 -65.77 -23.28 -39.50
CA LEU D 11 -66.94 -23.30 -38.63
C LEU D 11 -67.03 -24.62 -37.89
N ALA D 12 -67.50 -24.56 -36.64
CA ALA D 12 -67.71 -25.76 -35.84
C ALA D 12 -68.69 -25.42 -34.71
N LYS D 13 -69.81 -26.14 -34.65
CA LYS D 13 -70.81 -25.93 -33.61
C LYS D 13 -70.23 -26.30 -32.25
N PRO D 14 -70.91 -25.97 -31.14
CA PRO D 14 -70.42 -26.44 -29.83
C PRO D 14 -70.32 -27.95 -29.80
N GLY D 15 -69.33 -28.45 -29.06
CA GLY D 15 -69.03 -29.85 -29.02
C GLY D 15 -68.20 -30.38 -30.16
N GLY D 16 -68.20 -29.70 -31.31
CA GLY D 16 -67.39 -30.10 -32.43
C GLY D 16 -65.90 -29.91 -32.16
N SER D 17 -65.09 -30.40 -33.10
CA SER D 17 -63.64 -30.33 -32.96
C SER D 17 -63.02 -29.70 -34.20
N LEU D 18 -61.81 -29.20 -34.02
CA LEU D 18 -61.00 -28.66 -35.10
C LEU D 18 -59.54 -29.03 -34.85
N ARG D 19 -58.76 -29.04 -35.93
CA ARG D 19 -57.34 -29.32 -35.85
C ARG D 19 -56.60 -28.21 -36.60
N LEU D 20 -56.08 -27.23 -35.86
CA LEU D 20 -55.33 -26.15 -36.47
C LEU D 20 -53.90 -26.59 -36.74
N SER D 21 -53.35 -26.16 -37.87
CA SER D 21 -51.97 -26.43 -38.22
C SER D 21 -51.28 -25.11 -38.58
N CYS D 22 -50.02 -24.98 -38.20
CA CYS D 22 -49.18 -23.82 -38.51
C CYS D 22 -47.86 -24.36 -39.04
N ALA D 23 -47.77 -24.46 -40.37
CA ALA D 23 -46.58 -24.99 -41.02
C ALA D 23 -45.48 -23.93 -41.05
N ALA D 24 -44.30 -24.30 -40.56
CA ALA D 24 -43.15 -23.41 -40.53
C ALA D 24 -42.04 -24.01 -41.39
N SER D 25 -41.13 -23.14 -41.83
CA SER D 25 -40.04 -23.58 -42.69
C SER D 25 -38.89 -22.60 -42.55
N GLY D 26 -37.73 -23.00 -43.06
CA GLY D 26 -36.57 -22.15 -43.15
C GLY D 26 -35.61 -22.19 -41.96
N PHE D 27 -36.12 -22.47 -40.76
CA PHE D 27 -35.28 -22.58 -39.58
C PHE D 27 -35.43 -23.96 -38.97
N THR D 28 -34.56 -24.27 -38.01
CA THR D 28 -34.58 -25.55 -37.31
C THR D 28 -35.77 -25.56 -36.37
N PHE D 29 -36.89 -26.14 -36.83
CA PHE D 29 -38.11 -26.13 -36.04
C PHE D 29 -37.96 -26.91 -34.74
N SER D 30 -37.04 -27.88 -34.71
CA SER D 30 -36.82 -28.69 -33.51
C SER D 30 -36.08 -27.95 -32.40
N ASP D 31 -35.82 -26.64 -32.56
CA ASP D 31 -35.05 -25.88 -31.57
C ASP D 31 -35.90 -24.94 -30.74
N TYR D 32 -36.97 -24.40 -31.29
CA TYR D 32 -37.65 -23.24 -30.73
C TYR D 32 -38.87 -23.63 -29.90
N TYR D 33 -39.17 -22.81 -28.90
CA TYR D 33 -40.45 -22.88 -28.21
C TYR D 33 -41.51 -22.18 -29.04
N MET D 34 -42.71 -22.76 -29.06
CA MET D 34 -43.79 -22.26 -29.90
C MET D 34 -45.01 -21.93 -29.04
N ASP D 35 -45.89 -21.08 -29.59
CA ASP D 35 -46.97 -20.51 -28.80
C ASP D 35 -48.19 -20.23 -29.67
N TRP D 36 -49.36 -20.65 -29.19
CA TRP D 36 -50.64 -20.22 -29.75
C TRP D 36 -51.21 -19.11 -28.87
N VAL D 37 -51.78 -18.10 -29.52
CA VAL D 37 -52.43 -17.01 -28.80
C VAL D 37 -53.62 -16.51 -29.62
N ARG D 38 -54.81 -16.53 -29.01
CA ARG D 38 -56.06 -16.23 -29.69
C ARG D 38 -56.53 -14.81 -29.38
N GLN D 39 -57.56 -14.39 -30.11
CA GLN D 39 -58.07 -13.02 -29.97
C GLN D 39 -59.48 -12.97 -30.54
N ALA D 40 -60.47 -12.69 -29.68
CA ALA D 40 -61.82 -12.48 -30.15
C ALA D 40 -61.87 -11.21 -31.02
N PRO D 41 -62.92 -11.06 -31.85
CA PRO D 41 -62.98 -9.87 -32.72
C PRO D 41 -63.12 -8.59 -31.91
N GLY D 42 -62.10 -7.75 -31.98
CA GLY D 42 -62.10 -6.50 -31.26
C GLY D 42 -61.98 -6.63 -29.75
N LYS D 43 -61.48 -7.76 -29.27
CA LYS D 43 -61.31 -8.01 -27.83
C LYS D 43 -59.82 -8.15 -27.53
N GLY D 44 -59.51 -8.28 -26.25
CA GLY D 44 -58.13 -8.34 -25.81
C GLY D 44 -57.41 -9.60 -26.25
N LEU D 45 -56.11 -9.60 -26.01
CA LEU D 45 -55.22 -10.69 -26.41
C LEU D 45 -55.03 -11.65 -25.25
N GLU D 46 -55.17 -12.94 -25.52
CA GLU D 46 -55.11 -13.97 -24.48
C GLU D 46 -54.24 -15.13 -24.97
N TRP D 47 -53.16 -15.41 -24.25
CA TRP D 47 -52.34 -16.58 -24.53
C TRP D 47 -53.16 -17.85 -24.30
N VAL D 48 -52.92 -18.86 -25.14
CA VAL D 48 -53.65 -20.13 -25.08
C VAL D 48 -52.73 -21.28 -24.71
N SER D 49 -51.71 -21.53 -25.52
CA SER D 49 -50.90 -22.74 -25.33
C SER D 49 -49.44 -22.45 -25.67
N ARG D 50 -48.56 -23.17 -24.99
CA ARG D 50 -47.12 -23.10 -25.20
C ARG D 50 -46.57 -24.51 -25.28
N ILE D 51 -45.53 -24.69 -26.09
CA ILE D 51 -44.94 -26.01 -26.29
C ILE D 51 -43.43 -25.86 -26.43
N SER D 52 -42.69 -26.86 -25.95
CA SER D 52 -41.23 -26.84 -25.93
C SER D 52 -40.66 -27.29 -27.28
N ASN D 53 -39.32 -27.36 -27.34
CA ASN D 53 -38.65 -27.64 -28.60
C ASN D 53 -38.89 -29.07 -29.07
N GLY D 54 -38.99 -30.01 -28.13
CA GLY D 54 -39.21 -31.40 -28.49
C GLY D 54 -40.62 -31.86 -28.19
N GLY D 55 -41.41 -30.99 -27.57
CA GLY D 55 -42.76 -31.33 -27.21
C GLY D 55 -42.90 -32.12 -25.92
N GLY D 56 -41.83 -32.29 -25.16
CA GLY D 56 -41.86 -33.07 -23.94
C GLY D 56 -42.53 -32.43 -22.74
N SER D 57 -42.99 -31.18 -22.87
CA SER D 57 -43.69 -30.50 -21.79
C SER D 57 -44.48 -29.36 -22.39
N THR D 58 -45.75 -29.25 -22.02
CA THR D 58 -46.66 -28.29 -22.64
C THR D 58 -47.46 -27.57 -21.57
N TRP D 59 -47.77 -26.30 -21.85
CA TRP D 59 -48.56 -25.47 -20.97
C TRP D 59 -49.76 -24.92 -21.72
N TYR D 60 -50.86 -24.72 -21.00
CA TYR D 60 -52.09 -24.21 -21.58
C TYR D 60 -52.66 -23.13 -20.68
N ALA D 61 -53.49 -22.27 -21.28
CA ALA D 61 -54.22 -21.30 -20.48
C ALA D 61 -55.28 -21.99 -19.64
N ASP D 62 -55.78 -21.26 -18.64
CA ASP D 62 -56.74 -21.86 -17.69
C ASP D 62 -58.03 -22.27 -18.38
N SER D 63 -58.58 -21.41 -19.22
CA SER D 63 -59.87 -21.70 -19.84
C SER D 63 -59.79 -22.80 -20.89
N VAL D 64 -58.70 -23.54 -21.08
CA VAL D 64 -58.56 -24.34 -22.28
C VAL D 64 -58.19 -25.79 -21.97
N LYS D 65 -57.55 -26.02 -20.83
CA LYS D 65 -56.94 -27.31 -20.58
C LYS D 65 -58.00 -28.39 -20.42
N GLY D 66 -57.61 -29.61 -20.76
CA GLY D 66 -58.53 -30.73 -20.83
C GLY D 66 -59.20 -30.91 -22.17
N ARG D 67 -59.28 -29.86 -22.98
CA ARG D 67 -59.88 -29.94 -24.31
C ARG D 67 -58.86 -29.70 -25.42
N PHE D 68 -58.14 -28.57 -25.41
CA PHE D 68 -57.15 -28.32 -26.43
C PHE D 68 -55.86 -29.08 -26.09
N THR D 69 -55.12 -29.44 -27.13
CA THR D 69 -53.89 -30.21 -26.96
C THR D 69 -52.91 -29.80 -28.06
N ILE D 70 -51.92 -29.00 -27.69
CA ILE D 70 -50.88 -28.59 -28.62
C ILE D 70 -49.91 -29.74 -28.83
N SER D 71 -49.38 -29.84 -30.04
CA SER D 71 -48.49 -30.93 -30.39
C SER D 71 -47.51 -30.45 -31.44
N ARG D 72 -46.46 -31.24 -31.65
CA ARG D 72 -45.38 -30.84 -32.56
C ARG D 72 -44.67 -32.10 -33.07
N GLU D 73 -44.67 -32.29 -34.38
CA GLU D 73 -43.76 -33.23 -35.03
C GLU D 73 -42.71 -32.38 -35.74
N ASN D 74 -41.50 -32.36 -35.16
CA ASN D 74 -40.42 -31.54 -35.68
C ASN D 74 -39.91 -32.02 -37.03
N ALA D 75 -40.31 -33.22 -37.48
CA ALA D 75 -39.82 -33.73 -38.75
C ALA D 75 -40.48 -33.03 -39.94
N LYS D 76 -41.77 -32.70 -39.82
CA LYS D 76 -42.48 -32.00 -40.88
C LYS D 76 -42.51 -30.49 -40.67
N ASN D 77 -41.97 -30.00 -39.56
CA ASN D 77 -41.86 -28.57 -39.29
C ASN D 77 -43.22 -27.88 -39.28
N THR D 78 -44.17 -28.49 -38.57
CA THR D 78 -45.52 -27.93 -38.45
C THR D 78 -45.95 -27.95 -36.99
N LEU D 79 -46.82 -27.01 -36.64
CA LEU D 79 -47.32 -26.84 -35.28
C LEU D 79 -48.82 -27.09 -35.28
N TYR D 80 -49.28 -28.01 -34.44
CA TYR D 80 -50.67 -28.41 -34.39
C TYR D 80 -51.35 -27.87 -33.14
N LEU D 81 -52.67 -27.75 -33.22
CA LEU D 81 -53.50 -27.35 -32.08
C LEU D 81 -54.83 -28.10 -32.21
N GLN D 82 -54.95 -29.23 -31.54
CA GLN D 82 -56.14 -30.08 -31.61
C GLN D 82 -57.17 -29.55 -30.63
N MET D 83 -58.17 -28.84 -31.15
CA MET D 83 -59.21 -28.22 -30.33
C MET D 83 -60.39 -29.19 -30.23
N ASN D 84 -60.50 -29.88 -29.11
CA ASN D 84 -61.63 -30.74 -28.82
C ASN D 84 -62.63 -30.00 -27.95
N SER D 85 -63.90 -30.42 -28.03
CA SER D 85 -64.98 -29.90 -27.19
C SER D 85 -65.07 -28.37 -27.28
N LEU D 86 -65.08 -27.87 -28.52
CA LEU D 86 -65.13 -26.43 -28.75
C LEU D 86 -66.40 -25.84 -28.17
N ARG D 87 -66.26 -24.67 -27.53
CA ARG D 87 -67.37 -23.93 -26.97
C ARG D 87 -67.45 -22.54 -27.61
N ALA D 88 -68.45 -21.76 -27.19
CA ALA D 88 -68.77 -20.53 -27.90
C ALA D 88 -67.68 -19.47 -27.74
N GLU D 89 -67.13 -19.31 -26.55
CA GLU D 89 -66.18 -18.24 -26.29
C GLU D 89 -64.80 -18.52 -26.90
N ASP D 90 -64.63 -19.63 -27.60
CA ASP D 90 -63.44 -19.84 -28.42
C ASP D 90 -63.50 -19.06 -29.72
N THR D 91 -64.58 -18.31 -29.96
CA THR D 91 -64.74 -17.54 -31.19
C THR D 91 -63.67 -16.46 -31.26
N ALA D 92 -62.68 -16.65 -32.11
CA ALA D 92 -61.49 -15.81 -32.09
C ALA D 92 -60.65 -16.09 -33.33
N VAL D 93 -59.74 -15.17 -33.61
CA VAL D 93 -58.74 -15.35 -34.65
C VAL D 93 -57.42 -15.74 -33.98
N TYR D 94 -56.80 -16.80 -34.48
CA TYR D 94 -55.66 -17.44 -33.82
C TYR D 94 -54.39 -17.21 -34.61
N TYR D 95 -53.27 -17.04 -33.89
CA TYR D 95 -51.95 -16.95 -34.49
C TYR D 95 -50.99 -17.89 -33.77
N CYS D 96 -50.05 -18.45 -34.53
CA CYS D 96 -48.92 -19.17 -33.96
C CYS D 96 -47.72 -18.22 -33.89
N ALA D 97 -47.11 -18.14 -32.71
CA ALA D 97 -45.98 -17.27 -32.48
C ALA D 97 -44.76 -18.09 -32.07
N ARG D 98 -43.59 -17.69 -32.57
CA ARG D 98 -42.35 -18.34 -32.23
C ARG D 98 -41.73 -17.66 -31.02
N GLU D 99 -41.29 -18.44 -30.05
CA GLU D 99 -40.63 -17.90 -28.87
C GLU D 99 -39.13 -17.82 -29.12
N ARG D 100 -38.52 -16.74 -28.66
CA ARG D 100 -37.19 -16.35 -29.10
C ARG D 100 -36.16 -17.43 -28.78
N TYR D 101 -35.10 -17.45 -29.61
CA TYR D 101 -34.03 -18.43 -29.52
C TYR D 101 -33.40 -18.45 -28.14
N CYS D 102 -33.24 -19.65 -27.58
CA CYS D 102 -32.88 -19.77 -26.17
C CYS D 102 -31.89 -20.89 -25.93
N SER D 103 -30.91 -21.06 -26.84
CA SER D 103 -29.92 -22.13 -26.76
C SER D 103 -29.37 -22.25 -25.35
N GLY D 104 -29.43 -23.46 -24.80
CA GLY D 104 -29.27 -23.55 -23.36
C GLY D 104 -30.64 -23.52 -22.71
N GLY D 105 -31.11 -22.31 -22.43
CA GLY D 105 -32.25 -22.05 -21.58
C GLY D 105 -31.98 -20.74 -20.88
N VAL D 106 -30.78 -20.22 -21.15
CA VAL D 106 -30.22 -19.03 -20.52
C VAL D 106 -29.79 -18.01 -21.57
N CYS D 107 -30.68 -17.65 -22.49
CA CYS D 107 -30.37 -16.80 -23.63
C CYS D 107 -29.70 -15.49 -23.23
N TYR D 108 -29.08 -14.82 -24.22
CA TYR D 108 -28.07 -13.80 -23.96
C TYR D 108 -28.52 -12.72 -23.00
N ALA D 109 -29.83 -12.42 -22.95
CA ALA D 109 -30.35 -11.43 -22.03
C ALA D 109 -31.59 -11.90 -21.29
N GLY D 110 -31.93 -13.19 -21.39
CA GLY D 110 -33.14 -13.72 -20.80
C GLY D 110 -34.38 -13.08 -21.38
N THR D 111 -34.57 -13.17 -22.70
CA THR D 111 -35.68 -12.48 -23.34
C THR D 111 -36.88 -13.40 -23.54
N LYS D 112 -36.72 -14.44 -24.36
CA LYS D 112 -37.77 -15.44 -24.60
C LYS D 112 -39.12 -14.78 -24.88
N TYR D 113 -39.20 -14.03 -25.97
CA TYR D 113 -40.45 -13.37 -26.37
C TYR D 113 -40.90 -13.83 -27.74
N PHE D 114 -42.06 -13.33 -28.17
CA PHE D 114 -42.65 -13.67 -29.46
C PHE D 114 -42.12 -12.69 -30.52
N ASP D 115 -41.14 -13.13 -31.30
CA ASP D 115 -40.60 -12.26 -32.36
C ASP D 115 -41.41 -12.39 -33.65
N TYR D 116 -41.48 -13.60 -34.21
CA TYR D 116 -42.26 -13.86 -35.41
C TYR D 116 -43.66 -14.31 -35.03
N TRP D 117 -44.65 -13.90 -35.81
CA TRP D 117 -46.02 -14.31 -35.59
C TRP D 117 -46.58 -14.95 -36.87
N GLY D 118 -47.60 -15.78 -36.69
CA GLY D 118 -48.30 -16.32 -37.82
C GLY D 118 -49.29 -15.33 -38.40
N GLN D 119 -49.71 -15.59 -39.65
CA GLN D 119 -50.63 -14.69 -40.34
C GLN D 119 -51.94 -14.53 -39.57
N GLY D 120 -52.56 -15.65 -39.20
CA GLY D 120 -53.80 -15.60 -38.46
C GLY D 120 -54.96 -16.26 -39.17
N VAL D 121 -55.56 -17.26 -38.53
CA VAL D 121 -56.78 -17.91 -39.03
C VAL D 121 -57.93 -17.47 -38.15
N LEU D 122 -59.13 -17.47 -38.73
CA LEU D 122 -60.34 -17.15 -37.99
C LEU D 122 -61.06 -18.45 -37.63
N VAL D 123 -61.42 -18.59 -36.36
CA VAL D 123 -62.26 -19.67 -35.88
C VAL D 123 -63.58 -19.07 -35.40
N THR D 124 -64.69 -19.60 -35.89
CA THR D 124 -66.02 -19.18 -35.48
C THR D 124 -66.76 -20.40 -34.97
N VAL D 125 -67.22 -20.33 -33.72
CA VAL D 125 -67.92 -21.44 -33.07
C VAL D 125 -69.35 -21.01 -32.82
N SER D 126 -70.30 -21.82 -33.29
CA SER D 126 -71.72 -21.53 -33.13
C SER D 126 -72.58 -22.77 -33.37
N VAL E 2 20.17 17.46 30.52
CA VAL E 2 20.99 16.63 29.64
C VAL E 2 22.24 17.40 29.17
N GLN E 3 23.35 17.19 29.87
CA GLN E 3 24.58 17.93 29.64
C GLN E 3 25.77 17.00 29.56
N LEU E 4 26.80 17.46 28.85
CA LEU E 4 28.06 16.74 28.69
C LEU E 4 29.20 17.72 28.95
N VAL E 5 30.18 17.27 29.72
CA VAL E 5 31.35 18.10 30.02
C VAL E 5 32.60 17.24 29.84
N GLU E 6 33.67 17.87 29.36
CA GLU E 6 34.94 17.21 29.13
C GLU E 6 35.99 17.70 30.11
N SER E 7 36.93 16.82 30.43
CA SER E 7 38.05 17.11 31.31
C SER E 7 39.32 16.57 30.68
N GLY E 8 40.45 16.84 31.32
CA GLY E 8 41.70 16.23 30.91
C GLY E 8 42.37 16.83 29.69
N GLY E 9 42.18 18.12 29.44
CA GLY E 9 42.94 18.77 28.39
C GLY E 9 44.36 19.00 28.86
N GLY E 10 45.06 19.84 28.12
CA GLY E 10 46.36 20.30 28.55
C GLY E 10 47.40 20.17 27.47
N LEU E 11 48.64 20.35 27.88
CA LEU E 11 49.79 20.41 26.98
C LEU E 11 50.59 19.12 27.12
N ALA E 12 50.78 18.42 26.02
CA ALA E 12 51.57 17.20 25.99
C ALA E 12 52.73 17.35 25.02
N LYS E 13 53.73 16.51 25.17
CA LYS E 13 54.85 16.51 24.25
C LYS E 13 54.72 15.36 23.26
N PRO E 14 55.32 15.48 22.07
CA PRO E 14 55.13 14.45 21.03
C PRO E 14 55.66 13.11 21.50
N GLY E 15 54.75 12.15 21.65
CA GLY E 15 55.07 10.86 22.23
C GLY E 15 54.52 10.64 23.62
N GLY E 16 53.99 11.69 24.25
CA GLY E 16 53.37 11.57 25.55
C GLY E 16 51.93 11.09 25.45
N SER E 17 51.20 11.26 26.54
CA SER E 17 49.83 10.76 26.57
C SER E 17 48.95 11.71 27.37
N LEU E 18 47.67 11.71 27.01
CA LEU E 18 46.63 12.40 27.76
C LEU E 18 45.43 11.49 27.87
N ARG E 19 44.58 11.77 28.86
CA ARG E 19 43.33 11.03 29.05
C ARG E 19 42.19 12.04 29.07
N LEU E 20 41.53 12.20 27.93
CA LEU E 20 40.32 13.00 27.89
C LEU E 20 39.17 12.21 28.52
N SER E 21 38.31 12.91 29.24
CA SER E 21 37.13 12.30 29.83
C SER E 21 35.90 13.11 29.47
N CYS E 22 34.75 12.42 29.36
CA CYS E 22 33.49 13.06 29.02
C CYS E 22 32.46 12.65 30.07
N ALA E 23 32.13 13.58 30.97
CA ALA E 23 31.12 13.35 32.00
C ALA E 23 29.75 13.68 31.46
N ALA E 24 28.82 12.74 31.60
CA ALA E 24 27.49 12.85 31.06
C ALA E 24 26.45 12.70 32.17
N SER E 25 25.39 13.51 32.10
CA SER E 25 24.35 13.48 33.11
C SER E 25 23.06 14.00 32.50
N GLY E 26 21.94 13.39 32.87
CA GLY E 26 20.64 13.77 32.36
C GLY E 26 20.00 12.75 31.44
N PHE E 27 20.67 11.64 31.16
CA PHE E 27 20.12 10.58 30.32
C PHE E 27 20.78 9.27 30.72
N THR E 28 20.15 8.17 30.33
CA THR E 28 20.72 6.85 30.62
C THR E 28 21.93 6.62 29.73
N PHE E 29 23.10 7.05 30.20
CA PHE E 29 24.34 7.01 29.41
C PHE E 29 24.63 5.64 28.81
N SER E 30 24.06 4.58 29.35
CA SER E 30 24.32 3.23 28.85
C SER E 30 23.45 2.85 27.66
N ASP E 31 22.59 3.76 27.18
CA ASP E 31 21.72 3.49 26.05
C ASP E 31 22.13 4.25 24.80
N TYR E 32 23.36 4.77 24.76
CA TYR E 32 23.74 5.69 23.71
C TYR E 32 25.13 5.38 23.17
N TYR E 33 25.24 5.45 21.84
CA TYR E 33 26.53 5.50 21.19
C TYR E 33 27.17 6.86 21.42
N MET E 34 28.49 6.87 21.57
CA MET E 34 29.23 8.11 21.76
C MET E 34 30.30 8.25 20.69
N ASP E 35 30.75 9.48 20.50
CA ASP E 35 31.78 9.80 19.52
C ASP E 35 32.66 10.91 20.06
N TRP E 36 33.90 10.92 19.60
CA TRP E 36 34.79 12.05 19.79
C TRP E 36 35.00 12.70 18.43
N VAL E 37 34.72 14.00 18.36
CA VAL E 37 34.97 14.79 17.16
C VAL E 37 35.97 15.87 17.54
N ARG E 38 36.95 16.11 16.67
CA ARG E 38 37.97 17.11 16.92
C ARG E 38 37.94 18.20 15.85
N GLN E 39 38.56 19.33 16.17
CA GLN E 39 38.62 20.47 15.25
C GLN E 39 39.87 21.27 15.55
N ALA E 40 40.79 21.36 14.59
CA ALA E 40 41.97 22.18 14.76
C ALA E 40 41.57 23.66 14.85
N PRO E 41 42.42 24.51 15.43
CA PRO E 41 42.04 25.92 15.60
C PRO E 41 41.78 26.60 14.26
N GLY E 42 40.54 27.03 14.07
CA GLY E 42 40.17 27.71 12.84
C GLY E 42 40.00 26.81 11.64
N LYS E 43 39.65 25.55 11.84
CA LYS E 43 39.44 24.61 10.75
C LYS E 43 38.12 23.87 10.90
N GLY E 44 37.90 22.85 10.08
CA GLY E 44 36.64 22.13 10.06
C GLY E 44 36.56 21.05 11.12
N LEU E 45 35.49 20.28 11.04
CA LEU E 45 35.24 19.19 11.97
C LEU E 45 35.74 17.88 11.37
N GLU E 46 36.35 17.05 12.22
CA GLU E 46 36.83 15.74 11.82
C GLU E 46 36.46 14.73 12.88
N TRP E 47 35.88 13.61 12.45
CA TRP E 47 35.46 12.55 13.36
C TRP E 47 36.65 11.70 13.77
N VAL E 48 36.75 11.41 15.07
CA VAL E 48 37.92 10.73 15.63
C VAL E 48 37.64 9.26 15.89
N SER E 49 36.67 8.97 16.76
CA SER E 49 36.36 7.60 17.12
C SER E 49 34.90 7.49 17.51
N ARG E 50 34.47 6.26 17.79
CA ARG E 50 33.08 5.92 18.01
C ARG E 50 33.01 4.70 18.92
N ILE E 51 31.97 4.66 19.76
CA ILE E 51 31.82 3.57 20.72
C ILE E 51 30.35 3.22 20.89
N SER E 52 30.08 1.93 21.07
CA SER E 52 28.73 1.45 21.31
C SER E 52 28.34 1.67 22.77
N ASN E 53 27.07 1.38 23.08
CA ASN E 53 26.56 1.62 24.42
C ASN E 53 27.05 0.60 25.43
N GLY E 54 27.54 -0.55 24.97
CA GLY E 54 28.13 -1.54 25.86
C GLY E 54 29.63 -1.42 25.94
N GLY E 55 30.28 -1.17 24.80
CA GLY E 55 31.72 -0.99 24.75
C GLY E 55 32.46 -2.02 23.95
N GLY E 56 31.78 -2.98 23.31
CA GLY E 56 32.47 -4.03 22.59
C GLY E 56 32.49 -3.83 21.10
N SER E 57 32.38 -2.58 20.66
CA SER E 57 32.42 -2.28 19.23
C SER E 57 32.88 -0.83 19.08
N THR E 58 34.09 -0.65 18.57
CA THR E 58 34.68 0.67 18.41
C THR E 58 35.15 0.85 16.98
N TRP E 59 35.13 2.10 16.52
CA TRP E 59 35.60 2.48 15.20
C TRP E 59 36.48 3.71 15.31
N TYR E 60 37.45 3.82 14.41
CA TYR E 60 38.47 4.85 14.48
C TYR E 60 38.75 5.43 13.11
N ALA E 61 38.97 6.73 13.05
CA ALA E 61 39.50 7.34 11.84
C ALA E 61 40.91 6.80 11.58
N ASP E 62 41.27 6.73 10.30
CA ASP E 62 42.55 6.15 9.92
C ASP E 62 43.72 6.88 10.57
N SER E 63 43.64 8.21 10.66
CA SER E 63 44.76 9.02 11.15
C SER E 63 45.02 8.82 12.64
N VAL E 64 44.32 7.88 13.27
CA VAL E 64 44.37 7.77 14.71
C VAL E 64 44.58 6.32 15.15
N LYS E 65 44.36 5.38 14.22
CA LYS E 65 44.39 3.96 14.55
C LYS E 65 45.75 3.57 15.13
N GLY E 66 45.70 2.78 16.19
CA GLY E 66 46.90 2.36 16.87
C GLY E 66 47.37 3.28 17.98
N ARG E 67 46.95 4.55 17.96
CA ARG E 67 47.33 5.49 19.00
C ARG E 67 46.22 5.70 20.02
N PHE E 68 45.05 6.13 19.57
CA PHE E 68 43.97 6.49 20.47
C PHE E 68 43.15 5.28 20.87
N THR E 69 42.67 5.29 22.10
CA THR E 69 41.87 4.20 22.66
C THR E 69 40.57 4.79 23.19
N ILE E 70 39.47 4.52 22.51
CA ILE E 70 38.17 4.93 23.05
C ILE E 70 37.68 3.85 24.00
N SER E 71 36.98 4.28 25.04
CA SER E 71 36.36 3.35 25.99
C SER E 71 35.30 4.10 26.77
N ARG E 72 34.52 3.35 27.53
CA ARG E 72 33.49 3.94 28.36
C ARG E 72 33.25 3.03 29.56
N GLU E 73 33.14 3.63 30.74
CA GLU E 73 32.69 2.93 31.93
C GLU E 73 31.33 3.51 32.30
N ASN E 74 30.28 2.77 31.96
CA ASN E 74 28.92 3.24 32.17
C ASN E 74 28.63 3.53 33.65
N ALA E 75 29.27 2.78 34.55
CA ALA E 75 29.00 2.92 35.97
C ALA E 75 29.31 4.34 36.46
N LYS E 76 30.51 4.82 36.14
CA LYS E 76 30.90 6.19 36.48
C LYS E 76 30.34 7.22 35.50
N ASN E 77 29.48 6.79 34.57
CA ASN E 77 28.77 7.70 33.66
C ASN E 77 29.74 8.49 32.79
N THR E 78 30.83 7.85 32.38
CA THR E 78 31.94 8.56 31.76
C THR E 78 32.40 7.86 30.49
N LEU E 79 32.58 8.65 29.44
CA LEU E 79 33.25 8.24 28.21
C LEU E 79 34.71 8.68 28.28
N TYR E 80 35.60 7.87 27.70
CA TYR E 80 37.02 8.12 27.75
C TYR E 80 37.62 8.16 26.34
N LEU E 81 38.75 8.85 26.23
CA LEU E 81 39.58 8.81 25.02
C LEU E 81 41.04 8.83 25.49
N GLN E 82 41.68 7.67 25.49
CA GLN E 82 43.09 7.57 25.84
C GLN E 82 43.92 7.91 24.60
N MET E 83 44.65 9.02 24.66
CA MET E 83 45.45 9.50 23.56
C MET E 83 46.91 9.17 23.82
N ASN E 84 47.49 8.29 22.99
CA ASN E 84 48.85 7.80 23.18
C ASN E 84 49.74 8.23 22.02
N SER E 85 50.96 8.63 22.35
CA SER E 85 52.00 8.97 21.37
C SER E 85 51.50 10.05 20.40
N LEU E 86 51.25 11.22 20.98
CA LEU E 86 50.63 12.30 20.23
C LEU E 86 51.59 12.85 19.17
N ARG E 87 51.03 13.22 18.02
CA ARG E 87 51.77 13.91 16.97
C ARG E 87 51.30 15.36 16.90
N ALA E 88 52.13 16.22 16.32
CA ALA E 88 51.84 17.66 16.31
C ALA E 88 50.49 17.95 15.67
N GLU E 89 50.07 17.15 14.69
CA GLU E 89 48.80 17.33 14.01
C GLU E 89 47.60 17.01 14.90
N ASP E 90 47.82 16.42 16.08
CA ASP E 90 46.73 16.11 17.01
C ASP E 90 46.26 17.32 17.80
N THR E 91 46.91 18.47 17.66
CA THR E 91 46.48 19.67 18.37
C THR E 91 45.14 20.15 17.83
N ALA E 92 44.13 20.19 18.70
CA ALA E 92 42.77 20.55 18.30
C ALA E 92 41.92 20.67 19.56
N VAL E 93 40.66 21.06 19.35
CA VAL E 93 39.62 20.96 20.36
C VAL E 93 38.88 19.65 20.14
N TYR E 94 38.66 18.89 21.20
CA TYR E 94 38.00 17.58 21.12
C TYR E 94 36.65 17.66 21.83
N TYR E 95 35.58 17.49 21.08
CA TYR E 95 34.23 17.41 21.64
C TYR E 95 33.81 15.95 21.73
N CYS E 96 33.06 15.62 22.78
CA CYS E 96 32.35 14.34 22.83
C CYS E 96 30.91 14.60 22.41
N ALA E 97 30.39 13.74 21.54
CA ALA E 97 29.05 13.88 21.00
C ALA E 97 28.24 12.62 21.28
N ARG E 98 26.94 12.81 21.50
CA ARG E 98 26.01 11.72 21.71
C ARG E 98 25.19 11.52 20.45
N GLU E 99 25.12 10.27 19.99
CA GLU E 99 24.29 10.00 18.82
C GLU E 99 22.81 10.00 19.21
N ARG E 100 21.96 9.84 18.20
CA ARG E 100 20.54 9.63 18.48
C ARG E 100 20.30 8.18 18.87
N TYR E 101 19.30 7.99 19.71
CA TYR E 101 18.99 6.69 20.28
C TYR E 101 18.17 5.85 19.32
N CYS E 102 18.38 4.54 19.38
CA CYS E 102 17.61 3.58 18.60
C CYS E 102 17.13 2.46 19.51
N SER E 103 15.99 1.86 19.15
CA SER E 103 15.32 0.88 20.00
C SER E 103 15.83 -0.53 19.79
N GLY E 104 17.10 -0.66 19.41
CA GLY E 104 17.69 -1.92 18.98
C GLY E 104 18.74 -1.64 17.93
N GLY E 105 18.59 -2.22 16.75
CA GLY E 105 19.41 -1.85 15.62
C GLY E 105 18.76 -0.78 14.76
N VAL E 106 17.44 -0.91 14.56
CA VAL E 106 16.69 0.00 13.70
C VAL E 106 15.94 1.03 14.54
N CYS E 107 15.63 2.17 13.91
CA CYS E 107 14.99 3.29 14.57
C CYS E 107 13.95 3.90 13.64
N TYR E 108 13.18 4.84 14.15
CA TYR E 108 12.24 5.58 13.30
C TYR E 108 13.03 6.56 12.44
N ALA E 109 12.92 6.41 11.13
CA ALA E 109 13.64 7.14 10.08
C ALA E 109 15.11 6.74 9.98
N GLY E 110 15.59 5.84 10.84
CA GLY E 110 16.98 5.43 10.80
C GLY E 110 17.97 6.55 11.07
N THR E 111 17.55 7.59 11.82
CA THR E 111 18.42 8.72 12.07
C THR E 111 19.40 8.40 13.19
N LYS E 112 20.65 8.82 13.01
CA LYS E 112 21.68 8.58 14.01
C LYS E 112 22.58 9.79 14.17
N TYR E 113 22.03 10.99 13.96
CA TYR E 113 22.82 12.22 14.03
C TYR E 113 23.31 12.47 15.45
N PHE E 114 24.10 13.53 15.61
CA PHE E 114 24.74 13.82 16.90
C PHE E 114 23.81 14.72 17.71
N ASP E 115 23.16 14.12 18.70
CA ASP E 115 22.16 14.83 19.50
C ASP E 115 22.76 16.04 20.18
N TYR E 116 23.70 15.80 21.10
CA TYR E 116 24.26 16.83 21.96
C TYR E 116 25.79 16.76 21.90
N TRP E 117 26.42 17.93 22.00
CA TRP E 117 27.87 18.05 22.00
C TRP E 117 28.34 18.62 23.33
N GLY E 118 29.50 18.16 23.77
CA GLY E 118 30.12 18.72 24.96
C GLY E 118 30.69 20.10 24.73
N GLN E 119 31.33 20.64 25.76
CA GLN E 119 31.89 21.98 25.67
C GLN E 119 33.18 22.00 24.87
N GLY E 120 33.98 20.97 24.99
CA GLY E 120 35.25 20.88 24.26
C GLY E 120 36.43 21.11 25.18
N VAL E 121 37.48 20.32 24.97
CA VAL E 121 38.75 20.50 25.65
C VAL E 121 39.81 20.77 24.59
N LEU E 122 40.70 21.71 24.88
CA LEU E 122 41.83 22.00 24.01
C LEU E 122 42.99 21.07 24.33
N VAL E 123 43.54 20.45 23.30
CA VAL E 123 44.74 19.62 23.41
C VAL E 123 45.82 20.24 22.54
N THR E 124 46.91 20.66 23.17
CA THR E 124 48.06 21.19 22.46
C THR E 124 49.23 20.25 22.66
N VAL E 125 49.88 19.86 21.56
CA VAL E 125 51.08 19.04 21.62
C VAL E 125 52.19 19.77 20.87
N SER E 126 53.33 19.92 21.52
CA SER E 126 54.48 20.66 21.00
C SER E 126 55.64 20.45 21.96
N SER E 127 56.85 20.46 21.40
CA SER E 127 58.03 20.23 22.23
C SER E 127 58.36 21.39 23.15
N ALA E 128 57.66 22.52 23.01
CA ALA E 128 57.95 23.71 23.81
C ALA E 128 57.53 23.51 25.26
N SER E 129 58.27 24.15 26.17
CA SER E 129 57.95 24.09 27.59
C SER E 129 56.86 25.08 27.93
N THR E 130 56.29 24.91 29.13
CA THR E 130 55.25 25.80 29.61
C THR E 130 55.86 27.10 30.13
N LYS E 131 55.13 28.20 29.94
CA LYS E 131 55.44 29.48 30.58
C LYS E 131 54.18 30.02 31.23
N GLY E 132 54.30 30.42 32.49
CA GLY E 132 53.21 31.07 33.18
C GLY E 132 53.22 32.56 32.87
N PRO E 133 52.05 33.18 32.92
CA PRO E 133 51.95 34.59 32.53
C PRO E 133 52.34 35.54 33.65
N SER E 134 52.77 36.73 33.25
CA SER E 134 52.94 37.85 34.17
C SER E 134 51.71 38.74 34.03
N VAL E 135 51.02 38.98 35.13
CA VAL E 135 49.76 39.72 35.12
C VAL E 135 50.02 41.14 35.59
N PHE E 136 49.80 42.11 34.71
CA PHE E 136 49.99 43.52 35.01
C PHE E 136 48.68 44.29 34.89
N PRO E 137 48.45 45.28 35.74
CA PRO E 137 47.23 46.09 35.63
C PRO E 137 47.33 47.12 34.52
N LEU E 138 46.18 47.41 33.93
CA LEU E 138 46.03 48.47 32.94
C LEU E 138 45.10 49.52 33.54
N ALA E 139 45.67 50.64 33.98
CA ALA E 139 44.95 51.64 34.75
C ALA E 139 44.31 52.70 33.84
N PRO E 140 43.28 53.41 34.33
CA PRO E 140 42.68 54.49 33.53
C PRO E 140 43.62 55.69 33.33
N SER E 141 43.12 56.72 32.66
CA SER E 141 43.96 57.75 32.04
C SER E 141 43.87 59.12 32.73
N SER E 142 43.84 59.13 34.07
CA SER E 142 43.95 60.36 34.86
C SER E 142 42.81 61.34 34.61
N ARG E 143 41.68 60.87 34.09
CA ARG E 143 40.50 61.72 33.86
C ARG E 143 39.28 60.84 34.12
N SER E 144 38.80 60.88 35.37
CA SER E 144 37.85 59.84 35.82
C SER E 144 36.41 60.16 35.44
N THR E 145 35.83 61.20 36.04
CA THR E 145 34.45 61.60 35.76
C THR E 145 34.43 62.79 34.80
N SER E 146 35.04 62.58 33.64
CA SER E 146 35.12 63.59 32.58
C SER E 146 34.25 63.24 31.39
N GLU E 147 34.37 62.02 30.89
CA GLU E 147 33.56 61.48 29.82
C GLU E 147 32.48 60.56 30.42
N SER E 148 31.79 59.82 29.56
CA SER E 148 30.71 58.94 29.99
C SER E 148 31.16 57.99 31.09
N THR E 149 32.22 57.22 30.82
CA THR E 149 32.67 56.17 31.74
C THR E 149 34.19 56.12 31.71
N ALA E 150 34.76 55.08 32.32
CA ALA E 150 36.20 54.87 32.36
C ALA E 150 36.48 53.39 32.16
N ALA E 151 37.65 53.10 31.58
CA ALA E 151 37.99 51.74 31.18
C ALA E 151 39.35 51.37 31.75
N LEU E 152 39.38 50.32 32.58
CA LEU E 152 40.61 49.72 33.09
C LEU E 152 40.66 48.26 32.68
N GLY E 153 41.84 47.66 32.84
CA GLY E 153 42.01 46.30 32.36
C GLY E 153 43.15 45.55 33.02
N CYS E 154 43.55 44.46 32.35
CA CYS E 154 44.56 43.53 32.85
C CYS E 154 45.37 43.00 31.68
N LEU E 155 46.69 43.00 31.82
CA LEU E 155 47.59 42.45 30.82
C LEU E 155 48.12 41.12 31.29
N VAL E 156 47.96 40.09 30.46
CA VAL E 156 48.41 38.73 30.75
C VAL E 156 49.50 38.41 29.74
N LYS E 157 50.76 38.44 30.19
CA LYS E 157 51.91 38.55 29.30
C LYS E 157 52.76 37.28 29.28
N ASP E 158 53.06 36.78 28.08
CA ASP E 158 54.09 35.77 27.82
C ASP E 158 53.82 34.46 28.57
N TYR E 159 52.74 33.80 28.15
CA TYR E 159 52.42 32.45 28.61
C TYR E 159 52.33 31.53 27.41
N PHE E 160 52.96 30.34 27.48
CA PHE E 160 52.93 29.52 26.28
C PHE E 160 51.58 28.87 25.99
N PRO E 161 51.09 27.92 26.80
CA PRO E 161 49.97 27.11 26.30
C PRO E 161 48.60 27.73 26.56
N GLU E 162 47.84 27.96 25.48
CA GLU E 162 46.44 28.33 25.64
C GLU E 162 45.72 27.22 26.40
N PRO E 163 44.67 27.55 27.17
CA PRO E 163 44.06 28.87 27.32
C PRO E 163 44.33 29.57 28.65
N VAL E 164 43.99 30.85 28.70
CA VAL E 164 43.97 31.64 29.92
C VAL E 164 42.53 32.09 30.17
N THR E 165 42.08 31.97 31.41
CA THR E 165 40.74 32.36 31.81
C THR E 165 40.80 33.59 32.70
N VAL E 166 39.96 34.58 32.41
CA VAL E 166 39.93 35.84 33.15
C VAL E 166 38.49 36.14 33.55
N SER E 167 38.29 36.46 34.81
CA SER E 167 37.06 37.05 35.31
C SER E 167 37.42 38.24 36.18
N TRP E 168 36.42 39.05 36.53
CA TRP E 168 36.64 40.25 37.31
C TRP E 168 35.84 40.19 38.61
N ASN E 169 36.48 40.61 39.70
CA ASN E 169 35.86 40.70 41.03
C ASN E 169 35.26 39.36 41.46
N SER E 170 36.05 38.30 41.29
CA SER E 170 35.66 36.95 41.71
C SER E 170 34.32 36.54 41.11
N GLY E 171 34.11 36.93 39.85
CA GLY E 171 32.88 36.62 39.14
C GLY E 171 31.72 37.56 39.40
N SER E 172 31.81 38.41 40.43
CA SER E 172 30.71 39.31 40.77
C SER E 172 30.55 40.46 39.79
N LEU E 173 31.36 40.53 38.74
CA LEU E 173 31.31 41.64 37.78
C LEU E 173 31.49 41.09 36.38
N THR E 174 30.45 41.22 35.55
CA THR E 174 30.49 40.74 34.18
C THR E 174 29.99 41.74 33.14
N SER E 175 29.18 42.73 33.52
CA SER E 175 28.68 43.69 32.56
C SER E 175 29.80 44.57 32.04
N GLY E 176 29.92 44.64 30.71
CA GLY E 176 30.93 45.48 30.10
C GLY E 176 32.33 44.94 30.15
N VAL E 177 32.50 43.65 30.41
CA VAL E 177 33.81 43.02 30.46
C VAL E 177 34.11 42.42 29.10
N HIS E 178 35.22 42.84 28.49
CA HIS E 178 35.62 42.34 27.18
C HIS E 178 37.04 41.80 27.30
N THR E 179 37.17 40.47 27.25
CA THR E 179 38.46 39.81 27.21
C THR E 179 38.82 39.52 25.76
N PHE E 180 40.01 39.96 25.34
CA PHE E 180 40.36 39.85 23.94
C PHE E 180 41.04 38.52 23.65
N PRO E 181 40.82 37.98 22.46
CA PRO E 181 41.60 36.81 22.03
C PRO E 181 43.08 37.14 22.00
N ALA E 182 43.88 36.12 22.28
CA ALA E 182 45.29 36.32 22.55
C ALA E 182 46.09 36.53 21.26
N VAL E 183 47.12 37.35 21.37
CA VAL E 183 48.09 37.50 20.29
C VAL E 183 49.12 36.38 20.40
N LEU E 184 49.54 35.84 19.27
CA LEU E 184 50.59 34.82 19.24
C LEU E 184 51.88 35.51 18.82
N GLN E 185 52.69 35.90 19.80
CA GLN E 185 53.91 36.64 19.53
C GLN E 185 54.93 35.75 18.81
N SER E 186 55.89 36.41 18.15
CA SER E 186 56.87 35.69 17.34
C SER E 186 57.75 34.77 18.19
N SER E 187 57.90 35.09 19.47
CA SER E 187 58.67 34.25 20.39
C SER E 187 57.96 32.98 20.76
N GLY E 188 56.86 32.62 20.09
CA GLY E 188 56.11 31.43 20.40
C GLY E 188 55.11 31.57 21.53
N LEU E 189 55.29 32.54 22.41
CA LEU E 189 54.41 32.74 23.56
C LEU E 189 53.21 33.61 23.19
N TYR E 190 52.12 33.41 23.92
CA TYR E 190 50.91 34.21 23.73
C TYR E 190 50.86 35.37 24.73
N SER E 191 49.97 36.32 24.45
CA SER E 191 49.69 37.42 25.35
C SER E 191 48.22 37.77 25.24
N LEU E 192 47.60 38.07 26.39
CA LEU E 192 46.18 38.33 26.47
C LEU E 192 45.94 39.65 27.18
N SER E 193 44.81 40.28 26.88
CA SER E 193 44.42 41.52 27.54
C SER E 193 42.91 41.53 27.73
N SER E 194 42.49 41.93 28.92
CA SER E 194 41.06 41.97 29.26
C SER E 194 40.75 43.29 29.95
N VAL E 195 39.76 44.00 29.45
CA VAL E 195 39.36 45.30 30.00
C VAL E 195 37.88 45.28 30.34
N VAL E 196 37.50 46.11 31.31
CA VAL E 196 36.11 46.30 31.68
C VAL E 196 35.85 47.80 31.79
N THR E 197 34.81 48.28 31.11
CA THR E 197 34.38 49.66 31.25
C THR E 197 33.57 49.80 32.53
N VAL E 198 34.04 50.68 33.42
CA VAL E 198 33.38 50.89 34.71
C VAL E 198 32.71 52.26 34.69
N PRO E 199 31.72 52.51 35.55
CA PRO E 199 31.17 53.86 35.65
C PRO E 199 32.26 54.88 35.96
N SER E 200 32.06 56.10 35.46
CA SER E 200 33.11 57.12 35.55
C SER E 200 33.46 57.44 37.00
N SER E 201 32.46 57.56 37.86
CA SER E 201 32.67 57.95 39.26
C SER E 201 32.81 56.76 40.20
N SER E 202 32.57 55.53 39.73
CA SER E 202 32.69 54.34 40.58
C SER E 202 34.13 53.97 40.90
N LEU E 203 35.08 54.84 40.56
CA LEU E 203 36.49 54.55 40.81
C LEU E 203 36.87 54.71 42.28
N GLY E 204 36.16 55.56 43.01
CA GLY E 204 36.50 55.81 44.41
C GLY E 204 36.11 54.71 45.36
N THR E 205 34.84 54.31 45.35
CA THR E 205 34.33 53.34 46.31
C THR E 205 34.57 51.91 45.88
N GLN E 206 34.24 51.58 44.62
CA GLN E 206 34.40 50.23 44.12
C GLN E 206 35.85 49.97 43.72
N THR E 207 36.42 48.88 44.23
CA THR E 207 37.77 48.45 43.91
C THR E 207 37.71 47.25 42.95
N TYR E 208 38.61 47.25 41.96
CA TYR E 208 38.57 46.30 40.87
C TYR E 208 39.78 45.38 40.92
N VAL E 209 39.53 44.07 40.91
CA VAL E 209 40.57 43.06 40.84
C VAL E 209 40.19 42.08 39.74
N CYS E 210 41.18 41.73 38.90
CA CYS E 210 40.99 40.75 37.85
C CYS E 210 41.67 39.45 38.27
N ASN E 211 40.97 38.34 38.05
CA ASN E 211 41.43 37.01 38.45
C ASN E 211 41.87 36.25 37.20
N VAL E 212 43.16 35.96 37.11
CA VAL E 212 43.73 35.20 36.01
C VAL E 212 44.07 33.80 36.50
N ASN E 213 43.58 32.79 35.79
CA ASN E 213 43.95 31.41 36.05
C ASN E 213 44.45 30.78 34.76
N HIS E 214 45.61 30.13 34.84
CA HIS E 214 46.24 29.43 33.73
C HIS E 214 46.61 28.04 34.21
N LYS E 215 45.82 27.03 33.82
CA LYS E 215 45.96 25.71 34.45
C LYS E 215 47.22 24.97 34.01
N PRO E 216 47.57 24.89 32.72
CA PRO E 216 48.76 24.09 32.35
C PRO E 216 50.06 24.53 33.03
N SER E 217 50.13 25.73 33.60
CA SER E 217 51.27 26.12 34.40
C SER E 217 50.91 26.29 35.87
N ASN E 218 49.65 26.09 36.24
CA ASN E 218 49.17 26.24 37.62
C ASN E 218 49.46 27.64 38.16
N THR E 219 49.03 28.65 37.39
CA THR E 219 49.17 30.05 37.77
C THR E 219 47.80 30.61 38.10
N LYS E 220 47.62 31.05 39.35
CA LYS E 220 46.39 31.70 39.80
C LYS E 220 46.79 33.00 40.47
N VAL E 221 46.48 34.13 39.82
CA VAL E 221 46.96 35.44 40.22
C VAL E 221 45.78 36.38 40.40
N ASP E 222 45.87 37.26 41.39
CA ASP E 222 44.89 38.32 41.63
C ASP E 222 45.66 39.63 41.72
N LYS E 223 45.76 40.34 40.60
CA LYS E 223 46.39 41.65 40.57
C LYS E 223 45.27 42.69 40.41
N ARG E 224 45.05 43.48 41.46
CA ARG E 224 43.98 44.46 41.45
C ARG E 224 44.48 45.77 40.86
N VAL E 225 43.59 46.45 40.13
CA VAL E 225 43.95 47.59 39.31
C VAL E 225 43.77 48.88 40.11
N GLU E 226 44.83 49.68 40.16
CA GLU E 226 44.84 50.96 40.85
C GLU E 226 45.37 52.03 39.91
N ILE E 227 45.09 53.29 40.23
CA ILE E 227 45.53 54.43 39.42
C ILE E 227 47.05 54.55 39.40
N PRO F 2 34.76 8.69 0.19
CA PRO F 2 33.62 9.62 0.10
C PRO F 2 33.96 10.98 0.69
N VAL F 3 33.63 12.05 -0.03
CA VAL F 3 33.91 13.40 0.43
C VAL F 3 32.68 14.26 0.23
N LEU F 4 32.56 15.30 1.04
CA LEU F 4 31.46 16.26 0.97
C LEU F 4 32.04 17.64 0.71
N THR F 5 31.69 18.23 -0.44
CA THR F 5 32.22 19.52 -0.84
C THR F 5 31.25 20.62 -0.42
N GLN F 6 31.79 21.69 0.15
CA GLN F 6 31.02 22.85 0.55
C GLN F 6 31.78 24.12 0.18
N PRO F 7 31.09 25.13 -0.31
CA PRO F 7 31.72 26.43 -0.55
C PRO F 7 32.23 27.03 0.75
N PRO F 8 33.50 27.47 0.77
CA PRO F 8 34.06 27.99 2.04
C PRO F 8 33.30 29.18 2.60
N SER F 9 32.85 30.09 1.73
CA SER F 9 32.05 31.24 2.12
C SER F 9 30.84 31.37 1.21
N LEU F 10 29.70 31.72 1.79
CA LEU F 10 28.48 32.04 1.06
C LEU F 10 27.86 33.28 1.67
N SER F 11 27.49 34.23 0.81
CA SER F 11 26.83 35.45 1.23
C SER F 11 25.41 35.47 0.69
N ALA F 12 24.47 35.90 1.52
CA ALA F 12 23.07 35.96 1.10
C ALA F 12 22.41 37.17 1.74
N SER F 13 21.61 37.87 0.94
CA SER F 13 21.07 39.16 1.32
C SER F 13 20.09 39.03 2.49
N PRO F 14 19.95 40.06 3.31
CA PRO F 14 19.09 39.95 4.50
C PRO F 14 17.61 39.90 4.13
N GLY F 15 16.87 39.04 4.83
CA GLY F 15 15.48 38.81 4.57
C GLY F 15 15.19 37.78 3.50
N ALA F 16 16.16 37.51 2.62
CA ALA F 16 16.03 36.59 1.51
C ALA F 16 16.37 35.17 1.99
N SER F 17 16.54 34.23 1.06
CA SER F 17 16.90 32.86 1.39
C SER F 17 18.36 32.61 1.08
N ALA F 18 18.97 31.74 1.89
CA ALA F 18 20.34 31.27 1.69
C ALA F 18 20.31 29.78 1.39
N ARG F 19 20.75 29.40 0.19
CA ARG F 19 20.81 28.00 -0.22
C ARG F 19 22.26 27.53 -0.03
N LEU F 20 22.54 26.96 1.14
CA LEU F 20 23.86 26.40 1.40
C LEU F 20 23.97 25.01 0.79
N PRO F 21 24.85 24.80 -0.17
CA PRO F 21 24.94 23.50 -0.85
C PRO F 21 25.94 22.56 -0.21
N CYS F 22 25.82 21.28 -0.58
CA CYS F 22 26.72 20.24 -0.09
C CYS F 22 26.71 19.11 -1.12
N THR F 23 27.77 19.04 -1.94
CA THR F 23 27.81 18.10 -3.04
C THR F 23 28.53 16.82 -2.61
N LEU F 24 27.84 15.69 -2.73
CA LEU F 24 28.40 14.40 -2.37
C LEU F 24 29.34 13.90 -3.45
N SER F 25 30.25 13.02 -3.03
CA SER F 25 31.24 12.44 -3.92
C SER F 25 30.56 11.52 -4.95
N SER F 26 31.35 11.01 -5.88
CA SER F 26 30.81 10.25 -7.01
C SER F 26 30.17 8.94 -6.58
N ASP F 27 30.58 8.39 -5.44
CA ASP F 27 30.16 7.06 -5.01
C ASP F 27 28.92 7.07 -4.11
N LEU F 28 28.35 8.24 -3.84
CA LEU F 28 27.13 8.33 -3.05
C LEU F 28 26.01 8.92 -3.89
N SER F 29 24.78 8.65 -3.47
CA SER F 29 23.58 9.22 -4.09
C SER F 29 22.83 10.01 -3.04
N VAL F 30 22.60 11.30 -3.32
CA VAL F 30 21.86 12.14 -2.39
C VAL F 30 20.46 11.60 -2.14
N GLY F 31 19.89 10.91 -3.12
CA GLY F 31 18.52 10.43 -2.98
C GLY F 31 18.34 9.51 -1.78
N SER F 32 19.36 8.71 -1.46
CA SER F 32 19.25 7.71 -0.41
C SER F 32 20.21 7.97 0.76
N LYS F 33 20.45 9.25 1.06
CA LYS F 33 21.29 9.64 2.19
C LYS F 33 20.49 10.43 3.21
N ASN F 34 20.75 10.13 4.48
CA ASN F 34 20.28 10.96 5.58
C ASN F 34 21.26 12.11 5.74
N MET F 35 20.84 13.32 5.37
CA MET F 35 21.69 14.48 5.45
C MET F 35 21.55 15.11 6.83
N TYR F 36 22.68 15.33 7.50
CA TYR F 36 22.70 15.95 8.82
C TYR F 36 23.41 17.29 8.72
N TRP F 37 22.76 18.32 9.24
CA TRP F 37 23.28 19.68 9.18
C TRP F 37 23.52 20.18 10.60
N TYR F 38 24.70 20.78 10.81
CA TYR F 38 25.06 21.34 12.10
C TYR F 38 25.40 22.81 11.93
N GLN F 39 25.15 23.57 13.00
CA GLN F 39 25.45 24.98 13.07
C GLN F 39 26.47 25.21 14.18
N GLN F 40 27.50 25.98 13.88
CA GLN F 40 28.53 26.32 14.86
C GLN F 40 28.78 27.81 14.83
N LYS F 41 28.52 28.48 15.94
CA LYS F 41 28.81 29.90 16.12
C LYS F 41 30.14 30.07 16.86
N PRO F 42 30.75 31.25 16.78
CA PRO F 42 32.10 31.42 17.35
C PRO F 42 32.18 31.06 18.84
N GLY F 43 33.25 30.37 19.21
CA GLY F 43 33.53 30.05 20.59
C GLY F 43 32.70 28.95 21.19
N SER F 44 31.73 28.40 20.47
CA SER F 44 30.82 27.40 21.02
C SER F 44 30.83 26.14 20.16
N ALA F 45 30.42 25.04 20.77
CA ALA F 45 30.40 23.76 20.09
C ALA F 45 29.24 23.69 19.11
N PRO F 46 29.34 22.85 18.08
CA PRO F 46 28.22 22.70 17.15
C PRO F 46 26.99 22.13 17.85
N ARG F 47 25.85 22.26 17.16
CA ARG F 47 24.60 21.67 17.60
C ARG F 47 23.82 21.27 16.37
N LEU F 48 22.93 20.30 16.54
CA LEU F 48 22.15 19.82 15.41
C LEU F 48 21.24 20.92 14.88
N PHE F 49 21.30 21.15 13.58
CA PHE F 49 20.50 22.16 12.89
C PHE F 49 19.38 21.56 12.08
N LEU F 50 19.65 20.51 11.30
CA LEU F 50 18.62 19.91 10.46
C LEU F 50 18.99 18.48 10.10
N TYR F 51 18.04 17.55 10.26
CA TYR F 51 18.10 16.25 9.62
C TYR F 51 17.21 16.31 8.38
N TYR F 52 17.76 15.93 7.24
CA TYR F 52 17.00 15.96 6.01
C TYR F 52 17.25 14.71 5.18
N TYR F 53 16.18 14.09 4.76
CA TYR F 53 16.20 13.03 3.76
C TYR F 53 15.20 13.28 2.63
N SER F 54 14.04 13.85 2.95
CA SER F 54 13.04 14.18 1.93
C SER F 54 12.09 15.19 2.54
N ASP F 55 11.22 15.74 1.70
CA ASP F 55 10.29 16.74 2.20
C ASP F 55 9.23 16.13 3.12
N SER F 56 9.00 14.82 3.04
CA SER F 56 8.15 14.12 3.99
C SER F 56 8.95 13.38 5.05
N ASP F 57 10.27 13.60 5.09
CA ASP F 57 11.15 12.96 6.06
C ASP F 57 12.23 13.97 6.44
N LYS F 58 11.97 14.74 7.49
CA LYS F 58 12.86 15.81 7.93
C LYS F 58 12.68 16.03 9.42
N GLN F 59 13.58 16.84 9.99
CA GLN F 59 13.58 17.06 11.43
C GLN F 59 14.36 18.33 11.75
N LEU F 60 13.74 19.26 12.47
CA LEU F 60 14.44 20.44 12.93
C LEU F 60 15.23 20.13 14.20
N GLY F 61 16.42 20.71 14.32
CA GLY F 61 17.20 20.61 15.52
C GLY F 61 16.54 21.36 16.65
N PRO F 62 16.97 21.10 17.88
CA PRO F 62 16.36 21.79 19.05
C PRO F 62 16.47 23.30 18.93
N GLY F 63 15.34 23.98 19.07
CA GLY F 63 15.29 25.42 19.06
C GLY F 63 15.44 26.07 17.70
N VAL F 64 15.57 25.28 16.63
CA VAL F 64 15.78 25.85 15.30
C VAL F 64 14.45 26.38 14.77
N PRO F 65 14.41 27.60 14.21
CA PRO F 65 13.13 28.18 13.78
C PRO F 65 12.45 27.39 12.67
N ASN F 66 11.23 27.80 12.30
CA ASN F 66 10.47 27.12 11.25
C ASN F 66 10.76 27.64 9.86
N ARG F 67 11.69 28.59 9.72
CA ARG F 67 12.03 29.16 8.43
C ARG F 67 13.12 28.38 7.71
N VAL F 68 13.53 27.24 8.25
CA VAL F 68 14.65 26.47 7.71
C VAL F 68 14.12 25.15 7.18
N SER F 69 14.68 24.71 6.05
CA SER F 69 14.34 23.42 5.49
C SER F 69 15.53 22.92 4.67
N GLY F 70 15.32 21.80 3.98
CA GLY F 70 16.33 21.24 3.12
C GLY F 70 15.74 20.83 1.78
N SER F 71 16.63 20.48 0.85
CA SER F 71 16.23 19.98 -0.45
C SER F 71 17.41 19.22 -1.04
N LYS F 72 17.12 18.45 -2.08
CA LYS F 72 18.13 17.70 -2.82
C LYS F 72 17.91 17.89 -4.30
N GLU F 73 19.00 18.05 -5.04
CA GLU F 73 18.95 18.05 -6.51
C GLU F 73 19.71 16.80 -6.94
N THR F 74 18.96 15.77 -7.34
CA THR F 74 19.57 14.51 -7.74
C THR F 74 20.44 14.68 -8.98
N SER F 75 20.20 15.71 -9.79
CA SER F 75 20.93 15.89 -11.04
C SER F 75 22.36 16.39 -10.83
N SER F 76 22.67 16.95 -9.66
CA SER F 76 24.02 17.40 -9.35
C SER F 76 24.59 16.72 -8.11
N ASN F 77 23.85 15.75 -7.55
CA ASN F 77 24.29 14.99 -6.38
C ASN F 77 24.60 15.92 -5.21
N THR F 78 23.66 16.82 -4.93
CA THR F 78 23.88 17.92 -4.00
C THR F 78 22.71 18.05 -3.04
N ALA F 79 23.02 18.21 -1.76
CA ALA F 79 22.04 18.57 -0.75
C ALA F 79 22.08 20.08 -0.51
N PHE F 80 20.96 20.64 -0.08
CA PHE F 80 20.84 22.07 0.16
C PHE F 80 20.25 22.33 1.53
N LEU F 81 20.88 23.24 2.28
CA LEU F 81 20.32 23.77 3.51
C LEU F 81 19.69 25.11 3.21
N LEU F 82 18.38 25.21 3.43
CA LEU F 82 17.59 26.40 3.12
C LEU F 82 17.29 27.15 4.40
N ILE F 83 17.66 28.43 4.44
CA ILE F 83 17.30 29.32 5.54
C ILE F 83 16.64 30.55 4.93
N SER F 84 15.33 30.66 5.09
CA SER F 84 14.58 31.83 4.66
C SER F 84 14.38 32.77 5.84
N GLY F 85 13.84 33.96 5.55
CA GLY F 85 13.74 34.99 6.56
C GLY F 85 15.10 35.31 7.17
N LEU F 86 16.12 35.46 6.33
CA LEU F 86 17.51 35.47 6.79
C LEU F 86 17.80 36.67 7.70
N GLN F 87 17.98 36.41 8.96
CA GLN F 87 18.33 37.35 10.01
C GLN F 87 19.82 37.28 10.31
N PRO F 88 20.44 38.40 10.68
CA PRO F 88 21.87 38.38 11.01
C PRO F 88 22.28 37.42 12.13
N GLU F 89 21.33 36.96 12.95
CA GLU F 89 21.66 35.95 13.96
C GLU F 89 21.98 34.59 13.34
N ASP F 90 21.81 34.44 12.03
CA ASP F 90 22.12 33.20 11.34
C ASP F 90 23.54 33.15 10.81
N GLU F 91 24.41 34.08 11.23
CA GLU F 91 25.80 34.08 10.82
C GLU F 91 26.57 33.04 11.64
N ALA F 92 27.08 32.02 10.97
CA ALA F 92 27.80 30.93 11.63
C ALA F 92 28.46 30.09 10.56
N ASP F 93 29.06 28.98 10.97
CA ASP F 93 29.52 27.93 10.06
C ASP F 93 28.50 26.79 10.08
N TYR F 94 28.18 26.29 8.89
CA TYR F 94 27.25 25.18 8.73
C TYR F 94 27.98 24.01 8.10
N TYR F 95 27.96 22.86 8.76
CA TYR F 95 28.65 21.66 8.32
C TYR F 95 27.63 20.59 7.96
N CYS F 96 27.75 20.02 6.75
CA CYS F 96 26.96 18.86 6.37
C CYS F 96 27.72 17.59 6.71
N GLN F 97 26.99 16.60 7.20
CA GLN F 97 27.60 15.36 7.65
C GLN F 97 26.70 14.19 7.26
N VAL F 98 27.31 13.12 6.76
CA VAL F 98 26.60 11.87 6.52
C VAL F 98 27.40 10.73 7.14
N TYR F 99 26.73 9.59 7.29
CA TYR F 99 27.37 8.36 7.76
C TYR F 99 27.59 7.42 6.59
N ASP F 100 28.66 6.63 6.68
CA ASP F 100 28.88 5.54 5.76
C ASP F 100 29.41 4.35 6.54
N SER F 101 29.16 3.15 6.03
CA SER F 101 29.59 1.93 6.71
C SER F 101 31.11 1.78 6.70
N SER F 102 31.81 2.43 5.77
CA SER F 102 33.24 2.27 5.60
C SER F 102 34.07 3.43 6.15
N ALA F 103 33.79 4.67 5.70
CA ALA F 103 34.52 5.84 6.20
C ALA F 103 34.01 6.30 7.56
N ASN F 104 32.81 5.86 7.92
CA ASN F 104 32.19 5.90 9.25
C ASN F 104 31.66 7.23 9.76
N TRP F 105 32.17 8.37 9.30
CA TRP F 105 31.54 9.68 9.51
C TRP F 105 32.29 10.72 8.67
N VAL F 106 31.63 11.32 7.69
CA VAL F 106 32.25 12.29 6.80
C VAL F 106 31.61 13.65 7.03
N PHE F 107 32.43 14.63 7.36
CA PHE F 107 32.01 16.00 7.53
C PHE F 107 32.39 16.82 6.30
N GLY F 108 31.53 17.77 5.94
CA GLY F 108 31.87 18.74 4.93
C GLY F 108 32.98 19.67 5.39
N GLY F 109 33.42 20.52 4.47
CA GLY F 109 34.40 21.53 4.84
C GLY F 109 33.82 22.67 5.67
N GLY F 110 32.51 22.83 5.66
CA GLY F 110 31.89 23.92 6.38
C GLY F 110 31.74 25.15 5.52
N THR F 111 30.57 25.79 5.58
CA THR F 111 30.29 27.01 4.86
C THR F 111 30.02 28.12 5.88
N ARG F 112 30.79 29.19 5.79
CA ARG F 112 30.64 30.35 6.68
C ARG F 112 29.61 31.29 6.06
N LEU F 113 28.46 31.42 6.73
CA LEU F 113 27.38 32.23 6.20
C LEU F 113 27.64 33.71 6.49
N THR F 114 27.43 34.55 5.48
CA THR F 114 27.56 35.99 5.60
C THR F 114 26.23 36.62 5.22
N VAL F 115 25.57 37.25 6.18
CA VAL F 115 24.31 37.93 5.94
C VAL F 115 24.62 39.38 5.58
N LEU F 116 24.43 39.72 4.30
CA LEU F 116 24.73 41.05 3.81
C LEU F 116 23.79 42.08 4.43
N GLY F 117 24.03 43.35 4.11
CA GLY F 117 23.19 44.42 4.57
C GLY F 117 23.42 44.87 6.00
N GLN F 118 24.51 44.43 6.63
CA GLN F 118 24.76 44.89 7.99
C GLN F 118 25.44 46.26 7.96
N PRO F 119 25.07 47.17 8.87
CA PRO F 119 25.64 48.52 8.83
C PRO F 119 27.10 48.55 9.25
N LYS F 120 27.87 49.38 8.57
CA LYS F 120 29.29 49.51 8.89
C LYS F 120 29.46 50.22 10.23
N ALA F 121 30.40 49.74 11.03
CA ALA F 121 30.70 50.36 12.32
C ALA F 121 32.19 50.58 12.44
N ALA F 122 32.57 51.78 12.84
CA ALA F 122 33.97 52.12 13.02
C ALA F 122 34.47 51.61 14.36
N PRO F 123 35.75 51.25 14.45
CA PRO F 123 36.28 50.71 15.71
C PRO F 123 36.38 51.76 16.80
N SER F 124 36.24 51.30 18.04
CA SER F 124 36.64 52.07 19.21
C SER F 124 37.99 51.56 19.68
N VAL F 125 38.89 52.49 20.00
CA VAL F 125 40.29 52.15 20.24
C VAL F 125 40.71 52.73 21.59
N THR F 126 41.42 51.93 22.38
CA THR F 126 41.93 52.35 23.68
C THR F 126 43.42 52.00 23.74
N LEU F 127 44.25 53.01 23.94
CA LEU F 127 45.69 52.82 24.04
C LEU F 127 46.10 52.86 25.51
N PHE F 128 46.84 51.83 25.94
CA PHE F 128 47.24 51.70 27.33
C PHE F 128 48.74 51.86 27.48
N PRO F 129 49.18 52.73 28.39
CA PRO F 129 50.60 52.82 28.71
C PRO F 129 51.04 51.63 29.53
N PRO F 130 52.34 51.39 29.67
CA PRO F 130 52.79 50.26 30.48
C PRO F 130 52.57 50.53 31.97
N SER F 131 52.38 49.44 32.71
CA SER F 131 52.17 49.55 34.14
C SER F 131 53.48 49.92 34.86
N SER F 132 53.38 50.17 36.16
CA SER F 132 54.56 50.49 36.95
C SER F 132 55.32 49.23 37.34
N GLU F 133 54.61 48.20 37.80
CA GLU F 133 55.23 46.93 38.16
C GLU F 133 55.91 46.27 36.97
N GLU F 134 55.48 46.61 35.75
CA GLU F 134 56.19 46.15 34.55
C GLU F 134 57.44 46.98 34.30
N LEU F 135 57.37 48.29 34.57
CA LEU F 135 58.53 49.15 34.39
C LEU F 135 59.60 48.86 35.42
N GLN F 136 59.20 48.54 36.66
CA GLN F 136 60.19 48.16 37.67
C GLN F 136 60.94 46.90 37.26
N ALA F 137 60.33 46.06 36.43
CA ALA F 137 60.97 44.91 35.82
C ALA F 137 61.68 45.25 34.52
N ASN F 138 61.83 46.53 34.22
CA ASN F 138 62.58 47.00 33.05
C ASN F 138 61.99 46.47 31.74
N LYS F 139 60.67 46.39 31.67
CA LYS F 139 59.94 46.09 30.45
C LYS F 139 58.77 47.05 30.31
N ALA F 140 58.31 47.25 29.08
CA ALA F 140 57.22 48.20 28.83
C ALA F 140 56.53 47.83 27.52
N THR F 141 55.31 47.32 27.61
CA THR F 141 54.53 46.93 26.45
C THR F 141 53.30 47.82 26.33
N LEU F 142 52.96 48.19 25.11
CA LEU F 142 51.86 49.09 24.81
C LEU F 142 50.69 48.28 24.25
N VAL F 143 49.52 48.41 24.88
CA VAL F 143 48.34 47.64 24.50
C VAL F 143 47.40 48.55 23.73
N CYS F 144 46.94 48.08 22.57
CA CYS F 144 46.00 48.80 21.73
C CYS F 144 44.83 47.87 21.44
N LEU F 145 43.65 48.20 21.95
CA LEU F 145 42.51 47.28 21.94
C LEU F 145 41.43 47.82 21.02
N ILE F 146 41.22 47.13 19.89
CA ILE F 146 40.25 47.52 18.87
C ILE F 146 39.01 46.65 19.02
N SER F 147 37.84 47.28 19.08
CA SER F 147 36.61 46.55 19.34
C SER F 147 35.43 47.21 18.64
N ASP F 148 34.42 46.40 18.33
CA ASP F 148 33.14 46.84 17.77
C ASP F 148 33.32 47.56 16.43
N PHE F 149 33.81 46.82 15.43
CA PHE F 149 33.92 47.36 14.09
C PHE F 149 33.49 46.33 13.07
N TYR F 150 32.83 46.80 12.00
CA TYR F 150 32.31 45.98 10.91
C TYR F 150 32.49 46.76 9.61
N PRO F 151 32.99 46.11 8.54
CA PRO F 151 33.37 44.71 8.43
C PRO F 151 34.66 44.36 9.15
N GLY F 152 35.08 43.10 9.04
CA GLY F 152 36.18 42.59 9.84
C GLY F 152 37.56 42.70 9.22
N ALA F 153 38.11 43.91 9.18
CA ALA F 153 39.47 44.08 8.66
C ALA F 153 40.01 45.42 9.14
N VAL F 154 41.15 45.40 9.83
CA VAL F 154 41.85 46.61 10.25
C VAL F 154 43.32 46.47 9.90
N GLU F 155 44.00 47.62 9.91
CA GLU F 155 45.45 47.69 9.79
C GLU F 155 45.96 48.65 10.86
N VAL F 156 46.72 48.12 11.81
CA VAL F 156 47.24 48.90 12.92
C VAL F 156 48.66 49.36 12.58
N ALA F 157 49.00 50.57 12.99
CA ALA F 157 50.33 51.14 12.75
C ALA F 157 50.78 51.87 14.01
N TRP F 158 52.01 51.63 14.42
CA TRP F 158 52.57 52.25 15.61
C TRP F 158 53.51 53.38 15.23
N LYS F 159 53.45 54.46 16.02
CA LYS F 159 54.26 55.65 15.77
C LYS F 159 54.97 56.07 17.04
N ALA F 160 56.20 56.57 16.88
CA ALA F 160 56.98 57.11 17.99
C ALA F 160 57.59 58.42 17.52
N ASP F 161 57.11 59.54 18.07
CA ASP F 161 57.55 60.87 17.66
C ASP F 161 57.36 61.08 16.16
N GLY F 162 56.22 60.62 15.64
CA GLY F 162 55.90 60.75 14.24
C GLY F 162 56.49 59.70 13.33
N SER F 163 57.58 59.05 13.72
CA SER F 163 58.25 58.08 12.87
C SER F 163 57.65 56.69 13.06
N ALA F 164 57.55 55.95 11.96
CA ALA F 164 56.92 54.64 11.99
C ALA F 164 57.76 53.65 12.79
N VAL F 165 57.11 52.89 13.67
CA VAL F 165 57.75 51.88 14.49
C VAL F 165 57.51 50.51 13.84
N ASN F 166 58.59 49.82 13.49
CA ASN F 166 58.51 48.56 12.76
C ASN F 166 58.89 47.35 13.58
N ALA F 167 59.54 47.53 14.74
CA ALA F 167 60.09 46.45 15.53
C ALA F 167 59.26 46.20 16.78
N GLY F 168 59.29 44.96 17.24
CA GLY F 168 58.63 44.59 18.49
C GLY F 168 57.13 44.78 18.52
N VAL F 169 56.48 44.80 17.36
CA VAL F 169 55.04 45.02 17.25
C VAL F 169 54.39 43.73 16.77
N GLU F 170 53.49 43.19 17.57
CA GLU F 170 52.67 42.04 17.22
C GLU F 170 51.22 42.45 17.12
N THR F 171 50.53 41.98 16.09
CA THR F 171 49.12 42.31 15.89
C THR F 171 48.36 41.05 15.48
N THR F 172 47.10 40.99 15.88
CA THR F 172 46.30 39.79 15.70
C THR F 172 45.48 39.87 14.42
N LYS F 173 44.58 38.91 14.25
CA LYS F 173 43.58 38.90 13.20
C LYS F 173 42.21 39.17 13.80
N PRO F 174 41.27 39.68 13.01
CA PRO F 174 39.93 39.94 13.55
C PRO F 174 39.27 38.67 14.06
N SER F 175 38.26 38.86 14.91
CA SER F 175 37.55 37.74 15.53
C SER F 175 36.14 38.21 15.88
N LYS F 176 35.14 37.46 15.41
CA LYS F 176 33.76 37.90 15.55
C LYS F 176 33.35 37.99 17.01
N GLN F 177 32.77 39.12 17.39
CA GLN F 177 32.18 39.27 18.70
C GLN F 177 30.80 38.62 18.74
N SER F 178 30.28 38.47 19.95
CA SER F 178 28.94 37.90 20.11
C SER F 178 27.85 38.80 19.54
N ASN F 179 28.17 40.04 19.17
CA ASN F 179 27.22 40.98 18.60
C ASN F 179 27.52 41.28 17.13
N ASN F 180 28.07 40.30 16.42
CA ASN F 180 28.25 40.32 14.96
C ASN F 180 29.34 41.28 14.48
N LYS F 181 29.90 42.08 15.37
CA LYS F 181 31.01 42.94 15.01
C LYS F 181 32.31 42.18 15.25
N TYR F 182 33.44 42.87 15.12
CA TYR F 182 34.75 42.24 15.23
C TYR F 182 35.62 43.01 16.21
N ALA F 183 36.61 42.31 16.75
CA ALA F 183 37.54 42.89 17.72
C ALA F 183 38.95 42.43 17.38
N ALA F 184 39.92 43.28 17.72
CA ALA F 184 41.33 42.94 17.52
C ALA F 184 42.16 43.69 18.55
N SER F 185 43.45 43.38 18.58
CA SER F 185 44.34 44.04 19.51
C SER F 185 45.75 44.06 18.93
N SER F 186 46.58 44.94 19.48
CA SER F 186 47.95 45.09 18.99
C SER F 186 48.85 45.48 20.15
N TYR F 187 50.08 44.97 20.13
CA TYR F 187 51.00 45.10 21.25
C TYR F 187 52.35 45.59 20.76
N LEU F 188 52.93 46.53 21.52
CA LEU F 188 54.25 47.09 21.21
C LEU F 188 55.16 46.83 22.40
N SER F 189 56.04 45.83 22.26
CA SER F 189 56.93 45.41 23.34
C SER F 189 58.22 46.22 23.26
N LEU F 190 58.48 47.03 24.28
CA LEU F 190 59.68 47.84 24.37
C LEU F 190 60.37 47.61 25.71
N THR F 191 61.67 47.80 25.73
CA THR F 191 62.40 47.85 26.99
C THR F 191 62.10 49.17 27.69
N SER F 192 62.41 49.21 29.00
CA SER F 192 62.09 50.41 29.77
C SER F 192 62.87 51.63 29.32
N ASP F 193 64.04 51.42 28.69
CA ASP F 193 64.84 52.53 28.19
C ASP F 193 64.44 52.98 26.78
N GLN F 194 63.80 52.10 26.00
CA GLN F 194 63.18 52.57 24.76
C GLN F 194 61.96 53.43 25.06
N TRP F 195 61.17 53.03 26.04
CA TRP F 195 60.24 53.94 26.70
C TRP F 195 61.05 54.99 27.48
N LYS F 196 60.37 56.05 27.92
CA LYS F 196 60.99 57.14 28.67
C LYS F 196 61.98 57.92 27.81
N SER F 197 62.14 57.54 26.54
CA SER F 197 63.03 58.22 25.61
C SER F 197 62.28 59.22 24.73
N HIS F 198 61.18 58.78 24.12
CA HIS F 198 60.38 59.63 23.25
C HIS F 198 59.38 60.45 24.07
N LYS F 199 58.79 61.45 23.40
CA LYS F 199 57.72 62.21 24.04
C LYS F 199 56.44 61.38 24.12
N SER F 200 56.10 60.69 23.03
CA SER F 200 54.83 59.98 22.99
C SER F 200 54.90 58.86 21.96
N TYR F 201 54.09 57.83 22.21
CA TYR F 201 53.84 56.76 21.25
C TYR F 201 52.34 56.78 20.92
N SER F 202 52.00 56.36 19.71
CA SER F 202 50.60 56.40 19.29
C SER F 202 50.21 55.15 18.53
N CYS F 203 49.07 54.59 18.90
CA CYS F 203 48.42 53.55 18.11
C CYS F 203 47.55 54.20 17.05
N GLN F 204 47.56 53.62 15.84
CA GLN F 204 47.00 54.27 14.65
C GLN F 204 46.21 53.24 13.85
N VAL F 205 44.91 53.15 14.11
CA VAL F 205 44.07 52.09 13.56
C VAL F 205 43.37 52.58 12.31
N THR F 206 43.33 51.74 11.28
CA THR F 206 42.71 52.06 10.01
C THR F 206 41.64 51.03 9.68
N HIS F 207 40.48 51.50 9.26
CA HIS F 207 39.37 50.62 8.91
C HIS F 207 38.58 51.25 7.76
N GLU F 208 38.51 50.54 6.63
CA GLU F 208 37.80 51.01 5.43
C GLU F 208 38.31 52.38 5.01
N GLY F 209 39.62 52.58 5.12
CA GLY F 209 40.27 53.81 4.70
C GLY F 209 40.51 54.85 5.77
N SER F 210 39.57 55.01 6.69
CA SER F 210 39.68 56.02 7.73
C SER F 210 40.62 55.58 8.83
N THR F 211 41.06 56.55 9.64
CA THR F 211 42.12 56.32 10.62
C THR F 211 41.86 57.08 11.90
N VAL F 212 42.07 56.42 13.03
CA VAL F 212 42.14 57.07 14.33
C VAL F 212 43.57 57.02 14.83
N GLU F 213 43.88 57.89 15.78
CA GLU F 213 45.16 57.87 16.46
C GLU F 213 44.94 58.18 17.93
N LYS F 214 45.26 57.20 18.78
CA LYS F 214 45.30 57.39 20.22
C LYS F 214 46.76 57.38 20.65
N THR F 215 47.10 58.24 21.61
CA THR F 215 48.49 58.45 22.01
C THR F 215 48.65 58.31 23.51
N VAL F 216 49.85 57.91 23.92
CA VAL F 216 50.24 57.85 25.32
C VAL F 216 51.63 58.47 25.46
N ALA F 217 52.02 58.74 26.70
CA ALA F 217 53.28 59.42 26.96
C ALA F 217 53.84 58.96 28.30
N PRO F 218 55.17 59.00 28.50
CA PRO F 218 55.78 58.72 29.80
C PRO F 218 55.38 59.74 30.87
S SO4 G . -38.57 -31.09 -24.42
O1 SO4 G . -39.00 -30.86 -23.05
O2 SO4 G . -39.66 -30.77 -25.34
O3 SO4 G . -37.42 -30.24 -24.72
O4 SO4 G . -38.20 -32.49 -24.58
S SO4 H . 27.67 -3.70 22.98
O1 SO4 H . 27.78 -4.41 24.26
O2 SO4 H . 26.39 -3.01 22.93
O3 SO4 H . 28.76 -2.74 22.87
O4 SO4 H . 27.75 -4.65 21.88
#